data_5Y4B
#
_entry.id   5Y4B
#
_entity_poly.entity_id   1
_entity_poly.type   'polypeptide(L)'
_entity_poly.pdbx_seq_one_letter_code
;MPVTEQGLRERIESAIPQVYHIIVTDLSYGCGQSFDIVVVSDFFQGKSKLMRSRAVNKAVKEELQEIHAFSCKCYTEEEW
SKIVVLEHHHHHH
;
_entity_poly.pdbx_strand_id   A
#
# COMPACT_ATOMS: atom_id res chain seq x y z
N MET A 1 3.96 -4.84 -18.08
CA MET A 1 3.29 -4.56 -19.38
C MET A 1 1.86 -4.12 -19.12
N PRO A 2 1.03 -5.01 -18.65
CA PRO A 2 -0.40 -4.71 -18.34
C PRO A 2 -0.56 -3.69 -17.21
N VAL A 3 0.46 -3.61 -16.36
CA VAL A 3 0.43 -2.68 -15.24
C VAL A 3 1.80 -2.05 -15.04
N THR A 4 1.80 -0.75 -14.74
CA THR A 4 3.06 -0.03 -14.53
C THR A 4 3.21 0.31 -13.05
N GLU A 5 4.39 0.05 -12.51
CA GLU A 5 4.64 0.31 -11.10
C GLU A 5 4.44 1.80 -10.80
N GLN A 6 4.98 2.65 -11.67
CA GLN A 6 4.84 4.10 -11.48
C GLN A 6 3.37 4.51 -11.61
N GLY A 7 2.70 3.93 -12.59
CA GLY A 7 1.29 4.20 -12.83
C GLY A 7 0.43 3.65 -11.70
N LEU A 8 0.92 2.59 -11.09
CA LEU A 8 0.19 1.92 -10.01
C LEU A 8 -0.08 2.89 -8.88
N ARG A 9 0.90 3.72 -8.56
CA ARG A 9 0.74 4.70 -7.49
C ARG A 9 -0.44 5.63 -7.79
N GLU A 10 -0.52 6.07 -9.04
CA GLU A 10 -1.61 6.95 -9.45
C GLU A 10 -2.95 6.23 -9.36
N ARG A 11 -2.96 4.96 -9.76
CA ARG A 11 -4.17 4.17 -9.74
C ARG A 11 -4.63 3.97 -8.30
N ILE A 12 -3.67 3.69 -7.43
CA ILE A 12 -3.98 3.48 -6.03
C ILE A 12 -4.56 4.75 -5.42
N GLU A 13 -3.93 5.87 -5.76
CA GLU A 13 -4.37 7.17 -5.25
C GLU A 13 -5.79 7.43 -5.72
N SER A 14 -6.07 7.07 -6.97
CA SER A 14 -7.40 7.26 -7.52
C SER A 14 -8.30 6.09 -7.14
N ALA A 15 -7.70 5.03 -6.59
CA ALA A 15 -8.48 3.86 -6.20
C ALA A 15 -8.88 3.97 -4.73
N ILE A 16 -8.30 4.93 -4.03
CA ILE A 16 -8.60 5.12 -2.62
C ILE A 16 -8.50 6.60 -2.27
N PRO A 17 -9.12 7.00 -1.19
CA PRO A 17 -9.09 8.42 -0.73
C PRO A 17 -7.67 8.89 -0.44
N GLN A 18 -7.37 10.12 -0.87
CA GLN A 18 -6.06 10.69 -0.67
C GLN A 18 -5.53 10.33 0.72
N VAL A 19 -4.89 9.18 0.80
CA VAL A 19 -4.34 8.72 2.07
C VAL A 19 -3.16 9.58 2.47
N TYR A 20 -2.56 9.24 3.61
CA TYR A 20 -1.43 10.00 4.12
C TYR A 20 -0.26 9.92 3.15
N HIS A 21 0.01 8.74 2.63
CA HIS A 21 1.10 8.54 1.69
C HIS A 21 0.94 7.24 0.91
N ILE A 22 1.22 7.29 -0.38
CA ILE A 22 1.13 6.11 -1.22
C ILE A 22 2.46 5.81 -1.89
N ILE A 23 2.96 4.59 -1.71
CA ILE A 23 4.23 4.20 -2.30
C ILE A 23 4.10 2.86 -3.01
N VAL A 24 4.57 2.81 -4.26
CA VAL A 24 4.49 1.57 -5.03
C VAL A 24 5.89 1.08 -5.38
N THR A 25 6.22 -0.13 -4.95
CA THR A 25 7.53 -0.72 -5.24
C THR A 25 7.39 -2.13 -5.79
N ASP A 26 8.09 -2.40 -6.89
CA ASP A 26 8.02 -3.73 -7.51
C ASP A 26 9.10 -4.63 -6.92
N LEU A 27 8.67 -5.65 -6.16
CA LEU A 27 9.62 -6.57 -5.55
C LEU A 27 10.42 -7.31 -6.61
N SER A 28 9.75 -7.76 -7.66
CA SER A 28 10.42 -8.48 -8.74
C SER A 28 11.27 -7.52 -9.57
N TYR A 29 12.22 -8.07 -10.32
CA TYR A 29 13.09 -7.24 -11.16
C TYR A 29 12.30 -6.62 -12.29
N GLY A 30 12.44 -5.31 -12.45
CA GLY A 30 11.72 -4.60 -13.51
C GLY A 30 10.23 -4.83 -13.40
N CYS A 31 9.60 -5.14 -14.52
CA CYS A 31 8.16 -5.39 -14.54
C CYS A 31 7.87 -6.84 -14.16
N GLY A 32 6.67 -7.09 -13.65
CA GLY A 32 6.27 -8.44 -13.26
C GLY A 32 4.90 -8.44 -12.60
N GLN A 33 4.35 -9.64 -12.40
CA GLN A 33 3.04 -9.75 -11.77
C GLN A 33 3.12 -9.41 -10.28
N SER A 34 4.25 -9.74 -9.66
CA SER A 34 4.44 -9.47 -8.24
C SER A 34 4.60 -7.98 -8.00
N PHE A 35 3.90 -7.46 -6.99
CA PHE A 35 3.97 -6.05 -6.65
C PHE A 35 4.01 -5.85 -5.13
N ASP A 36 4.67 -4.79 -4.69
CA ASP A 36 4.76 -4.49 -3.27
C ASP A 36 4.61 -3.00 -3.03
N ILE A 37 3.47 -2.60 -2.48
CA ILE A 37 3.21 -1.18 -2.21
C ILE A 37 2.84 -0.98 -0.74
N VAL A 38 3.13 0.21 -0.24
CA VAL A 38 2.83 0.54 1.15
C VAL A 38 2.03 1.84 1.24
N VAL A 39 0.93 1.80 1.99
CA VAL A 39 0.09 2.97 2.15
C VAL A 39 -0.37 3.12 3.60
N VAL A 40 -0.43 4.36 4.09
CA VAL A 40 -0.86 4.61 5.45
C VAL A 40 -2.13 5.44 5.47
N SER A 41 -3.14 4.96 6.18
CA SER A 41 -4.41 5.67 6.26
C SER A 41 -5.19 5.24 7.50
N ASP A 42 -6.23 5.99 7.83
CA ASP A 42 -7.05 5.68 8.99
C ASP A 42 -7.94 4.47 8.71
N PHE A 43 -7.92 4.03 7.45
CA PHE A 43 -8.72 2.89 7.04
C PHE A 43 -8.38 1.67 7.90
N PHE A 44 -7.16 1.64 8.41
CA PHE A 44 -6.71 0.52 9.24
C PHE A 44 -7.13 0.74 10.69
N GLN A 45 -7.83 1.85 10.95
CA GLN A 45 -8.28 2.16 12.30
C GLN A 45 -9.54 1.37 12.63
N GLY A 46 -9.45 0.52 13.65
CA GLY A 46 -10.59 -0.27 14.08
C GLY A 46 -10.75 -1.51 13.19
N LYS A 47 -9.83 -1.68 12.26
CA LYS A 47 -9.87 -2.83 11.35
C LYS A 47 -8.51 -3.52 11.27
N SER A 48 -8.52 -4.82 11.06
CA SER A 48 -7.28 -5.59 10.95
C SER A 48 -6.69 -5.45 9.55
N LYS A 49 -5.43 -5.82 9.43
CA LYS A 49 -4.73 -5.74 8.14
C LYS A 49 -5.44 -6.62 7.10
N LEU A 50 -5.85 -7.81 7.52
CA LEU A 50 -6.53 -8.73 6.63
C LEU A 50 -7.83 -8.13 6.12
N MET A 51 -8.54 -7.44 7.00
CA MET A 51 -9.80 -6.81 6.63
C MET A 51 -9.57 -5.75 5.57
N ARG A 52 -8.46 -5.01 5.69
CA ARG A 52 -8.13 -3.97 4.74
C ARG A 52 -7.96 -4.54 3.33
N SER A 53 -7.40 -5.74 3.26
CA SER A 53 -7.18 -6.38 1.97
C SER A 53 -8.51 -6.56 1.24
N ARG A 54 -9.53 -7.00 1.96
CA ARG A 54 -10.84 -7.18 1.35
C ARG A 54 -11.37 -5.86 0.82
N ALA A 55 -11.25 -4.81 1.63
CA ALA A 55 -11.71 -3.48 1.23
C ALA A 55 -10.93 -2.98 0.02
N VAL A 56 -9.62 -3.25 0.04
CA VAL A 56 -8.76 -2.83 -1.06
C VAL A 56 -9.15 -3.50 -2.36
N ASN A 57 -9.45 -4.80 -2.28
CA ASN A 57 -9.85 -5.54 -3.47
C ASN A 57 -11.09 -4.92 -4.08
N LYS A 58 -12.06 -4.59 -3.23
CA LYS A 58 -13.29 -3.97 -3.71
C LYS A 58 -12.99 -2.59 -4.29
N ALA A 59 -12.15 -1.83 -3.60
CA ALA A 59 -11.78 -0.50 -4.06
C ALA A 59 -10.99 -0.58 -5.37
N VAL A 60 -10.09 -1.55 -5.44
CA VAL A 60 -9.27 -1.73 -6.63
C VAL A 60 -9.41 -3.15 -7.16
N LYS A 61 -10.65 -3.56 -7.41
CA LYS A 61 -10.92 -4.90 -7.92
C LYS A 61 -10.28 -5.09 -9.29
N GLU A 62 -10.40 -4.07 -10.13
CA GLU A 62 -9.83 -4.14 -11.48
C GLU A 62 -8.33 -4.32 -11.42
N GLU A 63 -7.71 -3.75 -10.39
CA GLU A 63 -6.26 -3.86 -10.22
C GLU A 63 -5.87 -5.32 -9.99
N LEU A 64 -6.66 -6.01 -9.18
CA LEU A 64 -6.39 -7.41 -8.88
C LEU A 64 -6.48 -8.26 -10.15
N GLN A 65 -7.47 -7.96 -10.99
CA GLN A 65 -7.66 -8.71 -12.23
C GLN A 65 -6.45 -8.55 -13.13
N GLU A 66 -5.93 -7.33 -13.18
CA GLU A 66 -4.75 -7.04 -14.00
C GLU A 66 -3.51 -7.63 -13.34
N ILE A 67 -3.52 -7.73 -12.01
CA ILE A 67 -2.38 -8.25 -11.28
C ILE A 67 -2.65 -9.67 -10.78
N HIS A 68 -1.80 -10.61 -11.17
CA HIS A 68 -1.98 -12.00 -10.75
C HIS A 68 -1.79 -12.13 -9.25
N ALA A 69 -0.80 -11.40 -8.72
CA ALA A 69 -0.54 -11.43 -7.29
C ALA A 69 0.24 -10.17 -6.89
N PHE A 70 -0.32 -9.45 -5.93
CA PHE A 70 0.31 -8.21 -5.47
C PHE A 70 0.06 -8.03 -3.97
N SER A 71 0.89 -7.20 -3.33
CA SER A 71 0.73 -6.95 -1.90
C SER A 71 0.51 -5.47 -1.66
N CYS A 72 -0.24 -5.16 -0.60
CA CYS A 72 -0.53 -3.77 -0.27
C CYS A 72 -0.39 -3.54 1.22
N LYS A 73 0.84 -3.37 1.68
CA LYS A 73 1.09 -3.15 3.10
C LYS A 73 0.46 -1.84 3.54
N CYS A 74 -0.24 -1.87 4.67
CA CYS A 74 -0.90 -0.69 5.20
C CYS A 74 -0.72 -0.59 6.71
N TYR A 75 -0.32 0.58 7.18
CA TYR A 75 -0.13 0.80 8.62
C TYR A 75 -0.51 2.22 9.00
N THR A 76 -0.77 2.44 10.28
CA THR A 76 -1.13 3.76 10.76
C THR A 76 -0.50 4.02 12.12
N GLU A 77 0.75 3.59 12.28
CA GLU A 77 1.46 3.77 13.54
C GLU A 77 0.89 2.85 14.61
N GLU A 78 -0.25 2.26 14.32
CA GLU A 78 -0.88 1.36 15.28
C GLU A 78 -0.01 0.14 15.55
N GLU A 79 0.58 -0.42 14.49
CA GLU A 79 1.44 -1.58 14.63
C GLU A 79 2.63 -1.23 15.49
N TRP A 80 3.14 -0.02 15.28
CA TRP A 80 4.29 0.46 16.04
C TRP A 80 3.94 0.60 17.51
N SER A 81 2.74 1.12 17.78
CA SER A 81 2.28 1.32 19.15
C SER A 81 3.00 2.51 19.78
N LYS A 82 2.48 2.98 20.91
CA LYS A 82 3.07 4.12 21.59
C LYS A 82 4.50 3.82 22.01
N ILE A 83 4.70 2.64 22.58
CA ILE A 83 6.04 2.22 23.02
C ILE A 83 7.02 3.37 22.97
N VAL A 84 8.14 3.19 22.27
CA VAL A 84 9.14 4.24 22.14
C VAL A 84 9.50 4.44 20.66
N VAL A 85 8.81 5.38 20.01
CA VAL A 85 9.06 5.66 18.61
C VAL A 85 10.33 6.48 18.43
N LEU A 86 10.64 7.28 19.45
CA LEU A 86 11.82 8.13 19.41
C LEU A 86 11.91 8.88 18.08
N GLU A 87 10.75 9.08 17.44
CA GLU A 87 10.69 9.78 16.17
C GLU A 87 11.58 9.09 15.13
N HIS A 88 12.89 9.23 15.28
CA HIS A 88 13.83 8.61 14.35
C HIS A 88 13.31 8.71 12.92
N HIS A 89 12.65 9.82 12.61
CA HIS A 89 12.11 10.04 11.28
C HIS A 89 13.25 10.27 10.28
N HIS A 90 13.14 9.63 9.12
CA HIS A 90 14.16 9.76 8.09
C HIS A 90 15.56 9.72 8.70
N HIS A 91 16.55 10.17 7.94
CA HIS A 91 17.92 10.17 8.43
C HIS A 91 18.74 11.25 7.72
N HIS A 92 19.87 11.61 8.31
CA HIS A 92 20.74 12.63 7.73
C HIS A 92 21.62 12.03 6.64
N HIS A 93 22.20 12.90 5.81
CA HIS A 93 23.06 12.44 4.73
C HIS A 93 24.50 12.30 5.21
N MET A 1 -6.47 -14.04 -17.79
CA MET A 1 -6.85 -12.62 -18.03
C MET A 1 -5.61 -11.73 -17.94
N PRO A 2 -5.18 -11.18 -19.04
CA PRO A 2 -3.98 -10.29 -19.09
C PRO A 2 -4.15 -9.04 -18.21
N VAL A 3 -3.05 -8.59 -17.62
CA VAL A 3 -3.09 -7.41 -16.76
C VAL A 3 -1.88 -6.52 -17.02
N THR A 4 -2.06 -5.22 -16.85
CA THR A 4 -0.98 -4.26 -17.07
C THR A 4 -0.82 -3.36 -15.86
N GLU A 5 0.37 -2.80 -15.70
CA GLU A 5 0.66 -1.91 -14.58
C GLU A 5 -0.20 -0.65 -14.66
N GLN A 6 -0.36 -0.13 -15.88
CA GLN A 6 -1.17 1.07 -16.08
C GLN A 6 -2.61 0.84 -15.65
N GLY A 7 -3.13 -0.35 -15.93
CA GLY A 7 -4.50 -0.70 -15.58
C GLY A 7 -4.69 -0.63 -14.07
N LEU A 8 -3.65 -0.99 -13.34
CA LEU A 8 -3.70 -0.96 -11.87
C LEU A 8 -3.97 0.44 -11.37
N ARG A 9 -3.37 1.43 -12.00
CA ARG A 9 -3.57 2.81 -11.60
C ARG A 9 -5.07 3.14 -11.61
N GLU A 10 -5.76 2.69 -12.64
CA GLU A 10 -7.19 2.95 -12.73
C GLU A 10 -7.94 2.24 -11.60
N ARG A 11 -7.55 1.00 -11.30
CA ARG A 11 -8.22 0.24 -10.24
C ARG A 11 -7.94 0.87 -8.89
N ILE A 12 -6.68 1.26 -8.68
CA ILE A 12 -6.28 1.87 -7.43
C ILE A 12 -6.93 3.24 -7.26
N GLU A 13 -6.94 4.01 -8.34
CA GLU A 13 -7.52 5.33 -8.32
C GLU A 13 -9.01 5.24 -7.98
N SER A 14 -9.67 4.24 -8.55
CA SER A 14 -11.08 4.03 -8.30
C SER A 14 -11.27 3.26 -7.01
N ALA A 15 -10.18 2.75 -6.45
CA ALA A 15 -10.26 1.98 -5.21
C ALA A 15 -10.06 2.89 -3.99
N ILE A 16 -9.66 4.14 -4.25
CA ILE A 16 -9.44 5.08 -3.17
C ILE A 16 -9.55 6.51 -3.69
N PRO A 17 -9.54 7.48 -2.80
CA PRO A 17 -9.66 8.92 -3.18
C PRO A 17 -8.58 9.35 -4.16
N GLN A 18 -8.97 10.19 -5.12
CA GLN A 18 -8.03 10.67 -6.13
C GLN A 18 -7.13 11.76 -5.56
N VAL A 19 -6.06 11.34 -4.91
CA VAL A 19 -5.11 12.28 -4.32
C VAL A 19 -3.70 11.96 -4.80
N TYR A 20 -2.75 11.88 -3.86
CA TYR A 20 -1.36 11.60 -4.20
C TYR A 20 -0.89 10.29 -3.56
N HIS A 21 -1.77 9.68 -2.78
CA HIS A 21 -1.44 8.44 -2.11
C HIS A 21 -1.44 7.28 -3.11
N ILE A 22 -1.30 7.60 -4.39
CA ILE A 22 -1.29 6.56 -5.40
C ILE A 22 0.06 6.52 -6.11
N ILE A 23 0.77 5.40 -5.98
CA ILE A 23 2.08 5.25 -6.61
C ILE A 23 2.23 3.86 -7.21
N VAL A 24 2.59 3.80 -8.49
CA VAL A 24 2.79 2.51 -9.15
C VAL A 24 4.24 2.36 -9.61
N THR A 25 4.92 1.36 -9.06
CA THR A 25 6.32 1.11 -9.42
C THR A 25 6.52 -0.37 -9.75
N ASP A 26 7.12 -0.65 -10.90
CA ASP A 26 7.37 -2.04 -11.29
C ASP A 26 8.76 -2.49 -10.83
N LEU A 27 8.79 -3.36 -9.83
CA LEU A 27 10.06 -3.85 -9.30
C LEU A 27 10.81 -4.64 -10.38
N SER A 28 10.07 -5.46 -11.12
CA SER A 28 10.67 -6.27 -12.17
C SER A 28 10.82 -5.46 -13.46
N TYR A 29 10.21 -4.28 -13.49
CA TYR A 29 10.29 -3.42 -14.66
C TYR A 29 9.93 -4.21 -15.92
N GLY A 30 8.87 -5.00 -15.83
CA GLY A 30 8.43 -5.79 -16.98
C GLY A 30 6.91 -6.00 -16.95
N CYS A 31 6.34 -6.31 -18.11
CA CYS A 31 4.91 -6.54 -18.21
C CYS A 31 4.55 -7.97 -17.81
N GLY A 32 3.58 -8.10 -16.91
CA GLY A 32 3.16 -9.42 -16.46
C GLY A 32 4.09 -9.95 -15.37
N GLN A 33 5.06 -9.14 -14.99
CA GLN A 33 6.02 -9.52 -13.96
C GLN A 33 5.57 -9.04 -12.58
N SER A 34 6.50 -8.96 -11.65
CA SER A 34 6.18 -8.51 -10.29
C SER A 34 5.72 -7.06 -10.31
N PHE A 35 4.91 -6.69 -9.32
CA PHE A 35 4.40 -5.33 -9.23
C PHE A 35 4.57 -4.79 -7.81
N ASP A 36 4.76 -3.48 -7.70
CA ASP A 36 4.93 -2.84 -6.40
C ASP A 36 4.34 -1.44 -6.40
N ILE A 37 3.32 -1.24 -5.57
CA ILE A 37 2.67 0.08 -5.49
C ILE A 37 2.71 0.60 -4.06
N VAL A 38 2.77 1.92 -3.93
CA VAL A 38 2.83 2.56 -2.63
C VAL A 38 1.75 3.62 -2.50
N VAL A 39 1.07 3.63 -1.36
CA VAL A 39 0.01 4.60 -1.12
C VAL A 39 0.33 5.47 0.10
N VAL A 40 0.18 6.78 -0.07
CA VAL A 40 0.44 7.72 1.01
C VAL A 40 -0.74 8.65 1.26
N SER A 41 -1.50 8.36 2.32
CA SER A 41 -2.67 9.17 2.67
C SER A 41 -2.98 9.08 4.16
N ASP A 42 -3.88 9.93 4.62
CA ASP A 42 -4.27 9.95 6.03
C ASP A 42 -5.10 8.71 6.36
N PHE A 43 -5.46 7.95 5.33
CA PHE A 43 -6.24 6.73 5.52
C PHE A 43 -5.53 5.78 6.48
N PHE A 44 -4.21 5.91 6.53
CA PHE A 44 -3.40 5.05 7.40
C PHE A 44 -3.34 5.63 8.82
N GLN A 45 -4.01 6.76 9.01
CA GLN A 45 -4.02 7.40 10.32
C GLN A 45 -5.03 6.71 11.25
N GLY A 46 -4.58 6.40 12.46
CA GLY A 46 -5.45 5.74 13.43
C GLY A 46 -5.74 4.30 13.02
N LYS A 47 -4.84 3.71 12.25
CA LYS A 47 -5.03 2.33 11.80
C LYS A 47 -3.70 1.59 11.70
N SER A 48 -3.72 0.33 12.10
CA SER A 48 -2.51 -0.49 12.06
C SER A 48 -2.11 -0.82 10.63
N LYS A 49 -0.86 -1.23 10.44
CA LYS A 49 -0.37 -1.56 9.11
C LYS A 49 -1.17 -2.71 8.51
N LEU A 50 -1.50 -3.70 9.34
CA LEU A 50 -2.27 -4.84 8.87
C LEU A 50 -3.65 -4.42 8.39
N MET A 51 -4.28 -3.51 9.13
CA MET A 51 -5.60 -3.01 8.78
C MET A 51 -5.56 -2.24 7.47
N ARG A 52 -4.49 -1.47 7.27
CA ARG A 52 -4.34 -0.66 6.06
C ARG A 52 -4.34 -1.56 4.82
N SER A 53 -3.63 -2.68 4.90
CA SER A 53 -3.57 -3.60 3.77
C SER A 53 -4.96 -4.12 3.42
N ARG A 54 -5.75 -4.43 4.43
CA ARG A 54 -7.10 -4.93 4.19
C ARG A 54 -7.94 -3.88 3.47
N ALA A 55 -7.86 -2.63 3.93
CA ALA A 55 -8.62 -1.56 3.31
C ALA A 55 -8.20 -1.33 1.87
N VAL A 56 -6.90 -1.37 1.63
CA VAL A 56 -6.36 -1.16 0.29
C VAL A 56 -6.66 -2.37 -0.59
N ASN A 57 -6.36 -3.55 -0.06
CA ASN A 57 -6.61 -4.79 -0.79
C ASN A 57 -8.10 -4.97 -1.02
N LYS A 58 -8.88 -4.62 0.00
CA LYS A 58 -10.33 -4.72 -0.09
C LYS A 58 -10.86 -3.87 -1.22
N ALA A 59 -10.33 -2.67 -1.36
CA ALA A 59 -10.75 -1.77 -2.42
C ALA A 59 -10.48 -2.37 -3.79
N VAL A 60 -9.34 -3.05 -3.92
CA VAL A 60 -8.97 -3.65 -5.20
C VAL A 60 -8.70 -5.15 -5.05
N LYS A 61 -9.64 -5.86 -4.44
CA LYS A 61 -9.50 -7.30 -4.27
C LYS A 61 -9.45 -8.02 -5.61
N GLU A 62 -10.25 -7.53 -6.55
CA GLU A 62 -10.31 -8.13 -7.87
C GLU A 62 -8.92 -8.10 -8.51
N GLU A 63 -8.16 -7.06 -8.22
CA GLU A 63 -6.82 -6.92 -8.78
C GLU A 63 -5.95 -8.12 -8.37
N LEU A 64 -6.04 -8.49 -7.10
CA LEU A 64 -5.27 -9.63 -6.59
C LEU A 64 -5.75 -10.93 -7.22
N GLN A 65 -7.01 -10.96 -7.64
CA GLN A 65 -7.57 -12.16 -8.24
C GLN A 65 -6.80 -12.54 -9.50
N GLU A 66 -6.42 -11.54 -10.29
CA GLU A 66 -5.67 -11.79 -11.51
C GLU A 66 -4.17 -11.88 -11.22
N ILE A 67 -3.73 -11.14 -10.19
CA ILE A 67 -2.34 -11.14 -9.81
C ILE A 67 -2.15 -11.40 -8.32
N HIS A 68 -1.06 -12.04 -7.96
CA HIS A 68 -0.78 -12.34 -6.56
C HIS A 68 0.72 -12.32 -6.29
N ALA A 69 1.49 -11.86 -7.27
CA ALA A 69 2.94 -11.80 -7.13
C ALA A 69 3.40 -10.35 -7.03
N PHE A 70 2.67 -9.54 -6.26
CA PHE A 70 3.01 -8.14 -6.09
C PHE A 70 2.71 -7.68 -4.67
N SER A 71 3.34 -6.59 -4.25
CA SER A 71 3.11 -6.06 -2.91
C SER A 71 2.72 -4.59 -2.99
N CYS A 72 1.91 -4.15 -2.03
CA CYS A 72 1.48 -2.76 -1.99
C CYS A 72 1.67 -2.18 -0.59
N LYS A 73 2.88 -1.71 -0.31
CA LYS A 73 3.17 -1.14 0.99
C LYS A 73 2.43 0.18 1.19
N CYS A 74 1.89 0.39 2.38
CA CYS A 74 1.15 1.61 2.68
C CYS A 74 1.86 2.42 3.76
N TYR A 75 2.10 3.70 3.47
CA TYR A 75 2.76 4.57 4.44
C TYR A 75 2.08 5.93 4.49
N THR A 76 2.12 6.57 5.66
CA THR A 76 1.50 7.88 5.80
C THR A 76 2.28 8.74 6.79
N GLU A 77 2.98 8.07 7.71
CA GLU A 77 3.78 8.77 8.73
C GLU A 77 3.83 7.96 10.02
N GLU A 78 2.85 7.08 10.20
CA GLU A 78 2.80 6.24 11.39
C GLU A 78 3.98 5.28 11.44
N GLU A 79 4.37 4.78 10.28
CA GLU A 79 5.49 3.84 10.19
C GLU A 79 6.71 4.41 10.90
N TRP A 80 6.72 5.72 11.08
CA TRP A 80 7.82 6.38 11.75
C TRP A 80 7.74 6.14 13.26
N SER A 81 6.75 5.37 13.68
CA SER A 81 6.56 5.08 15.10
C SER A 81 7.69 4.21 15.63
N LYS A 82 7.87 4.22 16.95
CA LYS A 82 8.93 3.43 17.57
C LYS A 82 10.23 3.57 16.79
N ILE A 83 11.12 2.61 16.95
CA ILE A 83 12.40 2.63 16.25
C ILE A 83 13.06 4.00 16.39
N VAL A 84 12.79 4.87 15.42
CA VAL A 84 13.36 6.21 15.45
C VAL A 84 12.88 6.99 16.66
N VAL A 85 11.58 6.90 16.92
CA VAL A 85 11.00 7.60 18.06
C VAL A 85 10.37 6.61 19.03
N LEU A 86 10.72 6.74 20.31
CA LEU A 86 10.19 5.87 21.35
C LEU A 86 11.02 4.59 21.44
N GLU A 87 12.27 4.67 20.97
CA GLU A 87 13.17 3.53 21.02
C GLU A 87 13.42 3.09 22.45
N HIS A 88 13.63 4.06 23.33
CA HIS A 88 13.87 3.76 24.75
C HIS A 88 12.58 3.40 25.45
N HIS A 89 12.68 2.56 26.48
CA HIS A 89 11.50 2.13 27.22
C HIS A 89 11.51 2.75 28.62
N HIS A 90 10.33 3.19 29.06
CA HIS A 90 10.21 3.81 30.38
C HIS A 90 10.31 2.76 31.48
N HIS A 91 10.91 3.13 32.60
CA HIS A 91 11.05 2.20 33.72
C HIS A 91 10.66 2.89 35.03
N HIS A 92 9.79 2.24 35.79
CA HIS A 92 9.35 2.80 37.06
C HIS A 92 8.68 4.16 36.85
N HIS A 93 7.37 4.14 36.67
CA HIS A 93 6.62 5.38 36.47
C HIS A 93 6.87 5.92 35.07
N MET A 1 -7.87 -10.84 -18.95
CA MET A 1 -7.74 -9.43 -18.49
C MET A 1 -6.65 -9.34 -17.44
N PRO A 2 -5.42 -9.18 -17.85
CA PRO A 2 -4.25 -9.07 -16.92
C PRO A 2 -4.28 -7.79 -16.10
N VAL A 3 -3.72 -7.86 -14.89
CA VAL A 3 -3.68 -6.71 -14.00
C VAL A 3 -2.84 -5.59 -14.59
N THR A 4 -1.77 -5.96 -15.30
CA THR A 4 -0.90 -4.98 -15.92
C THR A 4 -0.40 -3.97 -14.89
N GLU A 5 0.92 -3.81 -14.81
CA GLU A 5 1.49 -2.87 -13.86
C GLU A 5 1.04 -1.45 -14.15
N GLN A 6 1.04 -1.07 -15.43
CA GLN A 6 0.61 0.27 -15.83
C GLN A 6 -0.87 0.46 -15.52
N GLY A 7 -1.66 -0.57 -15.80
CA GLY A 7 -3.09 -0.56 -15.54
C GLY A 7 -3.37 -0.55 -14.04
N LEU A 8 -2.43 -1.10 -13.28
CA LEU A 8 -2.58 -1.21 -11.84
C LEU A 8 -2.76 0.15 -11.20
N ARG A 9 -2.02 1.13 -11.68
CA ARG A 9 -2.13 2.47 -11.14
C ARG A 9 -3.56 2.99 -11.29
N GLU A 10 -4.13 2.78 -12.47
CA GLU A 10 -5.49 3.22 -12.74
C GLU A 10 -6.49 2.48 -11.85
N ARG A 11 -6.26 1.20 -11.66
CA ARG A 11 -7.15 0.38 -10.84
C ARG A 11 -7.07 0.81 -9.39
N ILE A 12 -5.84 1.05 -8.94
CA ILE A 12 -5.60 1.47 -7.57
C ILE A 12 -6.25 2.83 -7.32
N GLU A 13 -6.09 3.73 -8.27
CA GLU A 13 -6.67 5.06 -8.15
C GLU A 13 -8.18 4.96 -8.03
N SER A 14 -8.78 4.12 -8.85
CA SER A 14 -10.22 3.94 -8.81
C SER A 14 -10.60 2.84 -7.82
N ALA A 15 -9.60 2.11 -7.32
CA ALA A 15 -9.87 1.03 -6.36
C ALA A 15 -9.74 1.53 -4.93
N ILE A 16 -9.37 2.80 -4.79
CA ILE A 16 -9.20 3.39 -3.48
C ILE A 16 -9.99 4.68 -3.36
N PRO A 17 -10.03 5.26 -2.20
CA PRO A 17 -10.76 6.54 -1.93
C PRO A 17 -10.23 7.71 -2.75
N GLN A 18 -9.51 7.40 -3.82
CA GLN A 18 -8.93 8.42 -4.69
C GLN A 18 -7.84 9.19 -3.95
N VAL A 19 -7.69 8.89 -2.66
CA VAL A 19 -6.67 9.55 -1.84
C VAL A 19 -6.19 10.84 -2.48
N TYR A 20 -4.90 11.12 -2.36
CA TYR A 20 -4.33 12.34 -2.94
C TYR A 20 -3.33 11.98 -4.03
N HIS A 21 -2.51 10.96 -3.76
CA HIS A 21 -1.51 10.53 -4.74
C HIS A 21 -1.08 9.09 -4.48
N ILE A 22 -1.07 8.28 -5.53
CA ILE A 22 -0.65 6.89 -5.40
C ILE A 22 0.28 6.50 -6.54
N ILE A 23 1.38 5.82 -6.21
CA ILE A 23 2.34 5.39 -7.22
C ILE A 23 2.64 3.89 -7.07
N VAL A 24 2.57 3.16 -8.17
CA VAL A 24 2.85 1.72 -8.12
C VAL A 24 4.10 1.39 -8.93
N THR A 25 5.01 0.67 -8.30
CA THR A 25 6.27 0.28 -8.96
C THR A 25 6.43 -1.24 -8.95
N ASP A 26 6.76 -1.79 -10.11
CA ASP A 26 6.95 -3.23 -10.23
C ASP A 26 8.42 -3.60 -10.02
N LEU A 27 8.72 -4.21 -8.89
CA LEU A 27 10.08 -4.63 -8.59
C LEU A 27 10.30 -6.09 -8.99
N SER A 28 9.23 -6.71 -9.50
CA SER A 28 9.31 -8.10 -9.91
C SER A 28 8.90 -8.25 -11.37
N TYR A 29 8.80 -9.50 -11.82
CA TYR A 29 8.44 -9.78 -13.20
C TYR A 29 7.44 -8.74 -13.71
N GLY A 30 7.36 -8.59 -15.03
CA GLY A 30 6.46 -7.60 -15.62
C GLY A 30 5.00 -7.88 -15.24
N CYS A 31 4.63 -9.15 -15.21
CA CYS A 31 3.26 -9.51 -14.87
C CYS A 31 3.25 -10.74 -13.96
N GLY A 32 2.43 -10.68 -12.91
CA GLY A 32 2.33 -11.79 -11.96
C GLY A 32 3.14 -11.51 -10.71
N GLN A 33 4.05 -10.55 -10.80
CA GLN A 33 4.87 -10.20 -9.65
C GLN A 33 5.21 -8.70 -9.67
N SER A 34 4.91 -8.02 -8.56
CA SER A 34 5.20 -6.60 -8.47
C SER A 34 4.61 -6.00 -7.21
N PHE A 35 5.48 -5.57 -6.30
CA PHE A 35 5.01 -4.99 -5.05
C PHE A 35 5.91 -3.85 -4.57
N ASP A 36 5.61 -2.65 -5.02
CA ASP A 36 6.40 -1.49 -4.61
C ASP A 36 5.64 -0.20 -4.93
N ILE A 37 4.58 0.08 -4.17
CA ILE A 37 3.79 1.30 -4.41
C ILE A 37 3.74 2.13 -3.13
N VAL A 38 3.61 3.43 -3.31
CA VAL A 38 3.54 4.32 -2.18
C VAL A 38 2.27 5.16 -2.22
N VAL A 39 1.54 5.18 -1.11
CA VAL A 39 0.30 5.93 -1.04
C VAL A 39 0.34 6.93 0.11
N VAL A 40 0.04 8.19 -0.20
CA VAL A 40 0.05 9.22 0.82
C VAL A 40 -1.31 9.92 0.87
N SER A 41 -1.95 9.89 2.03
CA SER A 41 -3.25 10.52 2.17
C SER A 41 -3.86 10.25 3.54
N ASP A 42 -5.02 10.81 3.79
CA ASP A 42 -5.69 10.61 5.07
C ASP A 42 -6.06 9.15 5.25
N PHE A 43 -5.85 8.37 4.20
CA PHE A 43 -6.17 6.94 4.24
C PHE A 43 -5.44 6.26 5.39
N PHE A 44 -4.30 6.82 5.77
CA PHE A 44 -3.51 6.26 6.87
C PHE A 44 -3.76 7.02 8.16
N GLN A 45 -4.88 7.74 8.20
CA GLN A 45 -5.23 8.51 9.39
C GLN A 45 -6.30 7.79 10.21
N GLY A 46 -6.00 7.55 11.48
CA GLY A 46 -6.94 6.89 12.38
C GLY A 46 -6.77 5.37 12.32
N LYS A 47 -5.90 4.91 11.44
CA LYS A 47 -5.65 3.47 11.30
C LYS A 47 -4.15 3.17 11.30
N SER A 48 -3.81 1.98 11.80
CA SER A 48 -2.42 1.56 11.85
C SER A 48 -1.97 1.00 10.50
N LYS A 49 -0.67 0.71 10.39
CA LYS A 49 -0.12 0.17 9.16
C LYS A 49 -0.78 -1.16 8.81
N LEU A 50 -1.02 -1.99 9.81
CA LEU A 50 -1.65 -3.29 9.60
C LEU A 50 -3.05 -3.11 9.01
N MET A 51 -3.78 -2.12 9.50
CA MET A 51 -5.12 -1.85 9.01
C MET A 51 -5.08 -1.46 7.54
N ARG A 52 -4.05 -0.70 7.16
CA ARG A 52 -3.91 -0.27 5.77
C ARG A 52 -3.78 -1.46 4.84
N SER A 53 -3.02 -2.46 5.26
CA SER A 53 -2.84 -3.65 4.44
C SER A 53 -4.17 -4.35 4.22
N ARG A 54 -4.96 -4.47 5.29
CA ARG A 54 -6.27 -5.11 5.19
C ARG A 54 -7.18 -4.33 4.24
N ALA A 55 -7.18 -3.01 4.40
CA ALA A 55 -7.98 -2.14 3.55
C ALA A 55 -7.53 -2.23 2.10
N VAL A 56 -6.21 -2.31 1.91
CA VAL A 56 -5.66 -2.40 0.56
C VAL A 56 -6.08 -3.69 -0.11
N ASN A 57 -6.01 -4.79 0.64
CA ASN A 57 -6.39 -6.07 0.08
C ASN A 57 -7.86 -6.07 -0.32
N LYS A 58 -8.70 -5.51 0.55
CA LYS A 58 -10.13 -5.43 0.24
C LYS A 58 -10.38 -4.48 -0.92
N ALA A 59 -9.69 -3.34 -0.90
CA ALA A 59 -9.84 -2.34 -1.94
C ALA A 59 -9.36 -2.89 -3.28
N VAL A 60 -8.24 -3.60 -3.24
CA VAL A 60 -7.65 -4.18 -4.45
C VAL A 60 -7.36 -5.67 -4.25
N LYS A 61 -8.38 -6.41 -3.81
CA LYS A 61 -8.24 -7.84 -3.56
C LYS A 61 -7.88 -8.57 -4.85
N GLU A 62 -8.51 -8.16 -5.94
CA GLU A 62 -8.27 -8.78 -7.25
C GLU A 62 -6.80 -8.65 -7.63
N GLU A 63 -6.20 -7.51 -7.27
CA GLU A 63 -4.80 -7.27 -7.59
C GLU A 63 -3.91 -8.35 -6.98
N LEU A 64 -4.20 -8.72 -5.74
CA LEU A 64 -3.40 -9.75 -5.07
C LEU A 64 -3.51 -11.07 -5.81
N GLN A 65 -4.72 -11.40 -6.26
CA GLN A 65 -4.94 -12.64 -7.00
C GLN A 65 -4.23 -12.60 -8.34
N GLU A 66 -4.27 -11.44 -8.99
CA GLU A 66 -3.64 -11.28 -10.29
C GLU A 66 -2.14 -11.01 -10.13
N ILE A 67 -1.72 -10.71 -8.91
CA ILE A 67 -0.31 -10.44 -8.65
C ILE A 67 0.20 -11.28 -7.49
N HIS A 68 1.28 -12.00 -7.71
CA HIS A 68 1.86 -12.84 -6.67
C HIS A 68 2.38 -11.99 -5.52
N ALA A 69 3.01 -10.87 -5.86
CA ALA A 69 3.56 -9.98 -4.85
C ALA A 69 3.07 -8.55 -5.07
N PHE A 70 2.46 -7.98 -4.04
CA PHE A 70 1.97 -6.60 -4.12
C PHE A 70 2.15 -5.90 -2.76
N SER A 71 2.72 -4.70 -2.78
CA SER A 71 2.94 -3.92 -1.56
C SER A 71 2.50 -2.49 -1.76
N CYS A 72 2.05 -1.86 -0.68
CA CYS A 72 1.61 -0.48 -0.72
C CYS A 72 1.92 0.19 0.60
N LYS A 73 3.08 0.81 0.69
CA LYS A 73 3.49 1.49 1.91
C LYS A 73 2.54 2.64 2.20
N CYS A 74 2.16 2.81 3.46
CA CYS A 74 1.23 3.87 3.84
C CYS A 74 1.87 4.89 4.77
N TYR A 75 1.97 6.14 4.32
CA TYR A 75 2.56 7.18 5.15
C TYR A 75 1.78 8.50 5.04
N THR A 76 1.74 9.25 6.13
CA THR A 76 1.05 10.54 6.15
C THR A 76 1.72 11.50 7.14
N GLU A 77 3.02 11.33 7.35
CA GLU A 77 3.76 12.18 8.28
C GLU A 77 3.36 11.86 9.71
N GLU A 78 2.33 11.05 9.87
CA GLU A 78 1.87 10.69 11.20
C GLU A 78 2.91 9.83 11.92
N GLU A 79 3.55 8.94 11.17
CA GLU A 79 4.55 8.06 11.74
C GLU A 79 5.69 8.87 12.34
N TRP A 80 5.83 10.09 11.86
CA TRP A 80 6.88 10.98 12.36
C TRP A 80 6.31 11.93 13.41
N SER A 81 5.01 11.79 13.67
CA SER A 81 4.34 12.64 14.65
C SER A 81 4.94 12.44 16.04
N LYS A 82 5.36 11.22 16.34
CA LYS A 82 5.96 10.91 17.65
C LYS A 82 7.41 11.35 17.70
N ILE A 83 7.97 11.69 16.54
CA ILE A 83 9.36 12.13 16.47
C ILE A 83 10.26 11.18 17.27
N VAL A 84 9.80 9.96 17.47
CA VAL A 84 10.57 8.97 18.21
C VAL A 84 10.73 7.70 17.38
N VAL A 85 11.66 7.73 16.45
CA VAL A 85 11.93 6.56 15.60
C VAL A 85 13.41 6.20 15.65
N LEU A 86 13.68 4.95 16.00
CA LEU A 86 15.05 4.47 16.10
C LEU A 86 15.11 3.12 16.80
N GLU A 87 14.18 2.90 17.72
CA GLU A 87 14.14 1.63 18.46
C GLU A 87 12.78 0.97 18.33
N HIS A 88 12.77 -0.36 18.32
CA HIS A 88 11.53 -1.11 18.20
C HIS A 88 10.62 -0.86 19.40
N HIS A 89 11.22 -0.78 20.58
CA HIS A 89 10.46 -0.54 21.80
C HIS A 89 9.43 -1.66 22.02
N HIS A 90 9.82 -2.88 21.66
CA HIS A 90 8.95 -4.03 21.82
C HIS A 90 9.14 -4.65 23.20
N HIS A 91 8.03 -4.92 23.89
CA HIS A 91 8.10 -5.50 25.22
C HIS A 91 7.78 -6.99 25.18
N HIS A 92 8.65 -7.79 25.77
CA HIS A 92 8.45 -9.24 25.81
C HIS A 92 7.16 -9.58 26.54
N HIS A 93 6.96 -8.95 27.70
CA HIS A 93 5.76 -9.18 28.50
C HIS A 93 5.13 -7.87 28.92
N MET A 1 -3.01 -12.50 -16.21
CA MET A 1 -2.25 -13.00 -15.04
C MET A 1 -1.27 -11.91 -14.58
N PRO A 2 -0.37 -11.52 -15.45
CA PRO A 2 0.64 -10.46 -15.12
C PRO A 2 0.01 -9.08 -15.00
N VAL A 3 0.64 -8.22 -14.20
CA VAL A 3 0.15 -6.87 -13.99
C VAL A 3 1.26 -5.85 -14.17
N THR A 4 0.96 -4.77 -14.90
CA THR A 4 1.96 -3.74 -15.13
C THR A 4 1.99 -2.75 -13.97
N GLU A 5 3.17 -2.26 -13.65
CA GLU A 5 3.32 -1.31 -12.55
C GLU A 5 2.58 -0.02 -12.86
N GLN A 6 2.72 0.46 -14.10
CA GLN A 6 2.05 1.69 -14.51
C GLN A 6 0.54 1.50 -14.54
N GLY A 7 0.11 0.35 -15.05
CA GLY A 7 -1.31 0.03 -15.12
C GLY A 7 -1.91 -0.09 -13.74
N LEU A 8 -1.13 -0.62 -12.81
CA LEU A 8 -1.59 -0.80 -11.44
C LEU A 8 -1.96 0.53 -10.80
N ARG A 9 -1.13 1.54 -11.03
CA ARG A 9 -1.39 2.87 -10.48
C ARG A 9 -2.72 3.40 -10.99
N GLU A 10 -2.96 3.21 -12.28
CA GLU A 10 -4.21 3.68 -12.89
C GLU A 10 -5.40 2.96 -12.28
N ARG A 11 -5.25 1.65 -12.07
CA ARG A 11 -6.34 0.86 -11.50
C ARG A 11 -6.58 1.26 -10.05
N ILE A 12 -5.50 1.41 -9.29
CA ILE A 12 -5.60 1.79 -7.89
C ILE A 12 -6.19 3.19 -7.76
N GLU A 13 -5.71 4.10 -8.60
CA GLU A 13 -6.18 5.48 -8.58
C GLU A 13 -7.68 5.52 -8.88
N SER A 14 -8.09 4.72 -9.85
CA SER A 14 -9.49 4.68 -10.22
C SER A 14 -10.28 3.89 -9.17
N ALA A 15 -9.56 3.08 -8.38
CA ALA A 15 -10.22 2.29 -7.35
C ALA A 15 -10.19 3.00 -6.00
N ILE A 16 -9.51 4.14 -5.98
CA ILE A 16 -9.39 4.91 -4.74
C ILE A 16 -9.15 6.39 -5.06
N PRO A 17 -9.67 7.27 -4.24
CA PRO A 17 -9.51 8.74 -4.44
C PRO A 17 -8.04 9.15 -4.42
N GLN A 18 -7.71 10.19 -5.18
CA GLN A 18 -6.34 10.68 -5.27
C GLN A 18 -5.83 11.09 -3.90
N VAL A 19 -6.76 11.36 -2.98
CA VAL A 19 -6.41 11.76 -1.63
C VAL A 19 -5.61 10.66 -0.94
N TYR A 20 -5.83 9.42 -1.37
CA TYR A 20 -5.14 8.29 -0.78
C TYR A 20 -3.71 8.19 -1.30
N HIS A 21 -3.08 9.35 -1.50
CA HIS A 21 -1.70 9.39 -2.01
C HIS A 21 -1.17 7.98 -2.20
N ILE A 22 -1.01 7.57 -3.45
CA ILE A 22 -0.52 6.24 -3.75
C ILE A 22 0.82 6.30 -4.48
N ILE A 23 1.81 5.60 -3.95
CA ILE A 23 3.13 5.58 -4.57
C ILE A 23 3.51 4.15 -4.94
N VAL A 24 3.92 3.96 -6.21
CA VAL A 24 4.29 2.63 -6.67
C VAL A 24 5.79 2.59 -6.98
N THR A 25 6.49 1.64 -6.36
CA THR A 25 7.93 1.49 -6.58
C THR A 25 8.25 0.05 -6.98
N ASP A 26 9.00 -0.11 -8.06
CA ASP A 26 9.37 -1.44 -8.52
C ASP A 26 10.64 -1.92 -7.84
N LEU A 27 10.51 -2.90 -6.95
CA LEU A 27 11.65 -3.45 -6.24
C LEU A 27 12.61 -4.13 -7.20
N SER A 28 12.04 -4.85 -8.17
CA SER A 28 12.85 -5.56 -9.16
C SER A 28 12.75 -4.87 -10.53
N TYR A 29 13.90 -4.71 -11.18
CA TYR A 29 13.92 -4.07 -12.49
C TYR A 29 13.12 -4.88 -13.51
N GLY A 30 12.27 -4.19 -14.27
CA GLY A 30 11.45 -4.86 -15.27
C GLY A 30 10.18 -5.43 -14.65
N CYS A 31 9.36 -6.07 -15.48
CA CYS A 31 8.11 -6.66 -14.99
C CYS A 31 8.39 -7.95 -14.23
N GLY A 32 7.82 -8.06 -13.04
CA GLY A 32 8.02 -9.25 -12.22
C GLY A 32 7.26 -9.13 -10.90
N GLN A 33 7.39 -10.15 -10.05
CA GLN A 33 6.71 -10.15 -8.77
C GLN A 33 7.53 -9.36 -7.75
N SER A 34 6.92 -8.31 -7.21
CA SER A 34 7.58 -7.46 -6.21
C SER A 34 7.14 -6.02 -6.36
N PHE A 35 5.87 -5.76 -6.08
CA PHE A 35 5.34 -4.40 -6.20
C PHE A 35 5.10 -3.79 -4.82
N ASP A 36 5.82 -2.72 -4.52
CA ASP A 36 5.67 -2.04 -3.23
C ASP A 36 4.94 -0.72 -3.41
N ILE A 37 3.71 -0.65 -2.91
CA ILE A 37 2.91 0.57 -3.03
C ILE A 37 2.50 1.08 -1.66
N VAL A 38 2.38 2.40 -1.55
CA VAL A 38 1.99 3.02 -0.29
C VAL A 38 0.80 3.95 -0.50
N VAL A 39 -0.19 3.83 0.39
CA VAL A 39 -1.38 4.67 0.30
C VAL A 39 -1.61 5.41 1.60
N VAL A 40 -1.87 6.72 1.50
CA VAL A 40 -2.10 7.54 2.68
C VAL A 40 -3.43 8.29 2.55
N SER A 41 -4.27 8.15 3.57
CA SER A 41 -5.57 8.82 3.56
C SER A 41 -6.11 8.91 4.98
N ASP A 42 -7.07 9.80 5.18
CA ASP A 42 -7.69 9.99 6.49
C ASP A 42 -8.56 8.79 6.86
N PHE A 43 -8.74 7.89 5.89
CA PHE A 43 -9.56 6.71 6.12
C PHE A 43 -9.04 5.91 7.30
N PHE A 44 -7.78 6.14 7.66
CA PHE A 44 -7.17 5.44 8.78
C PHE A 44 -7.55 6.10 10.10
N GLN A 45 -8.36 7.16 10.02
CA GLN A 45 -8.79 7.85 11.22
C GLN A 45 -10.01 7.17 11.82
N GLY A 46 -9.86 6.69 13.05
CA GLY A 46 -10.95 6.01 13.74
C GLY A 46 -11.06 4.55 13.28
N LYS A 47 -10.11 4.13 12.44
CA LYS A 47 -10.11 2.77 11.93
C LYS A 47 -8.77 2.10 12.22
N SER A 48 -8.80 0.78 12.42
CA SER A 48 -7.60 0.02 12.69
C SER A 48 -6.79 -0.18 11.41
N LYS A 49 -5.57 -0.69 11.55
CA LYS A 49 -4.70 -0.93 10.41
C LYS A 49 -5.33 -1.93 9.46
N LEU A 50 -6.02 -2.92 10.02
CA LEU A 50 -6.66 -3.95 9.22
C LEU A 50 -7.71 -3.33 8.28
N MET A 51 -8.41 -2.32 8.79
CA MET A 51 -9.43 -1.65 7.99
C MET A 51 -8.80 -1.04 6.75
N ARG A 52 -7.59 -0.49 6.89
CA ARG A 52 -6.92 0.13 5.75
C ARG A 52 -6.68 -0.89 4.64
N SER A 53 -6.20 -2.07 5.02
CA SER A 53 -5.94 -3.12 4.04
C SER A 53 -7.24 -3.60 3.41
N ARG A 54 -8.27 -3.75 4.23
CA ARG A 54 -9.55 -4.22 3.74
C ARG A 54 -10.15 -3.22 2.75
N ALA A 55 -10.11 -1.94 3.10
CA ALA A 55 -10.65 -0.91 2.22
C ALA A 55 -9.88 -0.84 0.90
N VAL A 56 -8.56 -0.90 1.00
CA VAL A 56 -7.71 -0.84 -0.18
C VAL A 56 -7.79 -2.14 -0.97
N ASN A 57 -7.61 -3.25 -0.26
CA ASN A 57 -7.67 -4.56 -0.88
C ASN A 57 -9.06 -4.80 -1.45
N LYS A 58 -10.07 -4.39 -0.70
CA LYS A 58 -11.45 -4.54 -1.13
C LYS A 58 -11.68 -3.80 -2.44
N ALA A 59 -11.19 -2.57 -2.51
CA ALA A 59 -11.35 -1.76 -3.71
C ALA A 59 -10.67 -2.43 -4.91
N VAL A 60 -9.49 -3.01 -4.67
CA VAL A 60 -8.75 -3.67 -5.73
C VAL A 60 -8.45 -5.12 -5.35
N LYS A 61 -9.44 -5.82 -4.82
CA LYS A 61 -9.25 -7.21 -4.41
C LYS A 61 -8.87 -8.07 -5.61
N GLU A 62 -9.42 -7.72 -6.78
CA GLU A 62 -9.13 -8.47 -7.99
C GLU A 62 -7.65 -8.32 -8.36
N GLU A 63 -7.13 -7.11 -8.15
CA GLU A 63 -5.73 -6.83 -8.44
C GLU A 63 -4.83 -7.70 -7.60
N LEU A 64 -5.23 -7.91 -6.34
CA LEU A 64 -4.46 -8.72 -5.41
C LEU A 64 -4.33 -10.15 -5.94
N GLN A 65 -5.37 -10.62 -6.62
CA GLN A 65 -5.36 -11.97 -7.16
C GLN A 65 -4.20 -12.13 -8.15
N GLU A 66 -3.94 -11.09 -8.93
CA GLU A 66 -2.86 -11.13 -9.91
C GLU A 66 -1.51 -11.06 -9.21
N ILE A 67 -1.46 -10.35 -8.09
CA ILE A 67 -0.22 -10.21 -7.34
C ILE A 67 -0.32 -10.91 -5.99
N HIS A 68 0.61 -11.84 -5.74
CA HIS A 68 0.62 -12.57 -4.48
C HIS A 68 1.77 -12.11 -3.60
N ALA A 69 2.80 -11.57 -4.22
CA ALA A 69 3.96 -11.09 -3.48
C ALA A 69 4.13 -9.59 -3.65
N PHE A 70 3.31 -8.81 -2.95
CA PHE A 70 3.39 -7.36 -3.04
C PHE A 70 3.07 -6.73 -1.68
N SER A 71 3.50 -5.49 -1.50
CA SER A 71 3.25 -4.78 -0.25
C SER A 71 2.31 -3.60 -0.49
N CYS A 72 1.51 -3.27 0.54
CA CYS A 72 0.58 -2.16 0.43
C CYS A 72 0.49 -1.43 1.76
N LYS A 73 1.62 -0.98 2.27
CA LYS A 73 1.65 -0.28 3.54
C LYS A 73 0.79 0.98 3.47
N CYS A 74 -0.01 1.21 4.52
CA CYS A 74 -0.89 2.37 4.56
C CYS A 74 -0.54 3.27 5.75
N TYR A 75 -0.40 4.57 5.48
CA TYR A 75 -0.07 5.51 6.54
C TYR A 75 -0.98 6.74 6.47
N THR A 76 -1.32 7.28 7.63
CA THR A 76 -2.19 8.45 7.70
C THR A 76 -1.74 9.39 8.80
N GLU A 77 -0.44 9.40 9.10
CA GLU A 77 0.09 10.26 10.14
C GLU A 77 -0.02 9.59 11.50
N GLU A 78 -1.06 8.79 11.66
CA GLU A 78 -1.28 8.08 12.92
C GLU A 78 -0.17 7.06 13.16
N GLU A 79 0.30 6.45 12.09
CA GLU A 79 1.35 5.44 12.20
C GLU A 79 2.59 6.05 12.86
N TRP A 80 2.75 7.35 12.70
CA TRP A 80 3.88 8.06 13.30
C TRP A 80 3.59 8.38 14.76
N SER A 81 2.43 7.92 15.24
CA SER A 81 2.04 8.17 16.62
C SER A 81 3.00 7.46 17.58
N LYS A 82 3.09 7.99 18.80
CA LYS A 82 3.97 7.40 19.81
C LYS A 82 5.28 6.94 19.18
N ILE A 83 5.62 7.53 18.04
CA ILE A 83 6.85 7.16 17.33
C ILE A 83 7.16 5.68 17.54
N VAL A 84 6.12 4.87 17.70
CA VAL A 84 6.28 3.44 17.89
C VAL A 84 6.95 2.80 16.67
N VAL A 85 6.51 3.21 15.49
CA VAL A 85 7.05 2.66 14.25
C VAL A 85 8.57 2.83 14.21
N LEU A 86 9.06 3.88 14.87
CA LEU A 86 10.50 4.13 14.91
C LEU A 86 11.22 2.98 15.61
N GLU A 87 10.66 2.50 16.71
CA GLU A 87 11.26 1.40 17.45
C GLU A 87 12.77 1.60 17.55
N HIS A 88 13.21 2.22 18.63
CA HIS A 88 14.63 2.47 18.84
C HIS A 88 15.38 1.16 19.05
N HIS A 89 14.64 0.10 19.39
CA HIS A 89 15.25 -1.20 19.62
C HIS A 89 15.76 -1.78 18.32
N HIS A 90 16.96 -2.34 18.35
CA HIS A 90 17.54 -2.94 17.15
C HIS A 90 17.69 -1.91 16.05
N HIS A 91 18.76 -2.03 15.26
CA HIS A 91 19.02 -1.10 14.17
C HIS A 91 18.58 -1.71 12.84
N HIS A 92 17.94 -2.88 12.92
CA HIS A 92 17.47 -3.56 11.71
C HIS A 92 18.63 -3.79 10.74
N HIS A 93 19.80 -4.09 11.29
CA HIS A 93 20.98 -4.33 10.47
C HIS A 93 21.19 -5.83 10.27
N MET A 1 -5.88 -12.00 -18.13
CA MET A 1 -6.17 -10.62 -17.66
C MET A 1 -4.86 -9.87 -17.47
N PRO A 2 -4.33 -9.33 -18.53
CA PRO A 2 -3.04 -8.57 -18.48
C PRO A 2 -3.12 -7.35 -17.58
N VAL A 3 -2.01 -7.00 -16.94
CA VAL A 3 -1.96 -5.86 -16.04
C VAL A 3 -0.79 -4.95 -16.39
N THR A 4 -1.03 -3.64 -16.35
CA THR A 4 0.00 -2.67 -16.68
C THR A 4 0.29 -1.78 -15.48
N GLU A 5 1.57 -1.53 -15.22
CA GLU A 5 1.96 -0.71 -14.08
C GLU A 5 1.32 0.67 -14.18
N GLN A 6 1.36 1.26 -15.36
CA GLN A 6 0.76 2.58 -15.57
C GLN A 6 -0.76 2.50 -15.44
N GLY A 7 -1.35 1.46 -16.02
CA GLY A 7 -2.80 1.27 -15.94
C GLY A 7 -3.23 0.96 -14.51
N LEU A 8 -2.39 0.23 -13.79
CA LEU A 8 -2.69 -0.15 -12.42
C LEU A 8 -2.85 1.08 -11.54
N ARG A 9 -1.97 2.05 -11.74
CA ARG A 9 -2.02 3.29 -10.97
C ARG A 9 -3.36 3.99 -11.18
N GLU A 10 -3.83 4.01 -12.42
CA GLU A 10 -5.09 4.65 -12.74
C GLU A 10 -6.26 3.94 -12.04
N ARG A 11 -6.20 2.61 -12.03
CA ARG A 11 -7.24 1.82 -11.39
C ARG A 11 -7.21 2.01 -9.88
N ILE A 12 -6.01 2.00 -9.31
CA ILE A 12 -5.84 2.17 -7.87
C ILE A 12 -6.27 3.58 -7.46
N GLU A 13 -5.85 4.58 -8.25
CA GLU A 13 -6.21 5.96 -7.96
C GLU A 13 -7.72 6.15 -8.03
N SER A 14 -8.34 5.50 -9.01
CA SER A 14 -9.79 5.60 -9.18
C SER A 14 -10.49 4.75 -8.12
N ALA A 15 -9.76 3.76 -7.58
CA ALA A 15 -10.33 2.89 -6.56
C ALA A 15 -10.02 3.41 -5.16
N ILE A 16 -9.23 4.48 -5.10
CA ILE A 16 -8.85 5.07 -3.82
C ILE A 16 -8.49 6.54 -3.99
N PRO A 17 -8.82 7.35 -3.03
CA PRO A 17 -8.53 8.81 -3.06
C PRO A 17 -7.02 9.08 -3.13
N GLN A 18 -6.67 10.18 -3.81
CA GLN A 18 -5.26 10.53 -3.95
C GLN A 18 -4.62 10.78 -2.60
N VAL A 19 -5.45 11.03 -1.59
CA VAL A 19 -4.96 11.27 -0.25
C VAL A 19 -4.19 10.05 0.28
N TYR A 20 -4.39 8.93 -0.39
CA TYR A 20 -3.73 7.69 0.01
C TYR A 20 -2.35 7.59 -0.62
N HIS A 21 -1.87 8.71 -1.15
CA HIS A 21 -0.56 8.75 -1.78
C HIS A 21 -0.19 7.37 -2.31
N ILE A 22 -0.36 7.17 -3.61
CA ILE A 22 -0.06 5.88 -4.23
C ILE A 22 1.23 5.95 -5.04
N ILE A 23 2.17 5.09 -4.70
CA ILE A 23 3.45 5.06 -5.41
C ILE A 23 3.69 3.66 -5.98
N VAL A 24 4.01 3.60 -7.27
CA VAL A 24 4.26 2.32 -7.93
C VAL A 24 5.70 2.24 -8.43
N THR A 25 6.40 1.18 -8.04
CA THR A 25 7.79 0.99 -8.46
C THR A 25 7.99 -0.41 -9.01
N ASP A 26 8.58 -0.50 -10.19
CA ASP A 26 8.83 -1.80 -10.81
C ASP A 26 10.20 -2.34 -10.39
N LEU A 27 10.19 -3.38 -9.56
CA LEU A 27 11.44 -3.98 -9.10
C LEU A 27 11.79 -5.20 -9.94
N SER A 28 10.88 -6.15 -10.02
CA SER A 28 11.10 -7.36 -10.79
C SER A 28 11.26 -7.03 -12.26
N TYR A 29 10.44 -6.10 -12.74
CA TYR A 29 10.48 -5.70 -14.14
C TYR A 29 9.63 -6.63 -14.99
N GLY A 30 9.89 -6.66 -16.30
CA GLY A 30 9.13 -7.52 -17.20
C GLY A 30 7.72 -6.97 -17.40
N CYS A 31 7.57 -5.66 -17.23
CA CYS A 31 6.26 -5.04 -17.40
C CYS A 31 5.37 -5.36 -16.20
N GLY A 32 4.30 -6.11 -16.43
CA GLY A 32 3.39 -6.47 -15.36
C GLY A 32 3.74 -7.85 -14.79
N GLN A 33 4.32 -7.84 -13.60
CA GLN A 33 4.71 -9.10 -12.94
C GLN A 33 4.77 -8.92 -11.43
N SER A 34 5.68 -8.05 -10.99
CA SER A 34 5.84 -7.79 -9.56
C SER A 34 6.27 -6.35 -9.32
N PHE A 35 5.66 -5.70 -8.33
CA PHE A 35 6.00 -4.33 -8.02
C PHE A 35 5.67 -4.02 -6.55
N ASP A 36 6.31 -2.97 -6.03
CA ASP A 36 6.07 -2.57 -4.65
C ASP A 36 5.41 -1.20 -4.58
N ILE A 37 4.20 -1.15 -4.04
CA ILE A 37 3.46 0.11 -3.93
C ILE A 37 3.06 0.37 -2.48
N VAL A 38 2.91 1.65 -2.14
CA VAL A 38 2.53 2.02 -0.79
C VAL A 38 1.55 3.19 -0.81
N VAL A 39 0.61 3.19 0.13
CA VAL A 39 -0.37 4.26 0.21
C VAL A 39 -0.38 4.89 1.59
N VAL A 40 -0.64 6.19 1.65
CA VAL A 40 -0.69 6.89 2.92
C VAL A 40 -2.02 7.64 3.08
N SER A 41 -2.78 7.27 4.10
CA SER A 41 -4.07 7.90 4.35
C SER A 41 -4.50 7.68 5.80
N ASP A 42 -5.52 8.43 6.22
CA ASP A 42 -6.03 8.30 7.57
C ASP A 42 -6.86 7.02 7.72
N PHE A 43 -7.03 6.31 6.60
CA PHE A 43 -7.82 5.08 6.60
C PHE A 43 -7.24 4.09 7.61
N PHE A 44 -5.94 4.19 7.85
CA PHE A 44 -5.27 3.29 8.80
C PHE A 44 -5.38 3.84 10.21
N GLN A 45 -6.04 4.99 10.35
CA GLN A 45 -6.21 5.61 11.67
C GLN A 45 -7.39 4.99 12.39
N GLY A 46 -7.12 4.31 13.51
CA GLY A 46 -8.17 3.68 14.29
C GLY A 46 -8.57 2.34 13.69
N LYS A 47 -7.87 1.95 12.62
CA LYS A 47 -8.16 0.68 11.96
C LYS A 47 -6.89 -0.15 11.82
N SER A 48 -7.06 -1.47 11.89
CA SER A 48 -5.92 -2.37 11.76
C SER A 48 -5.40 -2.39 10.33
N LYS A 49 -4.10 -2.65 10.18
CA LYS A 49 -3.49 -2.70 8.86
C LYS A 49 -4.15 -3.78 8.00
N LEU A 50 -4.50 -4.89 8.63
CA LEU A 50 -5.14 -5.99 7.92
C LEU A 50 -6.47 -5.53 7.31
N MET A 51 -7.19 -4.71 8.04
CA MET A 51 -8.48 -4.22 7.57
C MET A 51 -8.32 -3.40 6.29
N ARG A 52 -7.25 -2.62 6.24
CA ARG A 52 -6.96 -1.80 5.07
C ARG A 52 -6.77 -2.66 3.83
N SER A 53 -6.14 -3.81 4.01
CA SER A 53 -5.87 -4.71 2.89
C SER A 53 -7.17 -5.10 2.21
N ARG A 54 -8.18 -5.41 3.01
CA ARG A 54 -9.49 -5.79 2.46
C ARG A 54 -10.11 -4.62 1.69
N ALA A 55 -9.99 -3.42 2.25
CA ALA A 55 -10.54 -2.23 1.61
C ALA A 55 -9.91 -2.01 0.24
N VAL A 56 -8.59 -2.14 0.17
CA VAL A 56 -7.88 -1.97 -1.09
C VAL A 56 -8.10 -3.17 -2.01
N ASN A 57 -8.04 -4.36 -1.43
CA ASN A 57 -8.21 -5.59 -2.21
C ASN A 57 -9.61 -5.66 -2.80
N LYS A 58 -10.59 -5.26 -2.01
CA LYS A 58 -11.98 -5.27 -2.47
C LYS A 58 -12.16 -4.30 -3.64
N ALA A 59 -11.50 -3.15 -3.55
CA ALA A 59 -11.61 -2.14 -4.59
C ALA A 59 -11.12 -2.68 -5.92
N VAL A 60 -10.02 -3.43 -5.88
CA VAL A 60 -9.45 -4.00 -7.09
C VAL A 60 -8.97 -5.43 -6.84
N LYS A 61 -9.83 -6.26 -6.26
CA LYS A 61 -9.47 -7.64 -5.97
C LYS A 61 -9.17 -8.40 -7.25
N GLU A 62 -9.86 -8.03 -8.32
CA GLU A 62 -9.67 -8.68 -9.62
C GLU A 62 -8.27 -8.41 -10.15
N GLU A 63 -7.78 -7.21 -9.94
CA GLU A 63 -6.45 -6.83 -10.40
C GLU A 63 -5.38 -7.69 -9.71
N LEU A 64 -5.68 -8.11 -8.50
CA LEU A 64 -4.74 -8.92 -7.73
C LEU A 64 -4.44 -10.22 -8.47
N GLN A 65 -5.46 -10.80 -9.08
CA GLN A 65 -5.29 -12.05 -9.81
C GLN A 65 -4.30 -11.87 -10.96
N GLU A 66 -4.39 -10.74 -11.64
CA GLU A 66 -3.48 -10.45 -12.75
C GLU A 66 -2.16 -9.89 -12.23
N ILE A 67 -2.23 -9.20 -11.10
CA ILE A 67 -1.03 -8.61 -10.50
C ILE A 67 -0.06 -9.70 -10.07
N HIS A 68 -0.59 -10.74 -9.44
CA HIS A 68 0.24 -11.84 -8.97
C HIS A 68 0.90 -11.48 -7.65
N ALA A 69 2.19 -11.14 -7.69
CA ALA A 69 2.92 -10.79 -6.49
C ALA A 69 3.14 -9.28 -6.42
N PHE A 70 2.49 -8.64 -5.46
CA PHE A 70 2.62 -7.20 -5.29
C PHE A 70 2.53 -6.82 -3.81
N SER A 71 3.02 -5.64 -3.47
CA SER A 71 2.97 -5.18 -2.09
C SER A 71 2.22 -3.86 -2.00
N CYS A 72 1.56 -3.64 -0.87
CA CYS A 72 0.80 -2.41 -0.66
C CYS A 72 0.97 -1.94 0.77
N LYS A 73 2.16 -1.47 1.10
CA LYS A 73 2.46 -0.99 2.45
C LYS A 73 1.61 0.23 2.77
N CYS A 74 1.09 0.29 4.00
CA CYS A 74 0.27 1.40 4.43
C CYS A 74 0.92 2.15 5.59
N TYR A 75 1.04 3.46 5.45
CA TYR A 75 1.64 4.29 6.48
C TYR A 75 0.77 5.50 6.78
N THR A 76 0.71 5.89 8.05
CA THR A 76 -0.08 7.05 8.45
C THR A 76 0.37 7.57 9.81
N GLU A 77 1.68 7.66 9.99
CA GLU A 77 2.24 8.15 11.25
C GLU A 77 2.16 7.08 12.32
N GLU A 78 1.10 6.26 12.26
CA GLU A 78 0.90 5.21 13.24
C GLU A 78 2.02 4.16 13.12
N GLU A 79 2.40 3.85 11.88
CA GLU A 79 3.45 2.88 11.64
C GLU A 79 4.64 3.14 12.57
N TRP A 80 4.90 4.41 12.84
CA TRP A 80 5.98 4.80 13.75
C TRP A 80 5.62 4.40 15.19
N SER A 81 4.35 4.57 15.54
CA SER A 81 3.90 4.26 16.89
C SER A 81 4.11 2.78 17.18
N LYS A 82 3.85 1.94 16.19
CA LYS A 82 4.00 0.50 16.35
C LYS A 82 5.18 -0.01 15.54
N ILE A 83 5.75 -1.14 15.97
CA ILE A 83 6.89 -1.71 15.26
C ILE A 83 8.17 -0.96 15.60
N VAL A 84 8.04 0.33 15.89
CA VAL A 84 9.18 1.15 16.24
C VAL A 84 8.88 2.00 17.47
N VAL A 85 9.93 2.46 18.14
CA VAL A 85 9.77 3.27 19.34
C VAL A 85 9.17 2.43 20.47
N LEU A 86 8.97 1.15 20.22
CA LEU A 86 8.40 0.26 21.21
C LEU A 86 9.30 0.20 22.44
N GLU A 87 10.60 0.10 22.20
CA GLU A 87 11.57 0.03 23.29
C GLU A 87 12.78 0.90 22.96
N HIS A 88 12.91 2.03 23.65
CA HIS A 88 14.04 2.92 23.43
C HIS A 88 14.47 3.59 24.73
N HIS A 89 15.75 3.98 24.80
CA HIS A 89 16.27 4.63 26.00
C HIS A 89 16.57 6.10 25.73
N HIS A 90 15.91 6.97 26.48
CA HIS A 90 16.11 8.41 26.32
C HIS A 90 16.88 8.97 27.51
N HIS A 91 18.19 9.14 27.34
CA HIS A 91 19.02 9.68 28.40
C HIS A 91 18.60 11.09 28.79
N HIS A 92 18.43 11.94 27.78
CA HIS A 92 18.02 13.32 28.03
C HIS A 92 17.37 13.93 26.78
N HIS A 93 16.69 15.05 26.96
CA HIS A 93 16.05 15.72 25.84
C HIS A 93 16.84 16.95 25.42
N MET A 1 2.42 -9.40 -18.38
CA MET A 1 2.46 -8.00 -17.87
C MET A 1 1.05 -7.42 -17.87
N PRO A 2 0.14 -8.09 -17.22
CA PRO A 2 -1.28 -7.64 -17.12
C PRO A 2 -1.43 -6.33 -16.35
N VAL A 3 -0.44 -6.04 -15.50
CA VAL A 3 -0.48 -4.82 -14.71
C VAL A 3 0.90 -4.17 -14.65
N THR A 4 0.91 -2.84 -14.62
CA THR A 4 2.17 -2.12 -14.57
C THR A 4 2.15 -1.11 -13.44
N GLU A 5 3.33 -0.69 -13.01
CA GLU A 5 3.43 0.28 -11.92
C GLU A 5 2.77 1.60 -12.32
N GLN A 6 3.03 2.06 -13.54
CA GLN A 6 2.46 3.30 -14.01
C GLN A 6 0.94 3.18 -14.11
N GLY A 7 0.48 2.06 -14.65
CA GLY A 7 -0.96 1.80 -14.79
C GLY A 7 -1.61 1.59 -13.43
N LEU A 8 -0.89 0.89 -12.56
CA LEU A 8 -1.39 0.58 -11.23
C LEU A 8 -1.67 1.84 -10.44
N ARG A 9 -0.77 2.80 -10.54
CA ARG A 9 -0.91 4.06 -9.83
C ARG A 9 -2.19 4.77 -10.27
N GLU A 10 -2.44 4.76 -11.58
CA GLU A 10 -3.62 5.40 -12.12
C GLU A 10 -4.89 4.70 -11.63
N ARG A 11 -4.86 3.38 -11.60
CA ARG A 11 -6.02 2.61 -11.15
C ARG A 11 -6.26 2.82 -9.66
N ILE A 12 -5.18 2.78 -8.90
CA ILE A 12 -5.28 2.97 -7.46
C ILE A 12 -5.74 4.37 -7.13
N GLU A 13 -5.16 5.34 -7.83
CA GLU A 13 -5.50 6.75 -7.61
C GLU A 13 -6.96 6.98 -7.95
N SER A 14 -7.41 6.38 -9.04
CA SER A 14 -8.78 6.52 -9.46
C SER A 14 -9.69 5.61 -8.62
N ALA A 15 -9.08 4.59 -7.98
CA ALA A 15 -9.85 3.68 -7.16
C ALA A 15 -9.83 4.11 -5.69
N ILE A 16 -9.07 5.18 -5.42
CA ILE A 16 -8.95 5.68 -4.08
C ILE A 16 -8.48 7.14 -4.09
N PRO A 17 -8.94 7.93 -3.16
CA PRO A 17 -8.56 9.37 -3.05
C PRO A 17 -7.06 9.55 -2.85
N GLN A 18 -6.52 10.64 -3.37
CA GLN A 18 -5.10 10.92 -3.24
C GLN A 18 -4.69 11.03 -1.77
N VAL A 19 -5.66 11.30 -0.92
CA VAL A 19 -5.42 11.43 0.51
C VAL A 19 -4.87 10.12 1.07
N TYR A 20 -5.08 9.05 0.31
CA TYR A 20 -4.62 7.73 0.73
C TYR A 20 -3.15 7.52 0.38
N HIS A 21 -2.48 8.61 0.02
CA HIS A 21 -1.06 8.56 -0.35
C HIS A 21 -0.73 7.25 -1.04
N ILE A 22 -0.59 7.29 -2.36
CA ILE A 22 -0.30 6.09 -3.11
C ILE A 22 1.15 6.07 -3.57
N ILE A 23 1.91 5.07 -3.12
CA ILE A 23 3.30 4.94 -3.51
C ILE A 23 3.59 3.52 -3.96
N VAL A 24 4.08 3.37 -5.19
CA VAL A 24 4.40 2.04 -5.71
C VAL A 24 5.88 1.94 -6.07
N THR A 25 6.54 0.91 -5.56
CA THR A 25 7.96 0.72 -5.84
C THR A 25 8.21 -0.66 -6.45
N ASP A 26 8.94 -0.69 -7.57
CA ASP A 26 9.23 -1.96 -8.23
C ASP A 26 10.48 -2.60 -7.63
N LEU A 27 10.28 -3.66 -6.87
CA LEU A 27 11.40 -4.36 -6.24
C LEU A 27 11.24 -5.87 -6.39
N SER A 28 12.37 -6.57 -6.56
CA SER A 28 12.34 -8.01 -6.71
C SER A 28 11.73 -8.40 -8.05
N TYR A 29 11.56 -9.71 -8.25
CA TYR A 29 10.98 -10.20 -9.49
C TYR A 29 11.33 -9.30 -10.66
N GLY A 30 10.36 -8.49 -11.09
CA GLY A 30 10.58 -7.58 -12.21
C GLY A 30 9.34 -6.73 -12.47
N CYS A 31 9.36 -5.99 -13.58
CA CYS A 31 8.22 -5.15 -13.92
C CYS A 31 7.04 -5.99 -14.36
N GLY A 32 5.83 -5.51 -14.08
CA GLY A 32 4.61 -6.22 -14.45
C GLY A 32 4.16 -7.14 -13.33
N GLN A 33 5.04 -7.40 -12.37
CA GLN A 33 4.71 -8.26 -11.25
C GLN A 33 5.53 -7.89 -10.01
N SER A 34 5.01 -8.22 -8.83
CA SER A 34 5.71 -7.93 -7.59
C SER A 34 5.89 -6.43 -7.40
N PHE A 35 4.85 -5.78 -6.87
CA PHE A 35 4.91 -4.35 -6.61
C PHE A 35 4.39 -4.01 -5.21
N ASP A 36 5.26 -3.42 -4.40
CA ASP A 36 4.88 -3.04 -3.04
C ASP A 36 4.34 -1.62 -3.02
N ILE A 37 3.07 -1.47 -2.64
CA ILE A 37 2.45 -0.15 -2.60
C ILE A 37 2.09 0.22 -1.18
N VAL A 38 2.12 1.52 -0.91
CA VAL A 38 1.82 2.03 0.43
C VAL A 38 0.68 3.04 0.37
N VAL A 39 -0.32 2.85 1.21
CA VAL A 39 -1.46 3.76 1.25
C VAL A 39 -1.63 4.36 2.64
N VAL A 40 -1.78 5.68 2.70
CA VAL A 40 -1.96 6.35 3.98
C VAL A 40 -3.25 7.16 3.99
N SER A 41 -4.15 6.81 4.89
CA SER A 41 -5.43 7.52 5.01
C SER A 41 -6.04 7.32 6.38
N ASP A 42 -7.03 8.15 6.70
CA ASP A 42 -7.70 8.05 8.00
C ASP A 42 -8.52 6.77 8.09
N PHE A 43 -8.72 6.13 6.95
CA PHE A 43 -9.49 4.89 6.91
C PHE A 43 -8.85 3.84 7.81
N PHE A 44 -7.53 3.90 7.94
CA PHE A 44 -6.82 2.94 8.77
C PHE A 44 -6.81 3.38 10.23
N GLN A 45 -7.44 4.53 10.50
CA GLN A 45 -7.50 5.03 11.86
C GLN A 45 -8.74 4.49 12.56
N GLY A 46 -8.52 3.70 13.61
CA GLY A 46 -9.62 3.11 14.36
C GLY A 46 -10.17 1.88 13.65
N LYS A 47 -9.51 1.48 12.57
CA LYS A 47 -9.94 0.31 11.82
C LYS A 47 -8.80 -0.70 11.67
N SER A 48 -9.16 -1.97 11.65
CA SER A 48 -8.18 -3.05 11.52
C SER A 48 -7.59 -3.07 10.12
N LYS A 49 -6.37 -3.57 10.01
CA LYS A 49 -5.69 -3.67 8.72
C LYS A 49 -6.49 -4.53 7.75
N LEU A 50 -7.12 -5.57 8.27
CA LEU A 50 -7.91 -6.47 7.44
C LEU A 50 -9.04 -5.69 6.77
N MET A 51 -9.68 -4.80 7.52
CA MET A 51 -10.76 -4.00 6.97
C MET A 51 -10.24 -3.07 5.87
N ARG A 52 -9.05 -2.52 6.11
CA ARG A 52 -8.43 -1.62 5.14
C ARG A 52 -8.18 -2.34 3.83
N SER A 53 -7.69 -3.58 3.92
CA SER A 53 -7.41 -4.35 2.74
C SER A 53 -8.67 -4.55 1.91
N ARG A 54 -9.81 -4.70 2.58
CA ARG A 54 -11.07 -4.88 1.86
C ARG A 54 -11.40 -3.63 1.05
N ALA A 55 -11.20 -2.46 1.65
CA ALA A 55 -11.50 -1.21 0.96
C ALA A 55 -10.59 -1.05 -0.25
N VAL A 56 -9.31 -1.31 -0.04
CA VAL A 56 -8.34 -1.19 -1.12
C VAL A 56 -8.50 -2.35 -2.11
N ASN A 57 -8.58 -3.56 -1.56
CA ASN A 57 -8.73 -4.76 -2.39
C ASN A 57 -10.06 -4.73 -3.15
N LYS A 58 -11.12 -4.34 -2.47
CA LYS A 58 -12.43 -4.27 -3.09
C LYS A 58 -12.42 -3.23 -4.22
N ALA A 59 -11.77 -2.11 -3.97
CA ALA A 59 -11.69 -1.05 -4.98
C ALA A 59 -10.96 -1.54 -6.23
N VAL A 60 -9.89 -2.30 -6.02
CA VAL A 60 -9.10 -2.83 -7.14
C VAL A 60 -8.62 -4.24 -6.84
N LYS A 61 -9.57 -5.14 -6.59
CA LYS A 61 -9.24 -6.53 -6.30
C LYS A 61 -8.58 -7.20 -7.49
N GLU A 62 -8.92 -6.72 -8.69
CA GLU A 62 -8.37 -7.29 -9.92
C GLU A 62 -6.86 -7.11 -9.96
N GLU A 63 -6.38 -5.94 -9.54
CA GLU A 63 -4.94 -5.66 -9.53
C GLU A 63 -4.23 -6.56 -8.54
N LEU A 64 -4.85 -6.77 -7.38
CA LEU A 64 -4.26 -7.62 -6.34
C LEU A 64 -4.14 -9.06 -6.83
N GLN A 65 -5.15 -9.52 -7.55
CA GLN A 65 -5.14 -10.88 -8.06
C GLN A 65 -4.00 -11.08 -9.05
N GLU A 66 -3.75 -10.06 -9.86
CA GLU A 66 -2.68 -10.13 -10.86
C GLU A 66 -1.32 -9.93 -10.19
N ILE A 67 -1.32 -9.43 -8.97
CA ILE A 67 -0.08 -9.20 -8.24
C ILE A 67 -0.13 -9.84 -6.86
N HIS A 68 0.84 -10.71 -6.58
CA HIS A 68 0.89 -11.38 -5.28
C HIS A 68 2.32 -11.41 -4.75
N ALA A 69 3.29 -11.19 -5.64
CA ALA A 69 4.70 -11.22 -5.24
C ALA A 69 4.98 -10.13 -4.21
N PHE A 70 4.37 -8.97 -4.41
CA PHE A 70 4.55 -7.85 -3.51
C PHE A 70 3.29 -7.61 -2.69
N SER A 71 3.45 -6.84 -1.63
CA SER A 71 2.33 -6.54 -0.74
C SER A 71 2.03 -5.05 -0.69
N CYS A 72 0.77 -4.71 -0.48
CA CYS A 72 0.35 -3.32 -0.42
C CYS A 72 0.19 -2.89 1.04
N LYS A 73 1.27 -2.42 1.64
CA LYS A 73 1.24 -2.00 3.03
C LYS A 73 0.35 -0.76 3.19
N CYS A 74 -0.41 -0.71 4.28
CA CYS A 74 -1.29 0.44 4.53
C CYS A 74 -1.23 0.86 5.99
N TYR A 75 -0.93 2.14 6.23
CA TYR A 75 -0.85 2.64 7.60
C TYR A 75 -1.31 4.10 7.66
N THR A 76 -1.63 4.57 8.86
CA THR A 76 -2.06 5.94 9.03
C THR A 76 -2.01 6.35 10.49
N GLU A 77 -0.81 6.40 11.04
CA GLU A 77 -0.62 6.76 12.44
C GLU A 77 -1.20 5.69 13.35
N GLU A 78 -1.96 4.77 12.76
CA GLU A 78 -2.58 3.70 13.53
C GLU A 78 -1.52 2.85 14.20
N GLU A 79 -0.48 2.52 13.44
CA GLU A 79 0.61 1.71 13.97
C GLU A 79 1.92 2.16 13.35
N TRP A 80 1.95 3.39 12.86
CA TRP A 80 3.15 3.92 12.22
C TRP A 80 3.79 2.89 11.31
N SER A 81 3.01 1.88 10.94
CA SER A 81 3.50 0.83 10.07
C SER A 81 4.86 0.31 10.57
N LYS A 82 5.54 -0.47 9.73
CA LYS A 82 6.85 -1.01 10.09
C LYS A 82 7.85 0.13 10.33
N ILE A 83 7.82 1.12 9.46
CA ILE A 83 8.74 2.25 9.58
C ILE A 83 8.94 2.63 11.05
N VAL A 84 10.20 2.60 11.48
CA VAL A 84 10.54 2.94 12.85
C VAL A 84 10.25 4.42 13.12
N VAL A 85 10.44 5.24 12.09
CA VAL A 85 10.20 6.67 12.22
C VAL A 85 10.77 7.18 13.54
N LEU A 86 12.02 6.85 13.81
CA LEU A 86 12.67 7.27 15.06
C LEU A 86 11.64 7.60 16.12
N GLU A 87 10.82 6.61 16.47
CA GLU A 87 9.78 6.82 17.48
C GLU A 87 10.40 7.16 18.82
N HIS A 88 11.47 6.45 19.17
CA HIS A 88 12.15 6.68 20.43
C HIS A 88 13.01 7.95 20.35
N HIS A 89 13.10 8.67 21.46
CA HIS A 89 13.90 9.89 21.50
C HIS A 89 15.37 9.58 21.24
N HIS A 90 15.84 8.48 21.82
CA HIS A 90 17.23 8.08 21.65
C HIS A 90 17.38 6.57 21.83
N HIS A 91 18.19 5.95 20.98
CA HIS A 91 18.42 4.52 21.07
C HIS A 91 19.78 4.16 20.49
N HIS A 92 20.32 3.03 20.93
CA HIS A 92 21.62 2.57 20.45
C HIS A 92 21.46 1.75 19.18
N HIS A 93 20.22 1.45 18.82
CA HIS A 93 19.94 0.66 17.61
C HIS A 93 19.87 -0.82 17.97
N MET A 1 -0.56 -14.42 -11.05
CA MET A 1 -0.80 -13.96 -12.44
C MET A 1 -0.15 -12.59 -12.64
N PRO A 2 0.49 -12.40 -13.75
CA PRO A 2 1.16 -11.11 -14.08
C PRO A 2 0.19 -9.93 -14.10
N VAL A 3 0.66 -8.77 -13.67
CA VAL A 3 -0.17 -7.57 -13.64
C VAL A 3 0.63 -6.35 -14.04
N THR A 4 0.05 -5.52 -14.91
CA THR A 4 0.72 -4.32 -15.36
C THR A 4 0.81 -3.29 -14.23
N GLU A 5 2.01 -2.78 -14.01
CA GLU A 5 2.21 -1.78 -12.96
C GLU A 5 1.43 -0.51 -13.25
N GLN A 6 1.48 -0.07 -14.51
CA GLN A 6 0.77 1.13 -14.91
C GLN A 6 -0.74 0.94 -14.76
N GLY A 7 -1.23 -0.21 -15.17
CA GLY A 7 -2.65 -0.52 -15.07
C GLY A 7 -3.08 -0.57 -13.61
N LEU A 8 -2.20 -1.08 -12.76
CA LEU A 8 -2.50 -1.20 -11.33
C LEU A 8 -2.78 0.17 -10.72
N ARG A 9 -1.98 1.16 -11.12
CA ARG A 9 -2.16 2.51 -10.60
C ARG A 9 -3.55 3.03 -10.94
N GLU A 10 -4.00 2.78 -12.15
CA GLU A 10 -5.32 3.22 -12.59
C GLU A 10 -6.41 2.53 -11.78
N ARG A 11 -6.22 1.23 -11.53
CA ARG A 11 -7.18 0.46 -10.76
C ARG A 11 -7.22 0.93 -9.32
N ILE A 12 -6.05 1.21 -8.76
CA ILE A 12 -5.95 1.69 -7.39
C ILE A 12 -6.63 3.05 -7.26
N GLU A 13 -6.37 3.93 -8.22
CA GLU A 13 -6.95 5.25 -8.21
C GLU A 13 -8.48 5.16 -8.31
N SER A 14 -8.96 4.25 -9.15
CA SER A 14 -10.39 4.06 -9.32
C SER A 14 -10.91 3.05 -8.30
N ALA A 15 -9.99 2.34 -7.65
CA ALA A 15 -10.38 1.34 -6.65
C ALA A 15 -10.35 1.95 -5.25
N ILE A 16 -9.81 3.16 -5.16
CA ILE A 16 -9.71 3.84 -3.86
C ILE A 16 -10.13 5.30 -4.01
N PRO A 17 -10.96 5.77 -3.13
CA PRO A 17 -11.46 7.17 -3.14
C PRO A 17 -10.38 8.17 -3.57
N GLN A 18 -10.13 8.23 -4.87
CA GLN A 18 -9.11 9.14 -5.41
C GLN A 18 -8.27 9.73 -4.27
N VAL A 19 -7.60 8.87 -3.52
CA VAL A 19 -6.79 9.32 -2.40
C VAL A 19 -5.98 10.54 -2.78
N TYR A 20 -5.23 11.08 -1.82
CA TYR A 20 -4.44 12.28 -2.07
C TYR A 20 -3.42 12.03 -3.18
N HIS A 21 -2.75 10.88 -3.11
CA HIS A 21 -1.75 10.53 -4.12
C HIS A 21 -1.49 9.03 -4.11
N ILE A 22 -1.32 8.46 -5.31
CA ILE A 22 -1.03 7.04 -5.43
C ILE A 22 0.29 6.82 -6.16
N ILE A 23 1.20 6.08 -5.53
CA ILE A 23 2.50 5.82 -6.14
C ILE A 23 2.70 4.31 -6.33
N VAL A 24 3.03 3.91 -7.55
CA VAL A 24 3.26 2.50 -7.83
C VAL A 24 4.70 2.28 -8.29
N THR A 25 5.45 1.50 -7.51
CA THR A 25 6.84 1.21 -7.85
C THR A 25 7.10 -0.29 -7.74
N ASP A 26 7.68 -0.86 -8.79
CA ASP A 26 8.00 -2.29 -8.79
C ASP A 26 9.44 -2.52 -8.33
N LEU A 27 9.58 -3.04 -7.12
CA LEU A 27 10.91 -3.31 -6.57
C LEU A 27 11.64 -4.35 -7.39
N SER A 28 10.91 -5.39 -7.79
CA SER A 28 11.50 -6.46 -8.60
C SER A 28 11.75 -5.99 -10.02
N TYR A 29 12.71 -6.61 -10.69
CA TYR A 29 13.03 -6.25 -12.07
C TYR A 29 11.82 -6.48 -12.97
N GLY A 30 11.58 -5.53 -13.88
CA GLY A 30 10.45 -5.63 -14.79
C GLY A 30 9.13 -5.58 -14.03
N CYS A 31 8.24 -6.51 -14.34
CA CYS A 31 6.94 -6.57 -13.68
C CYS A 31 6.46 -8.00 -13.57
N GLY A 32 5.50 -8.23 -12.67
CA GLY A 32 4.95 -9.57 -12.48
C GLY A 32 5.67 -10.30 -11.34
N GLN A 33 6.84 -9.79 -10.97
CA GLN A 33 7.61 -10.40 -9.89
C GLN A 33 7.14 -9.87 -8.54
N SER A 34 7.13 -8.55 -8.39
CA SER A 34 6.71 -7.93 -7.14
C SER A 34 6.20 -6.51 -7.39
N PHE A 35 5.23 -6.09 -6.60
CA PHE A 35 4.67 -4.75 -6.74
C PHE A 35 4.65 -4.03 -5.39
N ASP A 36 4.84 -2.72 -5.43
CA ASP A 36 4.83 -1.92 -4.20
C ASP A 36 4.20 -0.56 -4.46
N ILE A 37 3.01 -0.34 -3.90
CA ILE A 37 2.32 0.94 -4.08
C ILE A 37 2.13 1.63 -2.73
N VAL A 38 2.24 2.96 -2.74
CA VAL A 38 2.08 3.74 -1.52
C VAL A 38 1.05 4.85 -1.73
N VAL A 39 0.11 4.97 -0.81
CA VAL A 39 -0.91 6.00 -0.91
C VAL A 39 -1.04 6.76 0.40
N VAL A 40 -1.56 7.98 0.33
CA VAL A 40 -1.73 8.80 1.52
C VAL A 40 -3.20 9.15 1.73
N SER A 41 -3.71 8.84 2.91
CA SER A 41 -5.11 9.12 3.22
C SER A 41 -5.34 9.12 4.73
N ASP A 42 -6.43 9.74 5.15
CA ASP A 42 -6.76 9.80 6.57
C ASP A 42 -7.16 8.42 7.09
N PHE A 43 -7.34 7.48 6.16
CA PHE A 43 -7.73 6.13 6.53
C PHE A 43 -6.70 5.52 7.50
N PHE A 44 -5.45 5.93 7.35
CA PHE A 44 -4.38 5.42 8.21
C PHE A 44 -4.30 6.23 9.50
N GLN A 45 -5.19 7.21 9.64
CA GLN A 45 -5.21 8.03 10.84
C GLN A 45 -6.26 7.50 11.82
N GLY A 46 -5.79 7.04 12.99
CA GLY A 46 -6.69 6.51 14.01
C GLY A 46 -7.09 5.07 13.67
N LYS A 47 -6.50 4.52 12.61
CA LYS A 47 -6.82 3.16 12.21
C LYS A 47 -5.54 2.34 12.07
N SER A 48 -5.64 1.06 12.42
CA SER A 48 -4.49 0.16 12.33
C SER A 48 -4.13 -0.10 10.86
N LYS A 49 -2.86 -0.38 10.61
CA LYS A 49 -2.39 -0.64 9.26
C LYS A 49 -3.09 -1.87 8.68
N LEU A 50 -3.37 -2.84 9.55
CA LEU A 50 -4.03 -4.07 9.13
C LEU A 50 -5.40 -3.75 8.54
N MET A 51 -6.09 -2.79 9.13
CA MET A 51 -7.41 -2.39 8.64
C MET A 51 -7.31 -1.87 7.21
N ARG A 52 -6.22 -1.18 6.90
CA ARG A 52 -6.02 -0.63 5.56
C ARG A 52 -6.01 -1.76 4.53
N SER A 53 -5.41 -2.88 4.89
CA SER A 53 -5.34 -4.03 3.99
C SER A 53 -6.73 -4.50 3.60
N ARG A 54 -7.62 -4.54 4.58
CA ARG A 54 -9.00 -4.98 4.32
C ARG A 54 -9.68 -4.04 3.33
N ALA A 55 -9.51 -2.73 3.55
CA ALA A 55 -10.12 -1.74 2.67
C ALA A 55 -9.52 -1.84 1.26
N VAL A 56 -8.22 -2.03 1.20
CA VAL A 56 -7.54 -2.14 -0.08
C VAL A 56 -7.99 -3.39 -0.84
N ASN A 57 -8.11 -4.50 -0.11
CA ASN A 57 -8.54 -5.76 -0.73
C ASN A 57 -9.91 -5.60 -1.34
N LYS A 58 -10.85 -5.01 -0.61
CA LYS A 58 -12.19 -4.78 -1.13
C LYS A 58 -12.16 -3.81 -2.29
N ALA A 59 -11.36 -2.75 -2.16
CA ALA A 59 -11.25 -1.75 -3.22
C ALA A 59 -10.67 -2.36 -4.49
N VAL A 60 -9.65 -3.20 -4.31
CA VAL A 60 -9.00 -3.84 -5.45
C VAL A 60 -8.93 -5.35 -5.24
N LYS A 61 -10.05 -5.94 -4.83
CA LYS A 61 -10.10 -7.37 -4.58
C LYS A 61 -9.84 -8.15 -5.87
N GLU A 62 -10.30 -7.59 -6.99
CA GLU A 62 -10.11 -8.24 -8.29
C GLU A 62 -8.63 -8.28 -8.64
N GLU A 63 -7.92 -7.20 -8.37
CA GLU A 63 -6.49 -7.11 -8.65
C GLU A 63 -5.71 -8.04 -7.72
N LEU A 64 -6.27 -8.30 -6.54
CA LEU A 64 -5.60 -9.13 -5.55
C LEU A 64 -5.40 -10.54 -6.10
N GLN A 65 -6.41 -11.06 -6.78
CA GLN A 65 -6.32 -12.41 -7.34
C GLN A 65 -5.19 -12.47 -8.38
N GLU A 66 -5.06 -11.42 -9.17
CA GLU A 66 -4.00 -11.36 -10.18
C GLU A 66 -2.67 -11.04 -9.52
N ILE A 67 -2.72 -10.32 -8.39
CA ILE A 67 -1.49 -9.93 -7.70
C ILE A 67 -1.31 -10.77 -6.44
N HIS A 68 -0.19 -11.46 -6.36
CA HIS A 68 0.09 -12.31 -5.20
C HIS A 68 1.16 -11.68 -4.31
N ALA A 69 2.09 -10.97 -4.93
CA ALA A 69 3.16 -10.33 -4.18
C ALA A 69 3.14 -8.82 -4.41
N PHE A 70 2.49 -8.10 -3.50
CA PHE A 70 2.41 -6.64 -3.61
C PHE A 70 2.37 -6.01 -2.22
N SER A 71 2.70 -4.72 -2.16
CA SER A 71 2.69 -4.00 -0.89
C SER A 71 1.84 -2.74 -1.00
N CYS A 72 1.23 -2.35 0.12
CA CYS A 72 0.38 -1.16 0.13
C CYS A 72 0.75 -0.25 1.29
N LYS A 73 2.01 0.16 1.34
CA LYS A 73 2.47 1.03 2.41
C LYS A 73 1.74 2.37 2.36
N CYS A 74 1.17 2.77 3.49
CA CYS A 74 0.43 4.03 3.56
C CYS A 74 0.94 4.88 4.71
N TYR A 75 0.88 6.20 4.54
CA TYR A 75 1.32 7.13 5.57
C TYR A 75 0.48 8.39 5.56
N THR A 76 0.51 9.12 6.66
CA THR A 76 -0.25 10.37 6.77
C THR A 76 0.36 11.29 7.82
N GLU A 77 1.68 11.42 7.78
CA GLU A 77 2.38 12.28 8.73
C GLU A 77 2.41 11.62 10.11
N GLU A 78 1.55 10.62 10.30
CA GLU A 78 1.49 9.92 11.58
C GLU A 78 2.81 9.17 11.84
N GLU A 79 3.37 8.61 10.79
CA GLU A 79 4.63 7.87 10.91
C GLU A 79 5.70 8.74 11.55
N TRP A 80 5.48 10.05 11.54
CA TRP A 80 6.44 10.98 12.12
C TRP A 80 6.24 11.07 13.64
N SER A 81 5.54 10.09 14.20
CA SER A 81 5.28 10.07 15.63
C SER A 81 6.61 10.06 16.40
N LYS A 82 7.55 9.25 15.94
CA LYS A 82 8.86 9.17 16.58
C LYS A 82 9.94 9.68 15.64
N ILE A 83 10.84 10.50 16.18
CA ILE A 83 11.91 11.09 15.37
C ILE A 83 12.81 9.98 14.82
N VAL A 84 13.18 9.03 15.68
CA VAL A 84 14.03 7.93 15.26
C VAL A 84 13.34 7.09 14.19
N VAL A 85 12.09 6.75 14.43
CA VAL A 85 11.31 5.96 13.47
C VAL A 85 12.18 4.84 12.89
N LEU A 86 13.29 4.55 13.56
CA LEU A 86 14.20 3.51 13.10
C LEU A 86 14.34 2.42 14.15
N GLU A 87 13.75 2.64 15.31
CA GLU A 87 13.82 1.67 16.40
C GLU A 87 12.94 0.46 16.08
N HIS A 88 13.57 -0.71 15.98
CA HIS A 88 12.84 -1.94 15.70
C HIS A 88 13.69 -3.16 16.04
N HIS A 89 14.81 -2.93 16.70
CA HIS A 89 15.70 -4.02 17.08
C HIS A 89 15.01 -4.96 18.06
N HIS A 90 14.24 -4.39 18.98
CA HIS A 90 13.52 -5.19 19.96
C HIS A 90 12.16 -4.59 20.27
N HIS A 91 11.29 -5.38 20.89
CA HIS A 91 9.94 -4.91 21.22
C HIS A 91 9.67 -5.12 22.70
N HIS A 92 8.98 -4.16 23.32
CA HIS A 92 8.66 -4.25 24.74
C HIS A 92 7.51 -5.24 24.95
N HIS A 93 7.39 -5.75 26.18
CA HIS A 93 6.35 -6.70 26.50
C HIS A 93 5.50 -6.18 27.67
N MET A 1 0.17 -8.42 -20.53
CA MET A 1 0.34 -7.14 -19.79
C MET A 1 -0.93 -6.82 -19.01
N PRO A 2 -1.37 -7.74 -18.21
CA PRO A 2 -2.61 -7.56 -17.38
C PRO A 2 -2.49 -6.41 -16.39
N VAL A 3 -1.26 -6.18 -15.90
CA VAL A 3 -1.02 -5.12 -14.95
C VAL A 3 0.37 -4.51 -15.16
N THR A 4 0.48 -3.20 -15.03
CA THR A 4 1.76 -2.53 -15.19
C THR A 4 2.03 -1.60 -14.02
N GLU A 5 3.31 -1.40 -13.71
CA GLU A 5 3.68 -0.52 -12.60
C GLU A 5 3.24 0.91 -12.86
N GLN A 6 3.49 1.38 -14.08
CA GLN A 6 3.10 2.75 -14.44
C GLN A 6 1.58 2.86 -14.53
N GLY A 7 0.96 1.85 -15.13
CA GLY A 7 -0.49 1.82 -15.27
C GLY A 7 -1.16 1.60 -13.92
N LEU A 8 -0.50 0.85 -13.06
CA LEU A 8 -1.06 0.54 -11.74
C LEU A 8 -1.27 1.83 -10.96
N ARG A 9 -0.33 2.74 -11.03
CA ARG A 9 -0.44 4.00 -10.31
C ARG A 9 -1.71 4.74 -10.74
N GLU A 10 -1.96 4.76 -12.04
CA GLU A 10 -3.15 5.43 -12.55
C GLU A 10 -4.42 4.72 -12.08
N ARG A 11 -4.37 3.39 -12.08
CA ARG A 11 -5.51 2.60 -11.65
C ARG A 11 -5.78 2.83 -10.16
N ILE A 12 -4.70 2.85 -9.38
CA ILE A 12 -4.81 3.06 -7.94
C ILE A 12 -5.38 4.44 -7.65
N GLU A 13 -4.88 5.44 -8.38
CA GLU A 13 -5.35 6.81 -8.22
C GLU A 13 -6.85 6.89 -8.50
N SER A 14 -7.28 6.17 -9.53
CA SER A 14 -8.69 6.16 -9.89
C SER A 14 -9.44 5.08 -9.11
N ALA A 15 -8.67 4.19 -8.47
CA ALA A 15 -9.27 3.12 -7.69
C ALA A 15 -9.37 3.52 -6.22
N ILE A 16 -8.77 4.65 -5.89
CA ILE A 16 -8.80 5.14 -4.51
C ILE A 16 -8.72 6.65 -4.48
N PRO A 17 -9.49 7.27 -3.62
CA PRO A 17 -9.51 8.76 -3.49
C PRO A 17 -8.15 9.33 -3.14
N GLN A 18 -7.83 10.50 -3.69
CA GLN A 18 -6.55 11.14 -3.44
C GLN A 18 -6.23 11.11 -1.94
N VAL A 19 -5.73 9.98 -1.47
CA VAL A 19 -5.40 9.83 -0.06
C VAL A 19 -4.15 10.63 0.29
N TYR A 20 -3.54 10.29 1.42
CA TYR A 20 -2.33 11.00 1.85
C TYR A 20 -1.22 10.86 0.82
N HIS A 21 -0.98 9.63 0.37
CA HIS A 21 0.05 9.38 -0.63
C HIS A 21 0.13 7.90 -0.96
N ILE A 22 0.28 7.58 -2.24
CA ILE A 22 0.38 6.20 -2.67
C ILE A 22 1.60 6.00 -3.56
N ILE A 23 2.41 5.00 -3.24
CA ILE A 23 3.61 4.71 -4.01
C ILE A 23 3.61 3.28 -4.52
N VAL A 24 3.86 3.12 -5.82
CA VAL A 24 3.89 1.78 -6.40
C VAL A 24 5.30 1.45 -6.91
N THR A 25 5.88 0.39 -6.35
CA THR A 25 7.22 -0.03 -6.75
C THR A 25 7.23 -1.51 -7.13
N ASP A 26 7.78 -1.82 -8.29
CA ASP A 26 7.85 -3.20 -8.75
C ASP A 26 9.17 -3.84 -8.33
N LEU A 27 9.11 -4.74 -7.35
CA LEU A 27 10.31 -5.42 -6.87
C LEU A 27 10.91 -6.29 -7.98
N SER A 28 10.05 -6.96 -8.73
CA SER A 28 10.50 -7.82 -9.82
C SER A 28 10.99 -6.99 -10.99
N TYR A 29 11.70 -7.63 -11.92
CA TYR A 29 12.22 -6.93 -13.08
C TYR A 29 11.28 -7.10 -14.27
N GLY A 30 10.95 -5.99 -14.92
CA GLY A 30 10.06 -6.02 -16.08
C GLY A 30 8.60 -6.00 -15.63
N CYS A 31 7.69 -5.84 -16.59
CA CYS A 31 6.26 -5.80 -16.28
C CYS A 31 6.04 -5.43 -14.82
N GLY A 32 5.10 -6.11 -14.18
CA GLY A 32 4.80 -5.85 -12.78
C GLY A 32 4.19 -7.08 -12.10
N GLN A 33 4.89 -8.20 -12.22
CA GLN A 33 4.41 -9.45 -11.62
C GLN A 33 4.32 -9.30 -10.10
N SER A 34 5.34 -8.66 -9.51
CA SER A 34 5.35 -8.45 -8.08
C SER A 34 5.81 -7.03 -7.75
N PHE A 35 5.05 -6.36 -6.88
CA PHE A 35 5.37 -4.99 -6.49
C PHE A 35 4.84 -4.67 -5.11
N ASP A 36 5.44 -3.68 -4.45
CA ASP A 36 5.00 -3.28 -3.12
C ASP A 36 4.49 -1.84 -3.14
N ILE A 37 3.17 -1.68 -3.01
CA ILE A 37 2.58 -0.35 -3.00
C ILE A 37 2.28 0.10 -1.58
N VAL A 38 2.43 1.39 -1.34
CA VAL A 38 2.18 1.93 -0.02
C VAL A 38 1.03 2.92 -0.05
N VAL A 39 0.06 2.72 0.83
CA VAL A 39 -1.11 3.59 0.88
C VAL A 39 -1.24 4.22 2.26
N VAL A 40 -1.37 5.54 2.30
CA VAL A 40 -1.51 6.25 3.57
C VAL A 40 -2.83 7.02 3.60
N SER A 41 -3.68 6.68 4.56
CA SER A 41 -4.97 7.36 4.70
C SER A 41 -5.56 7.12 6.09
N ASP A 42 -6.51 7.96 6.47
CA ASP A 42 -7.15 7.81 7.78
C ASP A 42 -8.04 6.57 7.80
N PHE A 43 -8.26 5.99 6.62
CA PHE A 43 -9.09 4.80 6.50
C PHE A 43 -8.51 3.67 7.34
N PHE A 44 -7.19 3.69 7.53
CA PHE A 44 -6.52 2.66 8.32
C PHE A 44 -6.58 2.99 9.80
N GLN A 45 -7.22 4.11 10.13
CA GLN A 45 -7.36 4.53 11.53
C GLN A 45 -8.49 3.76 12.20
N GLY A 46 -8.18 3.10 13.31
CA GLY A 46 -9.17 2.33 14.05
C GLY A 46 -9.37 0.96 13.42
N LYS A 47 -8.60 0.67 12.38
CA LYS A 47 -8.70 -0.61 11.70
C LYS A 47 -7.32 -1.23 11.53
N SER A 48 -7.28 -2.57 11.53
CA SER A 48 -6.02 -3.29 11.38
C SER A 48 -5.59 -3.31 9.92
N LYS A 49 -4.36 -3.76 9.68
CA LYS A 49 -3.83 -3.84 8.32
C LYS A 49 -4.69 -4.75 7.47
N LEU A 50 -5.17 -5.83 8.07
CA LEU A 50 -6.00 -6.79 7.35
C LEU A 50 -7.26 -6.12 6.82
N MET A 51 -7.87 -5.27 7.65
CA MET A 51 -9.08 -4.56 7.25
C MET A 51 -8.79 -3.58 6.12
N ARG A 52 -7.63 -2.93 6.20
CA ARG A 52 -7.23 -1.96 5.18
C ARG A 52 -7.12 -2.64 3.83
N SER A 53 -6.51 -3.83 3.81
CA SER A 53 -6.34 -4.57 2.58
C SER A 53 -7.70 -4.91 1.97
N ARG A 54 -8.66 -5.24 2.82
CA ARG A 54 -9.99 -5.59 2.35
C ARG A 54 -10.62 -4.41 1.61
N ALA A 55 -10.52 -3.22 2.21
CA ALA A 55 -11.08 -2.02 1.59
C ALA A 55 -10.37 -1.69 0.29
N VAL A 56 -9.03 -1.79 0.32
CA VAL A 56 -8.23 -1.49 -0.87
C VAL A 56 -8.41 -2.59 -1.91
N ASN A 57 -8.56 -3.82 -1.44
CA ASN A 57 -8.72 -4.96 -2.34
C ASN A 57 -9.97 -4.79 -3.18
N LYS A 58 -11.04 -4.29 -2.56
CA LYS A 58 -12.30 -4.09 -3.28
C LYS A 58 -12.11 -3.08 -4.41
N ALA A 59 -11.36 -2.02 -4.14
CA ALA A 59 -11.11 -1.01 -5.16
C ALA A 59 -10.36 -1.62 -6.34
N VAL A 60 -9.40 -2.49 -6.03
CA VAL A 60 -8.60 -3.14 -7.06
C VAL A 60 -8.68 -4.66 -6.92
N LYS A 61 -9.89 -5.17 -6.72
CA LYS A 61 -10.09 -6.59 -6.56
C LYS A 61 -9.64 -7.34 -7.81
N GLU A 62 -9.95 -6.78 -8.97
CA GLU A 62 -9.58 -7.41 -10.23
C GLU A 62 -8.06 -7.53 -10.33
N GLU A 63 -7.36 -6.48 -9.92
CA GLU A 63 -5.89 -6.49 -9.97
C GLU A 63 -5.34 -7.52 -8.98
N LEU A 64 -5.94 -7.60 -7.81
CA LEU A 64 -5.49 -8.54 -6.79
C LEU A 64 -5.68 -9.98 -7.27
N GLN A 65 -6.80 -10.25 -7.91
CA GLN A 65 -7.08 -11.59 -8.41
C GLN A 65 -6.04 -11.99 -9.45
N GLU A 66 -5.67 -11.04 -10.30
CA GLU A 66 -4.67 -11.31 -11.33
C GLU A 66 -3.27 -11.34 -10.71
N ILE A 67 -3.07 -10.54 -9.66
CA ILE A 67 -1.76 -10.49 -9.01
C ILE A 67 -1.84 -11.07 -7.61
N HIS A 68 -1.02 -12.08 -7.34
CA HIS A 68 -1.01 -12.72 -6.02
C HIS A 68 0.31 -12.45 -5.32
N ALA A 69 1.15 -11.60 -5.92
CA ALA A 69 2.45 -11.29 -5.34
C ALA A 69 2.60 -9.78 -5.17
N PHE A 70 1.68 -9.18 -4.42
CA PHE A 70 1.74 -7.74 -4.18
C PHE A 70 1.22 -7.41 -2.79
N SER A 71 1.62 -6.26 -2.26
CA SER A 71 1.18 -5.84 -0.94
C SER A 71 0.69 -4.39 -0.97
N CYS A 72 -0.29 -4.09 -0.11
CA CYS A 72 -0.84 -2.74 -0.04
C CYS A 72 -0.25 -1.97 1.13
N LYS A 73 0.96 -2.36 1.55
CA LYS A 73 1.63 -1.70 2.68
C LYS A 73 0.94 -0.38 3.01
N CYS A 74 -0.09 -0.45 3.86
CA CYS A 74 -0.83 0.74 4.25
C CYS A 74 -0.62 1.05 5.72
N TYR A 75 -0.28 2.30 6.01
CA TYR A 75 -0.05 2.73 7.39
C TYR A 75 -0.48 4.18 7.58
N THR A 76 -0.65 4.57 8.84
CA THR A 76 -1.06 5.93 9.16
C THR A 76 -0.29 6.47 10.36
N GLU A 77 0.85 5.84 10.67
CA GLU A 77 1.66 6.26 11.81
C GLU A 77 1.32 5.43 13.04
N GLU A 78 0.31 4.58 12.93
CA GLU A 78 -0.10 3.74 14.04
C GLU A 78 1.02 2.77 14.42
N GLU A 79 1.72 2.26 13.42
CA GLU A 79 2.82 1.33 13.66
C GLU A 79 3.87 1.98 14.56
N TRP A 80 3.90 3.30 14.56
CA TRP A 80 4.86 4.03 15.39
C TRP A 80 4.55 3.82 16.87
N SER A 81 3.51 3.04 17.15
CA SER A 81 3.11 2.80 18.54
C SER A 81 4.33 2.66 19.44
N LYS A 82 4.69 1.41 19.73
CA LYS A 82 5.84 1.14 20.59
C LYS A 82 7.12 1.66 19.95
N ILE A 83 7.27 1.42 18.65
CA ILE A 83 8.46 1.87 17.93
C ILE A 83 8.40 3.38 17.69
N VAL A 84 9.52 4.05 17.92
CA VAL A 84 9.59 5.50 17.73
C VAL A 84 10.57 5.85 16.63
N VAL A 85 10.09 6.56 15.62
CA VAL A 85 10.94 6.97 14.50
C VAL A 85 11.12 8.49 14.47
N LEU A 86 10.19 9.19 15.10
CA LEU A 86 10.25 10.65 15.14
C LEU A 86 11.51 11.12 15.86
N GLU A 87 11.81 10.47 16.99
CA GLU A 87 13.00 10.83 17.76
C GLU A 87 14.22 10.09 17.24
N HIS A 88 14.98 10.73 16.36
CA HIS A 88 16.17 10.13 15.79
C HIS A 88 17.22 9.89 16.88
N HIS A 89 17.33 10.84 17.80
CA HIS A 89 18.29 10.73 18.89
C HIS A 89 17.95 9.55 19.79
N HIS A 90 16.65 9.35 20.03
CA HIS A 90 16.19 8.25 20.87
C HIS A 90 16.39 6.91 20.16
N HIS A 91 16.99 5.97 20.86
CA HIS A 91 17.24 4.65 20.28
C HIS A 91 16.62 3.56 21.16
N HIS A 92 16.13 2.50 20.52
CA HIS A 92 15.53 1.40 21.26
C HIS A 92 15.72 0.09 20.51
N HIS A 93 15.52 -1.03 21.21
CA HIS A 93 15.69 -2.34 20.61
C HIS A 93 14.47 -3.21 20.89
N MET A 1 -7.29 -10.45 -20.66
CA MET A 1 -7.40 -9.10 -20.02
C MET A 1 -6.03 -8.70 -19.47
N PRO A 2 -5.15 -8.25 -20.32
CA PRO A 2 -3.78 -7.81 -19.91
C PRO A 2 -3.80 -6.52 -19.12
N VAL A 3 -2.78 -6.33 -18.28
CA VAL A 3 -2.69 -5.13 -17.46
C VAL A 3 -1.25 -4.62 -17.44
N THR A 4 -1.10 -3.30 -17.25
CA THR A 4 0.23 -2.71 -17.21
C THR A 4 0.48 -2.05 -15.85
N GLU A 5 1.74 -2.07 -15.42
CA GLU A 5 2.10 -1.47 -14.14
C GLU A 5 1.82 0.03 -14.16
N GLN A 6 2.19 0.68 -15.26
CA GLN A 6 1.97 2.11 -15.41
C GLN A 6 0.47 2.41 -15.49
N GLY A 7 -0.25 1.59 -16.24
CA GLY A 7 -1.69 1.76 -16.38
C GLY A 7 -2.40 1.51 -15.05
N LEU A 8 -1.85 0.61 -14.25
CA LEU A 8 -2.43 0.27 -12.96
C LEU A 8 -2.62 1.51 -12.11
N ARG A 9 -1.80 2.53 -12.35
CA ARG A 9 -1.90 3.78 -11.60
C ARG A 9 -3.28 4.40 -11.79
N GLU A 10 -3.76 4.41 -13.03
CA GLU A 10 -5.09 4.94 -13.33
C GLU A 10 -6.17 4.10 -12.66
N ARG A 11 -6.02 2.78 -12.73
CA ARG A 11 -6.99 1.87 -12.13
C ARG A 11 -7.03 2.07 -10.62
N ILE A 12 -5.84 2.21 -10.01
CA ILE A 12 -5.76 2.42 -8.57
C ILE A 12 -6.43 3.73 -8.18
N GLU A 13 -6.16 4.78 -8.97
CA GLU A 13 -6.77 6.08 -8.71
C GLU A 13 -8.29 5.98 -8.77
N SER A 14 -8.79 5.23 -9.74
CA SER A 14 -10.24 5.04 -9.88
C SER A 14 -10.76 4.07 -8.83
N ALA A 15 -9.86 3.21 -8.33
CA ALA A 15 -10.24 2.23 -7.32
C ALA A 15 -9.97 2.76 -5.91
N ILE A 16 -9.33 3.93 -5.85
CA ILE A 16 -9.00 4.54 -4.57
C ILE A 16 -8.78 6.04 -4.76
N PRO A 17 -9.25 6.82 -3.83
CA PRO A 17 -9.09 8.31 -3.88
C PRO A 17 -7.62 8.74 -3.83
N GLN A 18 -7.35 9.91 -4.39
CA GLN A 18 -5.98 10.42 -4.42
C GLN A 18 -5.26 10.13 -3.11
N VAL A 19 -6.05 9.84 -2.06
CA VAL A 19 -5.47 9.54 -0.75
C VAL A 19 -4.29 10.45 -0.43
N TYR A 20 -3.61 10.16 0.66
CA TYR A 20 -2.45 10.98 1.06
C TYR A 20 -1.39 10.95 -0.02
N HIS A 21 -1.04 9.76 -0.49
CA HIS A 21 -0.03 9.61 -1.53
C HIS A 21 0.03 8.17 -2.03
N ILE A 22 0.35 8.00 -3.31
CA ILE A 22 0.47 6.67 -3.90
C ILE A 22 1.74 6.56 -4.74
N ILE A 23 2.52 5.51 -4.48
CA ILE A 23 3.76 5.30 -5.22
C ILE A 23 3.75 3.94 -5.92
N VAL A 24 4.08 3.95 -7.21
CA VAL A 24 4.12 2.70 -7.98
C VAL A 24 5.55 2.39 -8.41
N THR A 25 6.07 1.27 -7.91
CA THR A 25 7.43 0.85 -8.24
C THR A 25 7.46 -0.62 -8.65
N ASP A 26 8.20 -0.93 -9.69
CA ASP A 26 8.30 -2.30 -10.16
C ASP A 26 9.25 -3.12 -9.28
N LEU A 27 8.73 -4.19 -8.70
CA LEU A 27 9.53 -5.05 -7.82
C LEU A 27 8.95 -6.46 -7.78
N SER A 28 7.94 -6.66 -6.93
CA SER A 28 7.30 -7.96 -6.80
C SER A 28 6.61 -8.35 -8.10
N TYR A 29 6.71 -9.63 -8.45
CA TYR A 29 6.11 -10.13 -9.68
C TYR A 29 4.80 -9.40 -9.95
N GLY A 30 4.43 -9.31 -11.23
CA GLY A 30 3.21 -8.62 -11.63
C GLY A 30 3.35 -7.99 -13.00
N CYS A 31 2.38 -7.16 -13.37
CA CYS A 31 2.42 -6.49 -14.67
C CYS A 31 3.43 -5.36 -14.68
N GLY A 32 3.89 -4.99 -15.87
CA GLY A 32 4.86 -3.91 -16.00
C GLY A 32 6.16 -4.23 -15.27
N GLN A 33 6.57 -5.50 -15.33
CA GLN A 33 7.79 -5.93 -14.66
C GLN A 33 7.60 -5.92 -13.14
N SER A 34 6.70 -6.79 -12.66
CA SER A 34 6.43 -6.88 -11.22
C SER A 34 5.72 -5.63 -10.72
N PHE A 35 4.71 -5.81 -9.87
CA PHE A 35 3.96 -4.68 -9.32
C PHE A 35 4.28 -4.49 -7.84
N ASP A 36 4.94 -3.38 -7.53
CA ASP A 36 5.28 -3.07 -6.15
C ASP A 36 4.98 -1.61 -5.87
N ILE A 37 3.85 -1.35 -5.23
CA ILE A 37 3.44 0.01 -4.92
C ILE A 37 3.17 0.19 -3.44
N VAL A 38 3.24 1.43 -2.98
CA VAL A 38 3.01 1.73 -1.57
C VAL A 38 1.85 2.73 -1.43
N VAL A 39 0.89 2.39 -0.57
CA VAL A 39 -0.27 3.24 -0.36
C VAL A 39 -0.31 3.76 1.07
N VAL A 40 -0.40 5.08 1.21
CA VAL A 40 -0.45 5.70 2.52
C VAL A 40 -1.65 6.63 2.63
N SER A 41 -2.44 6.47 3.70
CA SER A 41 -3.63 7.30 3.89
C SER A 41 -4.20 7.10 5.30
N ASP A 42 -5.19 7.92 5.64
CA ASP A 42 -5.83 7.83 6.96
C ASP A 42 -6.68 6.57 7.07
N PHE A 43 -6.94 5.92 5.95
CA PHE A 43 -7.74 4.71 5.92
C PHE A 43 -7.14 3.64 6.85
N PHE A 44 -5.86 3.81 7.18
CA PHE A 44 -5.18 2.85 8.04
C PHE A 44 -5.46 3.16 9.50
N GLN A 45 -6.23 4.21 9.75
CA GLN A 45 -6.55 4.60 11.11
C GLN A 45 -7.41 3.52 11.77
N GLY A 46 -6.93 3.00 12.91
CA GLY A 46 -7.66 1.96 13.62
C GLY A 46 -7.59 0.64 12.87
N LYS A 47 -6.68 0.54 11.91
CA LYS A 47 -6.53 -0.68 11.14
C LYS A 47 -5.05 -1.08 11.06
N SER A 48 -4.81 -2.39 11.02
CA SER A 48 -3.45 -2.90 10.94
C SER A 48 -3.00 -3.04 9.48
N LYS A 49 -1.76 -3.45 9.28
CA LYS A 49 -1.22 -3.62 7.94
C LYS A 49 -2.05 -4.65 7.16
N LEU A 50 -2.50 -5.69 7.85
CA LEU A 50 -3.32 -6.72 7.23
C LEU A 50 -4.65 -6.13 6.76
N MET A 51 -5.21 -5.25 7.57
CA MET A 51 -6.49 -4.63 7.24
C MET A 51 -6.36 -3.81 5.96
N ARG A 52 -5.21 -3.15 5.80
CA ARG A 52 -4.97 -2.31 4.64
C ARG A 52 -5.01 -3.13 3.35
N SER A 53 -4.39 -4.30 3.38
CA SER A 53 -4.37 -5.18 2.21
C SER A 53 -5.79 -5.64 1.85
N ARG A 54 -6.56 -6.01 2.86
CA ARG A 54 -7.93 -6.47 2.65
C ARG A 54 -8.79 -5.37 2.03
N ALA A 55 -8.68 -4.16 2.58
CA ALA A 55 -9.46 -3.04 2.08
C ALA A 55 -9.08 -2.72 0.64
N VAL A 56 -7.77 -2.74 0.36
CA VAL A 56 -7.29 -2.46 -1.00
C VAL A 56 -7.62 -3.61 -1.94
N ASN A 57 -7.54 -4.84 -1.43
CA ASN A 57 -7.81 -6.01 -2.24
C ASN A 57 -9.26 -6.00 -2.71
N LYS A 58 -10.17 -5.60 -1.82
CA LYS A 58 -11.58 -5.54 -2.17
C LYS A 58 -11.82 -4.51 -3.27
N ALA A 59 -11.17 -3.36 -3.16
CA ALA A 59 -11.29 -2.31 -4.16
C ALA A 59 -10.72 -2.78 -5.49
N VAL A 60 -9.60 -3.49 -5.42
CA VAL A 60 -8.94 -3.98 -6.63
C VAL A 60 -9.00 -5.51 -6.70
N LYS A 61 -10.12 -6.07 -6.25
CA LYS A 61 -10.29 -7.52 -6.25
C LYS A 61 -10.20 -8.07 -7.68
N GLU A 62 -10.87 -7.40 -8.61
CA GLU A 62 -10.85 -7.83 -10.01
C GLU A 62 -9.44 -7.68 -10.59
N GLU A 63 -8.76 -6.61 -10.20
CA GLU A 63 -7.40 -6.36 -10.69
C GLU A 63 -6.47 -7.49 -10.26
N LEU A 64 -6.67 -7.99 -9.05
CA LEU A 64 -5.83 -9.06 -8.52
C LEU A 64 -5.96 -10.30 -9.40
N GLN A 65 -7.19 -10.62 -9.79
CA GLN A 65 -7.45 -11.78 -10.64
C GLN A 65 -6.78 -11.60 -12.00
N GLU A 66 -6.82 -10.37 -12.52
CA GLU A 66 -6.21 -10.08 -13.81
C GLU A 66 -4.69 -10.01 -13.67
N ILE A 67 -4.23 -9.60 -12.49
CA ILE A 67 -2.80 -9.48 -12.26
C ILE A 67 -2.25 -10.76 -11.64
N HIS A 68 -1.21 -11.30 -12.26
CA HIS A 68 -0.59 -12.54 -11.77
C HIS A 68 -0.05 -12.35 -10.36
N ALA A 69 0.67 -11.25 -10.13
CA ALA A 69 1.23 -10.97 -8.82
C ALA A 69 1.45 -9.47 -8.61
N PHE A 70 0.98 -8.96 -7.49
CA PHE A 70 1.15 -7.54 -7.17
C PHE A 70 1.25 -7.33 -5.66
N SER A 71 1.78 -6.19 -5.26
CA SER A 71 1.91 -5.87 -3.84
C SER A 71 1.41 -4.45 -3.57
N CYS A 72 0.90 -4.23 -2.36
CA CYS A 72 0.39 -2.90 -2.00
C CYS A 72 0.71 -2.60 -0.54
N LYS A 73 1.93 -2.10 -0.30
CA LYS A 73 2.36 -1.77 1.05
C LYS A 73 1.45 -0.72 1.67
N CYS A 74 1.19 -0.83 2.96
CA CYS A 74 0.34 0.12 3.65
C CYS A 74 1.05 0.73 4.85
N TYR A 75 1.26 2.05 4.80
CA TYR A 75 1.94 2.76 5.89
C TYR A 75 1.35 4.16 6.07
N THR A 76 1.58 4.72 7.26
CA THR A 76 1.09 6.06 7.57
C THR A 76 1.89 6.67 8.72
N GLU A 77 2.31 5.83 9.66
CA GLU A 77 3.08 6.28 10.81
C GLU A 77 2.92 5.31 11.99
N GLU A 78 1.78 4.62 12.03
CA GLU A 78 1.51 3.67 13.11
C GLU A 78 2.52 2.53 13.08
N GLU A 79 2.92 2.14 11.87
CA GLU A 79 3.87 1.04 11.71
C GLU A 79 5.17 1.37 12.45
N TRP A 80 5.37 2.65 12.74
CA TRP A 80 6.58 3.08 13.44
C TRP A 80 6.65 2.41 14.82
N SER A 81 5.49 2.18 15.43
CA SER A 81 5.43 1.57 16.75
C SER A 81 6.26 2.36 17.76
N LYS A 82 6.07 2.06 19.04
CA LYS A 82 6.80 2.76 20.10
C LYS A 82 8.30 2.53 19.96
N ILE A 83 8.68 1.30 19.62
CA ILE A 83 10.10 0.96 19.48
C ILE A 83 10.98 2.03 20.12
N VAL A 84 11.68 2.80 19.27
CA VAL A 84 12.55 3.85 19.78
C VAL A 84 12.35 5.14 18.97
N VAL A 85 12.74 6.27 19.59
CA VAL A 85 12.62 7.57 18.93
C VAL A 85 13.52 8.59 19.62
N LEU A 86 13.00 9.23 20.68
CA LEU A 86 13.78 10.22 21.41
C LEU A 86 14.55 9.58 22.57
N GLU A 87 14.33 8.29 22.76
CA GLU A 87 15.02 7.57 23.84
C GLU A 87 14.65 8.16 25.19
N HIS A 88 13.41 7.95 25.61
CA HIS A 88 12.94 8.47 26.89
C HIS A 88 13.66 7.76 28.04
N HIS A 89 14.06 6.52 27.81
CA HIS A 89 14.74 5.74 28.83
C HIS A 89 16.02 6.43 29.27
N HIS A 90 16.80 6.91 28.30
CA HIS A 90 18.05 7.60 28.60
C HIS A 90 17.79 8.84 29.44
N HIS A 91 16.78 9.62 29.06
CA HIS A 91 16.44 10.84 29.79
C HIS A 91 14.96 11.16 29.64
N HIS A 92 14.45 12.02 30.52
CA HIS A 92 13.05 12.40 30.47
C HIS A 92 12.15 11.17 30.40
N HIS A 93 12.50 10.16 31.20
CA HIS A 93 11.72 8.91 31.21
C HIS A 93 10.28 9.21 31.60
N MET A 1 -6.99 -9.12 -20.50
CA MET A 1 -6.55 -7.71 -20.57
C MET A 1 -5.76 -7.35 -19.32
N PRO A 2 -4.49 -7.08 -19.48
CA PRO A 2 -3.59 -6.72 -18.35
C PRO A 2 -4.06 -5.47 -17.61
N VAL A 3 -3.87 -5.46 -16.29
CA VAL A 3 -4.29 -4.32 -15.49
C VAL A 3 -3.52 -3.06 -15.90
N THR A 4 -2.24 -3.21 -16.17
CA THR A 4 -1.42 -2.07 -16.58
C THR A 4 -1.05 -1.22 -15.37
N GLU A 5 0.20 -0.77 -15.34
CA GLU A 5 0.67 0.04 -14.23
C GLU A 5 -0.12 1.33 -14.14
N GLN A 6 -0.34 1.98 -15.28
CA GLN A 6 -1.09 3.23 -15.33
C GLN A 6 -2.53 3.00 -14.85
N GLY A 7 -3.12 1.90 -15.31
CA GLY A 7 -4.49 1.56 -14.95
C GLY A 7 -4.60 1.33 -13.44
N LEU A 8 -3.56 0.75 -12.86
CA LEU A 8 -3.55 0.45 -11.44
C LEU A 8 -3.68 1.73 -10.62
N ARG A 9 -2.99 2.77 -11.04
CA ARG A 9 -3.03 4.05 -10.34
C ARG A 9 -4.47 4.57 -10.31
N GLU A 10 -5.17 4.43 -11.42
CA GLU A 10 -6.54 4.90 -11.51
C GLU A 10 -7.44 4.13 -10.53
N ARG A 11 -7.24 2.82 -10.44
CA ARG A 11 -8.04 2.00 -9.54
C ARG A 11 -7.72 2.33 -8.09
N ILE A 12 -6.44 2.49 -7.80
CA ILE A 12 -6.00 2.80 -6.45
C ILE A 12 -6.53 4.17 -6.02
N GLU A 13 -6.40 5.14 -6.93
CA GLU A 13 -6.86 6.49 -6.65
C GLU A 13 -8.36 6.51 -6.42
N SER A 14 -9.08 5.73 -7.21
CA SER A 14 -10.53 5.65 -7.07
C SER A 14 -10.89 4.62 -6.02
N ALA A 15 -9.91 3.83 -5.59
CA ALA A 15 -10.16 2.81 -4.58
C ALA A 15 -9.88 3.37 -3.18
N ILE A 16 -9.25 4.54 -3.15
CA ILE A 16 -8.92 5.17 -1.87
C ILE A 16 -8.64 6.66 -2.08
N PRO A 17 -8.61 7.40 -1.01
CA PRO A 17 -8.32 8.86 -1.05
C PRO A 17 -6.90 9.17 -1.52
N GLN A 18 -6.71 10.34 -2.09
CA GLN A 18 -5.40 10.75 -2.58
C GLN A 18 -4.31 10.39 -1.58
N VAL A 19 -4.70 10.08 -0.35
CA VAL A 19 -3.76 9.71 0.69
C VAL A 19 -2.55 10.64 0.66
N TYR A 20 -1.60 10.37 1.53
CA TYR A 20 -0.40 11.21 1.60
C TYR A 20 0.37 11.15 0.29
N HIS A 21 0.61 9.95 -0.21
CA HIS A 21 1.34 9.76 -1.46
C HIS A 21 1.25 8.32 -1.94
N ILE A 22 1.27 8.13 -3.25
CA ILE A 22 1.21 6.79 -3.82
C ILE A 22 2.30 6.60 -4.86
N ILE A 23 3.04 5.49 -4.72
CA ILE A 23 4.13 5.20 -5.65
C ILE A 23 3.95 3.82 -6.29
N VAL A 24 4.06 3.77 -7.61
CA VAL A 24 3.91 2.50 -8.33
C VAL A 24 5.21 2.15 -9.04
N THR A 25 5.71 0.94 -8.79
CA THR A 25 6.95 0.49 -9.42
C THR A 25 6.76 -0.86 -10.09
N ASP A 26 7.22 -0.98 -11.33
CA ASP A 26 7.10 -2.23 -12.06
C ASP A 26 8.29 -3.13 -11.78
N LEU A 27 8.04 -4.21 -11.04
CA LEU A 27 9.09 -5.15 -10.69
C LEU A 27 8.95 -6.43 -11.51
N SER A 28 10.02 -6.81 -12.19
CA SER A 28 10.00 -8.02 -13.02
C SER A 28 9.51 -7.71 -14.42
N TYR A 29 8.52 -8.48 -14.89
CA TYR A 29 7.98 -8.27 -16.23
C TYR A 29 6.97 -7.12 -16.23
N GLY A 30 6.97 -6.34 -17.31
CA GLY A 30 6.06 -5.21 -17.42
C GLY A 30 4.66 -5.68 -17.83
N CYS A 31 3.75 -4.72 -17.99
CA CYS A 31 2.38 -5.07 -18.37
C CYS A 31 1.70 -5.86 -17.27
N GLY A 32 1.60 -5.28 -16.08
CA GLY A 32 0.97 -5.96 -14.96
C GLY A 32 1.76 -7.20 -14.56
N GLN A 33 1.06 -8.32 -14.44
CA GLN A 33 1.71 -9.57 -14.06
C GLN A 33 2.32 -9.46 -12.66
N SER A 34 3.61 -9.18 -12.60
CA SER A 34 4.29 -9.05 -11.31
C SER A 34 4.88 -7.66 -11.17
N PHE A 35 4.47 -6.95 -10.12
CA PHE A 35 4.99 -5.61 -9.87
C PHE A 35 4.86 -5.25 -8.39
N ASP A 36 5.63 -4.25 -7.95
CA ASP A 36 5.58 -3.83 -6.56
C ASP A 36 5.35 -2.32 -6.47
N ILE A 37 4.52 -1.92 -5.50
CA ILE A 37 4.21 -0.50 -5.30
C ILE A 37 4.31 -0.12 -3.83
N VAL A 38 4.61 1.15 -3.57
CA VAL A 38 4.74 1.62 -2.20
C VAL A 38 3.86 2.83 -1.97
N VAL A 39 3.06 2.78 -0.89
CA VAL A 39 2.17 3.89 -0.56
C VAL A 39 2.22 4.18 0.94
N VAL A 40 2.24 5.46 1.30
CA VAL A 40 2.29 5.84 2.70
C VAL A 40 1.06 6.66 3.07
N SER A 41 0.33 6.22 4.10
CA SER A 41 -0.86 6.93 4.55
C SER A 41 -1.21 6.54 5.98
N ASP A 42 -2.05 7.35 6.63
CA ASP A 42 -2.45 7.06 8.00
C ASP A 42 -3.41 5.88 8.05
N PHE A 43 -3.82 5.44 6.87
CA PHE A 43 -4.73 4.30 6.76
C PHE A 43 -4.11 3.09 7.42
N PHE A 44 -2.79 3.11 7.56
CA PHE A 44 -2.08 1.98 8.17
C PHE A 44 -1.84 2.23 9.65
N GLN A 45 -2.28 3.38 10.15
CA GLN A 45 -2.09 3.70 11.56
C GLN A 45 -3.01 2.83 12.42
N GLY A 46 -2.41 2.01 13.28
CA GLY A 46 -3.18 1.13 14.15
C GLY A 46 -3.67 -0.09 13.39
N LYS A 47 -3.27 -0.20 12.12
CA LYS A 47 -3.70 -1.33 11.29
C LYS A 47 -2.49 -2.16 10.86
N SER A 48 -2.64 -3.48 10.94
CA SER A 48 -1.56 -4.38 10.56
C SER A 48 -1.47 -4.48 9.04
N LYS A 49 -0.35 -5.00 8.55
CA LYS A 49 -0.15 -5.14 7.11
C LYS A 49 -1.22 -6.06 6.52
N LEU A 50 -1.46 -7.19 7.17
CA LEU A 50 -2.47 -8.14 6.70
C LEU A 50 -3.86 -7.51 6.75
N MET A 51 -4.14 -6.80 7.83
CA MET A 51 -5.44 -6.13 7.99
C MET A 51 -5.62 -5.05 6.94
N ARG A 52 -4.54 -4.31 6.68
CA ARG A 52 -4.58 -3.23 5.71
C ARG A 52 -4.92 -3.77 4.33
N SER A 53 -4.33 -4.93 4.00
CA SER A 53 -4.58 -5.55 2.71
C SER A 53 -6.07 -5.86 2.54
N ARG A 54 -6.71 -6.24 3.63
CA ARG A 54 -8.14 -6.56 3.58
C ARG A 54 -8.94 -5.32 3.16
N ALA A 55 -8.63 -4.19 3.78
CA ALA A 55 -9.33 -2.95 3.48
C ALA A 55 -9.03 -2.49 2.05
N VAL A 56 -7.76 -2.59 1.67
CA VAL A 56 -7.34 -2.19 0.32
C VAL A 56 -7.81 -3.21 -0.71
N ASN A 57 -7.82 -4.48 -0.32
CA ASN A 57 -8.23 -5.55 -1.22
C ASN A 57 -9.66 -5.35 -1.69
N LYS A 58 -10.56 -5.06 -0.76
CA LYS A 58 -11.96 -4.85 -1.11
C LYS A 58 -12.10 -3.60 -1.99
N ALA A 59 -11.23 -2.62 -1.76
CA ALA A 59 -11.26 -1.38 -2.53
C ALA A 59 -10.98 -1.66 -4.00
N VAL A 60 -10.04 -2.57 -4.24
CA VAL A 60 -9.65 -2.91 -5.61
C VAL A 60 -9.63 -4.43 -5.79
N LYS A 61 -10.76 -5.07 -5.53
CA LYS A 61 -10.86 -6.51 -5.68
C LYS A 61 -10.67 -6.93 -7.13
N GLU A 62 -11.05 -6.05 -8.05
CA GLU A 62 -10.93 -6.33 -9.48
C GLU A 62 -9.46 -6.48 -9.85
N GLU A 63 -8.60 -5.71 -9.21
CA GLU A 63 -7.17 -5.76 -9.48
C GLU A 63 -6.63 -7.15 -9.19
N LEU A 64 -7.12 -7.77 -8.12
CA LEU A 64 -6.65 -9.10 -7.75
C LEU A 64 -6.99 -10.11 -8.84
N GLN A 65 -8.16 -9.99 -9.43
CA GLN A 65 -8.58 -10.90 -10.49
C GLN A 65 -7.65 -10.75 -11.70
N GLU A 66 -7.30 -9.51 -12.02
CA GLU A 66 -6.41 -9.25 -13.15
C GLU A 66 -4.97 -9.54 -12.78
N ILE A 67 -4.65 -9.39 -11.49
CA ILE A 67 -3.29 -9.63 -11.03
C ILE A 67 -3.32 -10.50 -9.77
N HIS A 68 -2.48 -11.54 -9.76
CA HIS A 68 -2.42 -12.43 -8.62
C HIS A 68 -1.06 -12.35 -7.94
N ALA A 69 -0.05 -11.90 -8.68
CA ALA A 69 1.29 -11.78 -8.14
C ALA A 69 1.71 -10.32 -8.10
N PHE A 70 1.36 -9.63 -7.01
CA PHE A 70 1.71 -8.23 -6.87
C PHE A 70 2.00 -7.89 -5.40
N SER A 71 2.70 -6.79 -5.17
CA SER A 71 3.01 -6.38 -3.80
C SER A 71 2.48 -4.97 -3.54
N CYS A 72 2.11 -4.70 -2.29
CA CYS A 72 1.58 -3.38 -1.92
C CYS A 72 2.11 -2.97 -0.56
N LYS A 73 3.39 -2.61 -0.50
CA LYS A 73 4.00 -2.20 0.76
C LYS A 73 3.39 -0.90 1.25
N CYS A 74 3.11 -0.82 2.54
CA CYS A 74 2.53 0.39 3.13
C CYS A 74 3.30 0.82 4.38
N TYR A 75 3.77 2.05 4.39
CA TYR A 75 4.51 2.55 5.54
C TYR A 75 3.86 3.81 6.08
N THR A 76 3.80 3.91 7.39
CA THR A 76 3.20 5.08 8.03
C THR A 76 4.09 5.59 9.15
N GLU A 77 4.74 4.64 9.84
CA GLU A 77 5.63 4.98 10.95
C GLU A 77 5.63 3.86 11.99
N GLU A 78 4.71 2.91 11.85
CA GLU A 78 4.62 1.81 12.78
C GLU A 78 5.90 0.97 12.76
N GLU A 79 6.47 0.80 11.57
CA GLU A 79 7.68 0.01 11.44
C GLU A 79 8.79 0.60 12.31
N TRP A 80 8.65 1.89 12.64
CA TRP A 80 9.63 2.56 13.47
C TRP A 80 9.52 2.05 14.91
N SER A 81 8.74 0.99 15.10
CA SER A 81 8.54 0.44 16.44
C SER A 81 9.88 -0.01 17.01
N LYS A 82 10.82 -0.31 16.13
CA LYS A 82 12.15 -0.73 16.54
C LYS A 82 13.19 0.28 16.09
N ILE A 83 14.24 0.43 16.89
CA ILE A 83 15.31 1.37 16.60
C ILE A 83 15.96 1.83 17.89
N VAL A 84 15.22 1.71 18.99
CA VAL A 84 15.72 2.11 20.29
C VAL A 84 15.57 3.62 20.45
N VAL A 85 14.63 4.20 19.71
CA VAL A 85 14.38 5.62 19.77
C VAL A 85 12.92 5.89 20.09
N LEU A 86 12.69 6.78 21.05
CA LEU A 86 11.33 7.10 21.45
C LEU A 86 10.67 5.91 22.14
N GLU A 87 11.44 5.23 22.97
CA GLU A 87 10.93 4.06 23.69
C GLU A 87 9.82 4.48 24.65
N HIS A 88 9.99 5.63 25.29
CA HIS A 88 9.00 6.14 26.23
C HIS A 88 8.31 7.38 25.68
N HIS A 89 7.02 7.51 25.96
CA HIS A 89 6.25 8.66 25.49
C HIS A 89 5.82 9.52 26.66
N HIS A 90 5.71 10.83 26.41
CA HIS A 90 5.32 11.77 27.46
C HIS A 90 4.21 12.69 26.96
N HIS A 91 3.33 13.10 27.87
CA HIS A 91 2.23 13.98 27.49
C HIS A 91 2.78 15.31 26.99
N HIS A 92 3.82 15.80 27.64
CA HIS A 92 4.42 17.07 27.25
C HIS A 92 5.04 16.96 25.86
N HIS A 93 5.66 15.82 25.58
CA HIS A 93 6.28 15.59 24.28
C HIS A 93 7.33 16.66 24.00
N MET A 1 -0.06 -15.34 -12.95
CA MET A 1 -0.89 -14.24 -13.51
C MET A 1 -0.12 -12.92 -13.43
N PRO A 2 0.55 -12.56 -14.48
CA PRO A 2 1.36 -11.31 -14.53
C PRO A 2 0.48 -10.06 -14.54
N VAL A 3 0.99 -8.98 -13.97
CA VAL A 3 0.24 -7.72 -13.91
C VAL A 3 1.13 -6.54 -14.30
N THR A 4 0.59 -5.64 -15.09
CA THR A 4 1.35 -4.47 -15.53
C THR A 4 1.39 -3.42 -14.43
N GLU A 5 2.58 -2.95 -14.10
CA GLU A 5 2.74 -1.94 -13.07
C GLU A 5 2.00 -0.65 -13.45
N GLN A 6 2.16 -0.24 -14.71
CA GLN A 6 1.51 0.97 -15.18
C GLN A 6 -0.01 0.79 -15.20
N GLY A 7 -0.43 -0.39 -15.65
CA GLY A 7 -1.85 -0.71 -15.72
C GLY A 7 -2.48 -0.76 -14.33
N LEU A 8 -1.70 -1.23 -13.36
CA LEU A 8 -2.18 -1.36 -11.99
C LEU A 8 -2.58 0.00 -11.45
N ARG A 9 -1.80 1.01 -11.77
CA ARG A 9 -2.08 2.36 -11.31
C ARG A 9 -3.45 2.80 -11.80
N GLU A 10 -3.77 2.50 -13.05
CA GLU A 10 -5.05 2.87 -13.62
C GLU A 10 -6.19 2.17 -12.88
N ARG A 11 -6.01 0.90 -12.56
CA ARG A 11 -7.02 0.14 -11.86
C ARG A 11 -7.18 0.64 -10.44
N ILE A 12 -6.05 0.93 -9.79
CA ILE A 12 -6.05 1.42 -8.43
C ILE A 12 -6.69 2.81 -8.37
N GLU A 13 -6.34 3.65 -9.34
CA GLU A 13 -6.86 5.01 -9.41
C GLU A 13 -8.37 4.96 -9.52
N SER A 14 -8.88 4.02 -10.29
CA SER A 14 -10.32 3.88 -10.45
C SER A 14 -10.92 3.30 -9.18
N ALA A 15 -10.08 2.67 -8.34
CA ALA A 15 -10.59 2.09 -7.10
C ALA A 15 -10.40 3.07 -5.94
N ILE A 16 -9.76 4.19 -6.23
CA ILE A 16 -9.52 5.22 -5.21
C ILE A 16 -9.48 6.60 -5.84
N PRO A 17 -10.10 7.56 -5.21
CA PRO A 17 -10.12 8.96 -5.71
C PRO A 17 -8.71 9.52 -5.85
N GLN A 18 -8.50 10.34 -6.89
CA GLN A 18 -7.19 10.94 -7.12
C GLN A 18 -6.66 11.61 -5.86
N VAL A 19 -6.11 10.79 -4.97
CA VAL A 19 -5.57 11.28 -3.72
C VAL A 19 -4.21 10.65 -3.44
N TYR A 20 -3.50 11.21 -2.47
CA TYR A 20 -2.17 10.71 -2.12
C TYR A 20 -2.29 9.32 -1.48
N HIS A 21 -3.52 8.91 -1.19
CA HIS A 21 -3.76 7.62 -0.60
C HIS A 21 -3.34 6.52 -1.55
N ILE A 22 -2.98 6.90 -2.76
CA ILE A 22 -2.55 5.92 -3.76
C ILE A 22 -1.16 6.26 -4.29
N ILE A 23 -0.21 5.35 -4.07
CA ILE A 23 1.15 5.54 -4.54
C ILE A 23 1.68 4.26 -5.19
N VAL A 24 2.20 4.38 -6.40
CA VAL A 24 2.75 3.21 -7.09
C VAL A 24 4.25 3.38 -7.29
N THR A 25 5.03 2.49 -6.67
CA THR A 25 6.48 2.53 -6.78
C THR A 25 7.04 1.16 -7.12
N ASP A 26 7.94 1.11 -8.09
CA ASP A 26 8.54 -0.17 -8.48
C ASP A 26 9.71 -0.51 -7.56
N LEU A 27 9.52 -1.53 -6.72
CA LEU A 27 10.57 -1.95 -5.80
C LEU A 27 10.59 -3.47 -5.69
N SER A 28 11.76 -4.06 -5.94
CA SER A 28 11.92 -5.52 -5.86
C SER A 28 11.68 -6.15 -7.23
N TYR A 29 11.19 -7.39 -7.22
CA TYR A 29 10.93 -8.11 -8.46
C TYR A 29 9.44 -8.40 -8.62
N GLY A 30 8.97 -8.38 -9.87
CA GLY A 30 7.56 -8.62 -10.15
C GLY A 30 7.15 -7.98 -11.47
N CYS A 31 6.03 -7.27 -11.45
CA CYS A 31 5.53 -6.60 -12.66
C CYS A 31 6.58 -5.64 -13.21
N GLY A 32 7.60 -6.23 -13.83
CA GLY A 32 8.67 -5.43 -14.42
C GLY A 32 9.67 -4.98 -13.37
N GLN A 33 9.43 -5.41 -12.12
CA GLN A 33 10.30 -5.06 -10.99
C GLN A 33 9.50 -4.95 -9.71
N SER A 34 8.51 -5.84 -9.55
CA SER A 34 7.68 -5.83 -8.36
C SER A 34 6.71 -4.66 -8.39
N PHE A 35 5.95 -4.50 -7.30
CA PHE A 35 4.99 -3.40 -7.23
C PHE A 35 4.79 -2.97 -5.80
N ASP A 36 5.56 -1.97 -5.37
CA ASP A 36 5.44 -1.43 -4.01
C ASP A 36 4.53 -0.22 -4.01
N ILE A 37 3.32 -0.40 -3.51
CA ILE A 37 2.33 0.69 -3.46
C ILE A 37 2.05 1.08 -2.02
N VAL A 38 2.05 2.39 -1.78
CA VAL A 38 1.79 2.90 -0.45
C VAL A 38 0.61 3.88 -0.48
N VAL A 39 -0.35 3.66 0.41
CA VAL A 39 -1.51 4.53 0.46
C VAL A 39 -1.37 5.55 1.58
N VAL A 40 -1.48 6.82 1.20
CA VAL A 40 -1.36 7.91 2.19
C VAL A 40 -2.54 8.89 2.07
N SER A 41 -3.20 9.14 3.20
CA SER A 41 -4.33 10.08 3.23
C SER A 41 -5.03 10.05 4.58
N ASP A 42 -6.17 10.73 4.66
CA ASP A 42 -6.94 10.77 5.90
C ASP A 42 -7.73 9.48 6.09
N PHE A 43 -7.67 8.60 5.10
CA PHE A 43 -8.38 7.32 5.17
C PHE A 43 -7.94 6.54 6.40
N PHE A 44 -6.70 6.78 6.83
CA PHE A 44 -6.16 6.08 7.99
C PHE A 44 -6.54 6.78 9.29
N GLN A 45 -7.30 7.85 9.18
CA GLN A 45 -7.73 8.59 10.37
C GLN A 45 -9.02 7.99 10.92
N GLY A 46 -8.95 7.50 12.16
CA GLY A 46 -10.11 6.91 12.81
C GLY A 46 -10.34 5.49 12.33
N LYS A 47 -9.44 5.00 11.48
CA LYS A 47 -9.54 3.65 10.95
C LYS A 47 -8.28 2.84 11.25
N SER A 48 -8.47 1.58 11.60
CA SER A 48 -7.34 0.70 11.91
C SER A 48 -6.60 0.32 10.64
N LYS A 49 -5.37 -0.16 10.80
CA LYS A 49 -4.56 -0.55 9.66
C LYS A 49 -5.24 -1.66 8.87
N LEU A 50 -5.96 -2.53 9.58
CA LEU A 50 -6.66 -3.64 8.96
C LEU A 50 -7.76 -3.12 8.03
N MET A 51 -8.45 -2.08 8.47
CA MET A 51 -9.53 -1.49 7.69
C MET A 51 -9.00 -0.94 6.38
N ARG A 52 -7.83 -0.31 6.43
CA ARG A 52 -7.23 0.26 5.23
C ARG A 52 -6.92 -0.82 4.21
N SER A 53 -6.39 -1.94 4.70
CA SER A 53 -6.05 -3.06 3.83
C SER A 53 -7.29 -3.60 3.14
N ARG A 54 -8.37 -3.77 3.90
CA ARG A 54 -9.62 -4.29 3.34
C ARG A 54 -10.18 -3.33 2.30
N ALA A 55 -10.15 -2.03 2.63
CA ALA A 55 -10.67 -1.02 1.70
C ALA A 55 -9.89 -1.04 0.38
N VAL A 56 -8.57 -1.09 0.48
CA VAL A 56 -7.74 -1.13 -0.71
C VAL A 56 -7.78 -2.51 -1.36
N ASN A 57 -7.81 -3.54 -0.53
CA ASN A 57 -7.81 -4.92 -1.02
C ASN A 57 -9.06 -5.21 -1.84
N LYS A 58 -10.21 -4.71 -1.38
CA LYS A 58 -11.46 -4.94 -2.09
C LYS A 58 -11.44 -4.25 -3.44
N ALA A 59 -10.74 -3.12 -3.52
CA ALA A 59 -10.66 -2.36 -4.76
C ALA A 59 -10.00 -3.20 -5.85
N VAL A 60 -8.98 -3.95 -5.46
CA VAL A 60 -8.26 -4.80 -6.40
C VAL A 60 -7.95 -6.16 -5.78
N LYS A 61 -8.92 -6.72 -5.06
CA LYS A 61 -8.73 -8.02 -4.42
C LYS A 61 -8.42 -9.09 -5.46
N GLU A 62 -9.15 -9.07 -6.56
CA GLU A 62 -8.92 -10.05 -7.62
C GLU A 62 -7.51 -9.88 -8.16
N GLU A 63 -7.10 -8.62 -8.30
CA GLU A 63 -5.75 -8.30 -8.79
C GLU A 63 -4.71 -8.80 -7.80
N LEU A 64 -5.09 -8.82 -6.52
CA LEU A 64 -4.19 -9.27 -5.47
C LEU A 64 -3.81 -10.74 -5.69
N GLN A 65 -4.76 -11.52 -6.16
CA GLN A 65 -4.52 -12.94 -6.40
C GLN A 65 -3.39 -13.13 -7.42
N GLU A 66 -3.37 -12.28 -8.45
CA GLU A 66 -2.33 -12.37 -9.47
C GLU A 66 -0.99 -11.89 -8.93
N ILE A 67 -1.04 -10.93 -8.01
CA ILE A 67 0.19 -10.39 -7.43
C ILE A 67 0.50 -11.08 -6.10
N HIS A 68 1.73 -11.58 -5.99
CA HIS A 68 2.17 -12.26 -4.78
C HIS A 68 3.35 -11.52 -4.15
N ALA A 69 3.97 -10.66 -4.95
CA ALA A 69 5.13 -9.90 -4.48
C ALA A 69 4.77 -8.41 -4.40
N PHE A 70 3.48 -8.12 -4.33
CA PHE A 70 3.02 -6.74 -4.25
C PHE A 70 2.65 -6.38 -2.81
N SER A 71 2.87 -5.12 -2.45
CA SER A 71 2.57 -4.66 -1.10
C SER A 71 1.80 -3.34 -1.14
N CYS A 72 0.96 -3.13 -0.13
CA CYS A 72 0.16 -1.92 -0.05
C CYS A 72 0.23 -1.31 1.35
N LYS A 73 1.40 -0.78 1.70
CA LYS A 73 1.59 -0.18 3.02
C LYS A 73 0.77 1.10 3.14
N CYS A 74 0.22 1.35 4.33
CA CYS A 74 -0.59 2.54 4.55
C CYS A 74 0.06 3.47 5.58
N TYR A 75 0.33 4.70 5.18
CA TYR A 75 0.92 5.67 6.09
C TYR A 75 0.28 7.04 5.91
N THR A 76 0.26 7.82 6.98
CA THR A 76 -0.33 9.15 6.91
C THR A 76 0.32 10.07 7.93
N GLU A 77 0.68 9.52 9.10
CA GLU A 77 1.30 10.29 10.17
C GLU A 77 1.03 9.64 11.52
N GLU A 78 0.00 8.81 11.58
CA GLU A 78 -0.36 8.14 12.81
C GLU A 78 0.76 7.19 13.24
N GLU A 79 1.41 6.55 12.28
CA GLU A 79 2.49 5.62 12.57
C GLU A 79 3.54 6.31 13.44
N TRP A 80 3.57 7.63 13.37
CA TRP A 80 4.52 8.41 14.16
C TRP A 80 3.85 8.97 15.41
N SER A 81 2.53 8.85 15.46
CA SER A 81 1.77 9.35 16.60
C SER A 81 2.13 8.58 17.87
N LYS A 82 2.08 9.27 19.00
CA LYS A 82 2.41 8.63 20.28
C LYS A 82 3.77 7.96 20.20
N ILE A 83 4.72 8.63 19.55
CA ILE A 83 6.05 8.08 19.41
C ILE A 83 6.02 6.56 19.32
N VAL A 84 5.47 6.05 18.21
CA VAL A 84 5.39 4.60 18.01
C VAL A 84 6.77 4.00 17.94
N VAL A 85 7.67 4.65 17.21
CA VAL A 85 9.05 4.16 17.09
C VAL A 85 9.83 4.44 18.37
N LEU A 86 9.12 4.47 19.50
CA LEU A 86 9.75 4.72 20.78
C LEU A 86 10.76 3.61 21.10
N GLU A 87 10.37 2.38 20.81
CA GLU A 87 11.24 1.24 21.07
C GLU A 87 12.52 1.35 20.25
N HIS A 88 12.39 1.84 19.01
CA HIS A 88 13.55 1.98 18.15
C HIS A 88 14.22 0.64 17.90
N HIS A 89 13.43 -0.33 17.43
CA HIS A 89 13.96 -1.66 17.16
C HIS A 89 15.00 -1.61 16.04
N HIS A 90 16.00 -2.47 16.13
CA HIS A 90 17.06 -2.52 15.13
C HIS A 90 17.63 -3.93 15.00
N HIS A 91 18.35 -4.17 13.92
CA HIS A 91 18.95 -5.49 13.68
C HIS A 91 20.41 -5.51 14.12
N HIS A 92 20.86 -4.40 14.70
CA HIS A 92 22.24 -4.30 15.16
C HIS A 92 22.45 -5.14 16.41
N HIS A 93 23.61 -5.76 16.52
CA HIS A 93 23.92 -6.60 17.66
C HIS A 93 25.04 -5.97 18.50
N MET A 1 -4.80 -11.42 -17.21
CA MET A 1 -4.80 -9.98 -17.56
C MET A 1 -3.47 -9.36 -17.14
N PRO A 2 -2.72 -8.84 -18.08
CA PRO A 2 -1.40 -8.20 -17.82
C PRO A 2 -1.51 -6.99 -16.91
N VAL A 3 -0.47 -6.75 -16.12
CA VAL A 3 -0.47 -5.61 -15.20
C VAL A 3 0.76 -4.75 -15.43
N THR A 4 0.55 -3.44 -15.48
CA THR A 4 1.64 -2.50 -15.72
C THR A 4 1.83 -1.60 -14.50
N GLU A 5 3.08 -1.40 -14.12
CA GLU A 5 3.37 -0.57 -12.96
C GLU A 5 2.81 0.84 -13.16
N GLN A 6 3.03 1.41 -14.34
CA GLN A 6 2.51 2.75 -14.61
C GLN A 6 0.98 2.74 -14.65
N GLY A 7 0.42 1.71 -15.28
CA GLY A 7 -1.03 1.55 -15.40
C GLY A 7 -1.65 1.25 -14.05
N LEU A 8 -0.91 0.54 -13.21
CA LEU A 8 -1.38 0.16 -11.89
C LEU A 8 -1.71 1.40 -11.08
N ARG A 9 -0.89 2.42 -11.22
CA ARG A 9 -1.12 3.66 -10.51
C ARG A 9 -2.50 4.22 -10.88
N GLU A 10 -2.82 4.18 -12.16
CA GLU A 10 -4.10 4.68 -12.64
C GLU A 10 -5.25 3.82 -12.10
N ARG A 11 -5.04 2.51 -12.06
CA ARG A 11 -6.06 1.59 -11.56
C ARG A 11 -6.29 1.82 -10.08
N ILE A 12 -5.20 2.00 -9.35
CA ILE A 12 -5.28 2.23 -7.92
C ILE A 12 -6.01 3.53 -7.64
N GLU A 13 -5.66 4.55 -8.40
CA GLU A 13 -6.28 5.86 -8.23
C GLU A 13 -7.78 5.75 -8.46
N SER A 14 -8.16 4.98 -9.47
CA SER A 14 -9.56 4.79 -9.77
C SER A 14 -10.14 3.67 -8.90
N ALA A 15 -9.27 2.94 -8.20
CA ALA A 15 -9.73 1.86 -7.35
C ALA A 15 -9.92 2.33 -5.91
N ILE A 16 -9.39 3.52 -5.61
CA ILE A 16 -9.51 4.08 -4.27
C ILE A 16 -9.75 5.57 -4.33
N PRO A 17 -10.09 6.17 -3.23
CA PRO A 17 -10.35 7.64 -3.17
C PRO A 17 -9.14 8.43 -3.64
N GLN A 18 -9.40 9.51 -4.37
CA GLN A 18 -8.33 10.35 -4.89
C GLN A 18 -7.33 10.67 -3.78
N VAL A 19 -6.41 9.74 -3.55
CA VAL A 19 -5.41 9.92 -2.53
C VAL A 19 -4.37 10.94 -2.95
N TYR A 20 -3.68 11.49 -1.98
CA TYR A 20 -2.66 12.50 -2.25
C TYR A 20 -1.27 11.87 -2.34
N HIS A 21 -1.18 10.59 -2.00
CA HIS A 21 0.10 9.89 -2.06
C HIS A 21 -0.08 8.47 -2.58
N ILE A 22 0.26 8.26 -3.84
CA ILE A 22 0.14 6.94 -4.44
C ILE A 22 1.33 6.64 -5.34
N ILE A 23 2.07 5.57 -5.02
CA ILE A 23 3.22 5.20 -5.82
C ILE A 23 3.23 3.70 -6.08
N VAL A 24 3.71 3.30 -7.25
CA VAL A 24 3.76 1.88 -7.58
C VAL A 24 5.20 1.44 -7.81
N THR A 25 5.63 0.41 -7.09
CA THR A 25 6.99 -0.10 -7.23
C THR A 25 6.97 -1.59 -7.55
N ASP A 26 7.69 -1.98 -8.59
CA ASP A 26 7.74 -3.38 -8.99
C ASP A 26 8.99 -4.06 -8.42
N LEU A 27 8.78 -4.97 -7.47
CA LEU A 27 9.90 -5.67 -6.85
C LEU A 27 10.62 -6.52 -7.89
N SER A 28 9.86 -7.17 -8.75
CA SER A 28 10.44 -8.02 -9.79
C SER A 28 11.06 -7.17 -10.89
N TYR A 29 11.89 -7.77 -11.72
CA TYR A 29 12.55 -7.05 -12.81
C TYR A 29 11.57 -6.86 -13.97
N GLY A 30 11.61 -5.69 -14.57
CA GLY A 30 10.73 -5.38 -15.70
C GLY A 30 9.26 -5.52 -15.29
N CYS A 31 8.49 -6.24 -16.11
CA CYS A 31 7.08 -6.44 -15.83
C CYS A 31 6.82 -7.87 -15.41
N GLY A 32 6.13 -8.05 -14.28
CA GLY A 32 5.83 -9.38 -13.77
C GLY A 32 4.93 -9.31 -12.55
N GLN A 33 4.69 -10.46 -11.92
CA GLN A 33 3.84 -10.51 -10.74
C GLN A 33 4.59 -9.98 -9.52
N SER A 34 3.84 -9.52 -8.52
CA SER A 34 4.44 -9.00 -7.30
C SER A 34 4.65 -7.49 -7.40
N PHE A 35 3.61 -6.73 -7.12
CA PHE A 35 3.71 -5.27 -7.19
C PHE A 35 3.59 -4.65 -5.80
N ASP A 36 4.63 -3.96 -5.38
CA ASP A 36 4.64 -3.31 -4.07
C ASP A 36 4.36 -1.81 -4.22
N ILE A 37 3.20 -1.37 -3.74
CA ILE A 37 2.84 0.04 -3.83
C ILE A 37 2.54 0.60 -2.45
N VAL A 38 2.85 1.88 -2.27
CA VAL A 38 2.62 2.54 -1.00
C VAL A 38 1.79 3.82 -1.19
N VAL A 39 0.74 3.95 -0.40
CA VAL A 39 -0.11 5.14 -0.48
C VAL A 39 -0.43 5.68 0.90
N VAL A 40 -0.75 6.97 0.98
CA VAL A 40 -1.09 7.58 2.26
C VAL A 40 -2.45 8.26 2.17
N SER A 41 -3.34 7.91 3.09
CA SER A 41 -4.68 8.49 3.09
C SER A 41 -5.32 8.36 4.47
N ASP A 42 -6.41 9.09 4.69
CA ASP A 42 -7.10 9.05 5.97
C ASP A 42 -7.77 7.69 6.20
N PHE A 43 -7.88 6.91 5.13
CA PHE A 43 -8.50 5.60 5.21
C PHE A 43 -7.75 4.73 6.21
N PHE A 44 -6.45 4.97 6.34
CA PHE A 44 -5.63 4.19 7.26
C PHE A 44 -5.68 4.77 8.67
N GLN A 45 -6.44 5.85 8.83
CA GLN A 45 -6.57 6.48 10.14
C GLN A 45 -7.60 5.76 11.01
N GLY A 46 -7.11 4.84 11.83
CA GLY A 46 -7.98 4.08 12.73
C GLY A 46 -8.52 2.83 12.04
N LYS A 47 -8.47 2.82 10.71
CA LYS A 47 -8.96 1.68 9.95
C LYS A 47 -8.11 0.45 10.23
N SER A 48 -6.78 0.67 10.31
CA SER A 48 -5.84 -0.43 10.57
C SER A 48 -5.27 -0.96 9.26
N LYS A 49 -4.03 -1.42 9.30
CA LYS A 49 -3.37 -1.94 8.11
C LYS A 49 -4.12 -3.16 7.56
N LEU A 50 -4.53 -4.05 8.47
CA LEU A 50 -5.24 -5.26 8.06
C LEU A 50 -6.56 -4.89 7.38
N MET A 51 -7.26 -3.92 7.95
CA MET A 51 -8.54 -3.49 7.38
C MET A 51 -8.33 -2.82 6.03
N ARG A 52 -7.26 -2.05 5.92
CA ARG A 52 -6.96 -1.36 4.68
C ARG A 52 -6.74 -2.34 3.55
N SER A 53 -6.08 -3.44 3.84
CA SER A 53 -5.82 -4.45 2.82
C SER A 53 -7.14 -4.99 2.28
N ARG A 54 -8.10 -5.23 3.18
CA ARG A 54 -9.39 -5.75 2.75
C ARG A 54 -10.11 -4.75 1.85
N ALA A 55 -10.07 -3.48 2.23
CA ALA A 55 -10.72 -2.43 1.44
C ALA A 55 -10.05 -2.29 0.08
N VAL A 56 -8.73 -2.32 0.06
CA VAL A 56 -7.98 -2.20 -1.18
C VAL A 56 -8.13 -3.44 -2.03
N ASN A 57 -8.14 -4.60 -1.39
CA ASN A 57 -8.27 -5.87 -2.10
C ASN A 57 -9.62 -5.94 -2.83
N LYS A 58 -10.68 -5.49 -2.16
CA LYS A 58 -12.01 -5.52 -2.77
C LYS A 58 -12.07 -4.61 -3.98
N ALA A 59 -11.48 -3.42 -3.85
CA ALA A 59 -11.45 -2.47 -4.96
C ALA A 59 -10.63 -3.00 -6.12
N VAL A 60 -9.52 -3.65 -5.81
CA VAL A 60 -8.63 -4.18 -6.84
C VAL A 60 -8.63 -5.71 -6.83
N LYS A 61 -9.81 -6.30 -6.68
CA LYS A 61 -9.93 -7.76 -6.66
C LYS A 61 -9.47 -8.36 -7.98
N GLU A 62 -9.82 -7.69 -9.07
CA GLU A 62 -9.44 -8.18 -10.39
C GLU A 62 -7.92 -8.23 -10.51
N GLU A 63 -7.26 -7.19 -10.00
CA GLU A 63 -5.81 -7.11 -10.05
C GLU A 63 -5.20 -8.24 -9.23
N LEU A 64 -5.76 -8.51 -8.06
CA LEU A 64 -5.24 -9.55 -7.18
C LEU A 64 -5.36 -10.91 -7.86
N GLN A 65 -6.48 -11.15 -8.51
CA GLN A 65 -6.70 -12.42 -9.20
C GLN A 65 -5.70 -12.58 -10.33
N GLU A 66 -5.43 -11.49 -11.02
CA GLU A 66 -4.48 -11.52 -12.13
C GLU A 66 -3.06 -11.63 -11.62
N ILE A 67 -2.82 -11.06 -10.44
CA ILE A 67 -1.48 -11.09 -9.86
C ILE A 67 -1.43 -12.06 -8.69
N HIS A 68 -0.52 -13.03 -8.77
CA HIS A 68 -0.38 -14.02 -7.70
C HIS A 68 0.00 -13.35 -6.38
N ALA A 69 0.98 -12.44 -6.46
CA ALA A 69 1.42 -11.73 -5.26
C ALA A 69 1.26 -10.23 -5.46
N PHE A 70 0.52 -9.61 -4.55
CA PHE A 70 0.29 -8.16 -4.63
C PHE A 70 0.22 -7.55 -3.23
N SER A 71 0.85 -6.39 -3.06
CA SER A 71 0.84 -5.72 -1.77
C SER A 71 0.51 -4.24 -1.94
N CYS A 72 -0.12 -3.67 -0.92
CA CYS A 72 -0.50 -2.26 -0.96
C CYS A 72 -0.26 -1.61 0.39
N LYS A 73 1.00 -1.25 0.66
CA LYS A 73 1.34 -0.63 1.93
C LYS A 73 0.68 0.74 2.04
N CYS A 74 0.22 1.09 3.24
CA CYS A 74 -0.43 2.38 3.46
C CYS A 74 0.13 3.06 4.70
N TYR A 75 0.50 4.33 4.55
CA TYR A 75 1.05 5.09 5.67
C TYR A 75 0.20 6.34 5.94
N THR A 76 0.07 6.68 7.22
CA THR A 76 -0.73 7.84 7.61
C THR A 76 -0.24 8.40 8.94
N GLU A 77 1.07 8.36 9.16
CA GLU A 77 1.66 8.86 10.40
C GLU A 77 1.32 7.94 11.57
N GLU A 78 0.26 7.15 11.42
CA GLU A 78 -0.14 6.22 12.46
C GLU A 78 0.89 5.11 12.64
N GLU A 79 1.48 4.67 11.53
CA GLU A 79 2.47 3.60 11.58
C GLU A 79 3.60 3.98 12.52
N TRP A 80 3.79 5.28 12.68
CA TRP A 80 4.84 5.79 13.57
C TRP A 80 4.33 5.84 15.00
N SER A 81 3.04 5.62 15.18
CA SER A 81 2.44 5.65 16.51
C SER A 81 3.05 4.59 17.41
N LYS A 82 3.39 3.46 16.82
CA LYS A 82 4.00 2.37 17.59
C LYS A 82 5.31 2.81 18.20
N ILE A 83 6.11 3.52 17.42
CA ILE A 83 7.41 3.97 17.87
C ILE A 83 7.37 5.48 18.17
N VAL A 84 7.80 5.86 19.37
CA VAL A 84 7.80 7.25 19.75
C VAL A 84 9.19 7.85 19.53
N VAL A 85 9.30 8.65 18.49
CA VAL A 85 10.57 9.29 18.15
C VAL A 85 10.95 10.32 19.22
N LEU A 86 9.93 10.92 19.83
CA LEU A 86 10.15 11.92 20.86
C LEU A 86 10.87 11.31 22.05
N GLU A 87 10.46 10.09 22.41
CA GLU A 87 11.08 9.40 23.53
C GLU A 87 11.70 8.09 23.06
N HIS A 88 13.03 8.04 23.07
CA HIS A 88 13.75 6.85 22.64
C HIS A 88 14.32 6.11 23.85
N HIS A 89 13.93 4.85 24.02
CA HIS A 89 14.40 4.05 25.14
C HIS A 89 15.70 3.33 24.78
N HIS A 90 16.75 3.59 25.55
CA HIS A 90 18.04 2.95 25.30
C HIS A 90 18.46 2.09 26.49
N HIS A 91 18.57 0.79 26.26
CA HIS A 91 18.95 -0.14 27.32
C HIS A 91 20.34 0.19 27.86
N HIS A 92 21.30 0.39 26.96
CA HIS A 92 22.66 0.72 27.36
C HIS A 92 23.61 0.66 26.16
N HIS A 93 23.50 -0.38 25.36
CA HIS A 93 24.35 -0.55 24.20
C HIS A 93 24.16 0.62 23.23
N MET A 1 3.51 -8.24 -17.90
CA MET A 1 2.89 -7.91 -19.21
C MET A 1 1.38 -7.78 -19.04
N PRO A 2 0.79 -8.72 -18.34
CA PRO A 2 -0.69 -8.71 -18.09
C PRO A 2 -1.15 -7.41 -17.45
N VAL A 3 -0.32 -6.85 -16.58
CA VAL A 3 -0.67 -5.59 -15.90
C VAL A 3 0.48 -4.59 -16.01
N THR A 4 0.15 -3.35 -16.34
CA THR A 4 1.17 -2.31 -16.46
C THR A 4 1.27 -1.53 -15.17
N GLU A 5 2.50 -1.22 -14.76
CA GLU A 5 2.72 -0.49 -13.52
C GLU A 5 2.10 0.91 -13.62
N GLN A 6 2.31 1.58 -14.75
CA GLN A 6 1.77 2.91 -14.96
C GLN A 6 0.24 2.87 -14.93
N GLY A 7 -0.32 1.89 -15.60
CA GLY A 7 -1.77 1.72 -15.64
C GLY A 7 -2.31 1.35 -14.27
N LEU A 8 -1.49 0.64 -13.49
CA LEU A 8 -1.89 0.20 -12.16
C LEU A 8 -2.23 1.40 -11.28
N ARG A 9 -1.42 2.44 -11.36
CA ARG A 9 -1.65 3.64 -10.57
C ARG A 9 -3.02 4.23 -10.91
N GLU A 10 -3.35 4.27 -12.19
CA GLU A 10 -4.63 4.80 -12.63
C GLU A 10 -5.78 3.95 -12.10
N ARG A 11 -5.58 2.62 -12.13
CA ARG A 11 -6.60 1.71 -11.66
C ARG A 11 -6.81 1.88 -10.16
N ILE A 12 -5.70 2.02 -9.44
CA ILE A 12 -5.76 2.20 -8.00
C ILE A 12 -6.46 3.51 -7.67
N GLU A 13 -6.13 4.56 -8.41
CA GLU A 13 -6.72 5.87 -8.20
C GLU A 13 -8.24 5.78 -8.39
N SER A 14 -8.66 5.00 -9.39
CA SER A 14 -10.08 4.83 -9.64
C SER A 14 -10.70 3.92 -8.59
N ALA A 15 -9.84 3.14 -7.91
CA ALA A 15 -10.34 2.24 -6.88
C ALA A 15 -10.25 2.90 -5.51
N ILE A 16 -9.64 4.07 -5.46
CA ILE A 16 -9.48 4.80 -4.21
C ILE A 16 -9.45 6.31 -4.48
N PRO A 17 -10.19 7.06 -3.71
CA PRO A 17 -10.24 8.54 -3.86
C PRO A 17 -8.88 9.19 -3.67
N GLN A 18 -8.60 10.21 -4.50
CA GLN A 18 -7.33 10.90 -4.42
C GLN A 18 -6.90 11.07 -2.96
N VAL A 19 -6.19 10.08 -2.45
CA VAL A 19 -5.72 10.11 -1.07
C VAL A 19 -4.53 11.05 -0.93
N TYR A 20 -3.86 10.99 0.21
CA TYR A 20 -2.71 11.85 0.46
C TYR A 20 -1.60 11.55 -0.54
N HIS A 21 -1.36 10.27 -0.80
CA HIS A 21 -0.33 9.88 -1.75
C HIS A 21 -0.53 8.43 -2.19
N ILE A 22 -0.40 8.17 -3.48
CA ILE A 22 -0.56 6.83 -4.00
C ILE A 22 0.51 6.52 -5.05
N ILE A 23 1.33 5.51 -4.78
CA ILE A 23 2.37 5.13 -5.71
C ILE A 23 2.55 3.62 -5.73
N VAL A 24 2.73 3.05 -6.92
CA VAL A 24 2.90 1.61 -7.04
C VAL A 24 4.27 1.29 -7.64
N THR A 25 5.02 0.44 -6.94
CA THR A 25 6.36 0.05 -7.40
C THR A 25 6.48 -1.47 -7.42
N ASP A 26 7.08 -1.99 -8.49
CA ASP A 26 7.27 -3.42 -8.62
C ASP A 26 8.62 -3.83 -8.04
N LEU A 27 8.61 -4.86 -7.21
CA LEU A 27 9.85 -5.34 -6.59
C LEU A 27 10.83 -5.81 -7.66
N SER A 28 10.32 -6.51 -8.66
CA SER A 28 11.16 -7.02 -9.74
C SER A 28 11.74 -5.86 -10.55
N TYR A 29 12.93 -6.06 -11.11
CA TYR A 29 13.58 -5.02 -11.89
C TYR A 29 12.71 -4.63 -13.08
N GLY A 30 12.22 -5.63 -13.82
CA GLY A 30 11.38 -5.37 -14.97
C GLY A 30 9.91 -5.22 -14.56
N CYS A 31 9.03 -5.07 -15.54
CA CYS A 31 7.60 -4.92 -15.26
C CYS A 31 6.90 -6.28 -15.30
N GLY A 32 5.98 -6.49 -14.37
CA GLY A 32 5.26 -7.75 -14.30
C GLY A 32 4.49 -7.86 -12.98
N GLN A 33 4.18 -9.10 -12.58
CA GLN A 33 3.46 -9.33 -11.34
C GLN A 33 4.36 -9.11 -10.14
N SER A 34 4.42 -7.86 -9.67
CA SER A 34 5.25 -7.52 -8.53
C SER A 34 4.45 -6.71 -7.50
N PHE A 35 4.87 -6.81 -6.24
CA PHE A 35 4.19 -6.08 -5.17
C PHE A 35 5.17 -5.21 -4.39
N ASP A 36 4.92 -3.90 -4.39
CA ASP A 36 5.78 -2.98 -3.65
C ASP A 36 5.29 -1.55 -3.86
N ILE A 37 4.17 -1.19 -3.25
CA ILE A 37 3.63 0.17 -3.40
C ILE A 37 3.52 0.83 -2.04
N VAL A 38 3.52 2.16 -2.05
CA VAL A 38 3.41 2.92 -0.82
C VAL A 38 2.28 3.94 -0.90
N VAL A 39 1.38 3.91 0.08
CA VAL A 39 0.25 4.83 0.10
C VAL A 39 -0.09 5.24 1.52
N VAL A 40 -0.48 6.50 1.71
CA VAL A 40 -0.84 6.99 3.03
C VAL A 40 -2.25 7.57 3.02
N SER A 41 -3.08 7.12 3.94
CA SER A 41 -4.45 7.61 4.04
C SER A 41 -5.02 7.36 5.43
N ASP A 42 -6.10 8.05 5.75
CA ASP A 42 -6.74 7.90 7.06
C ASP A 42 -7.51 6.59 7.13
N PHE A 43 -7.59 5.90 5.99
CA PHE A 43 -8.30 4.63 5.91
C PHE A 43 -7.71 3.64 6.91
N PHE A 44 -6.40 3.71 7.09
CA PHE A 44 -5.71 2.81 8.01
C PHE A 44 -5.75 3.35 9.43
N GLN A 45 -6.38 4.52 9.59
CA GLN A 45 -6.49 5.13 10.91
C GLN A 45 -7.61 4.49 11.72
N GLY A 46 -7.25 3.92 12.87
CA GLY A 46 -8.22 3.28 13.74
C GLY A 46 -8.54 1.87 13.24
N LYS A 47 -7.91 1.48 12.15
CA LYS A 47 -8.11 0.15 11.57
C LYS A 47 -6.78 -0.56 11.31
N SER A 48 -6.80 -1.88 11.44
CA SER A 48 -5.61 -2.68 11.21
C SER A 48 -5.29 -2.73 9.72
N LYS A 49 -4.04 -3.05 9.41
CA LYS A 49 -3.62 -3.13 8.01
C LYS A 49 -4.42 -4.19 7.27
N LEU A 50 -4.66 -5.31 7.95
CA LEU A 50 -5.41 -6.41 7.33
C LEU A 50 -6.83 -5.97 7.01
N MET A 51 -7.46 -5.25 7.94
CA MET A 51 -8.83 -4.80 7.73
C MET A 51 -8.92 -3.83 6.55
N ARG A 52 -7.98 -2.90 6.48
CA ARG A 52 -7.95 -1.92 5.40
C ARG A 52 -7.61 -2.60 4.08
N SER A 53 -6.78 -3.63 4.15
CA SER A 53 -6.36 -4.37 2.97
C SER A 53 -7.57 -4.98 2.28
N ARG A 54 -8.51 -5.47 3.08
CA ARG A 54 -9.71 -6.10 2.52
C ARG A 54 -10.50 -5.08 1.70
N ALA A 55 -10.60 -3.86 2.22
CA ALA A 55 -11.34 -2.81 1.51
C ALA A 55 -10.67 -2.47 0.18
N VAL A 56 -9.34 -2.37 0.21
CA VAL A 56 -8.58 -2.06 -1.00
C VAL A 56 -8.56 -3.26 -1.94
N ASN A 57 -8.45 -4.46 -1.37
CA ASN A 57 -8.40 -5.67 -2.17
C ASN A 57 -9.70 -5.84 -2.94
N LYS A 58 -10.82 -5.56 -2.28
CA LYS A 58 -12.13 -5.68 -2.92
C LYS A 58 -12.26 -4.70 -4.08
N ALA A 59 -11.78 -3.47 -3.86
CA ALA A 59 -11.84 -2.45 -4.91
C ALA A 59 -10.99 -2.84 -6.10
N VAL A 60 -9.83 -3.42 -5.83
CA VAL A 60 -8.92 -3.84 -6.89
C VAL A 60 -8.82 -5.36 -6.93
N LYS A 61 -9.95 -6.03 -6.75
CA LYS A 61 -9.97 -7.49 -6.77
C LYS A 61 -9.49 -8.01 -8.12
N GLU A 62 -9.89 -7.33 -9.18
CA GLU A 62 -9.49 -7.74 -10.53
C GLU A 62 -7.98 -7.70 -10.68
N GLU A 63 -7.35 -6.72 -10.05
CA GLU A 63 -5.90 -6.59 -10.13
C GLU A 63 -5.22 -7.82 -9.54
N LEU A 64 -5.78 -8.35 -8.46
CA LEU A 64 -5.22 -9.54 -7.82
C LEU A 64 -5.28 -10.74 -8.76
N GLN A 65 -6.40 -10.86 -9.49
CA GLN A 65 -6.58 -11.97 -10.41
C GLN A 65 -5.53 -11.92 -11.52
N GLU A 66 -5.25 -10.72 -12.00
CA GLU A 66 -4.26 -10.54 -13.06
C GLU A 66 -2.85 -10.50 -12.46
N ILE A 67 -2.77 -10.13 -11.18
CA ILE A 67 -1.49 -10.05 -10.50
C ILE A 67 -1.48 -10.94 -9.26
N HIS A 68 -0.55 -11.89 -9.22
CA HIS A 68 -0.45 -12.79 -8.08
C HIS A 68 0.44 -12.18 -6.99
N ALA A 69 1.23 -11.19 -7.36
CA ALA A 69 2.11 -10.53 -6.41
C ALA A 69 1.82 -9.04 -6.38
N PHE A 70 1.01 -8.63 -5.41
CA PHE A 70 0.65 -7.22 -5.28
C PHE A 70 0.60 -6.81 -3.81
N SER A 71 1.14 -5.64 -3.52
CA SER A 71 1.15 -5.13 -2.14
C SER A 71 0.60 -3.72 -2.09
N CYS A 72 -0.02 -3.38 -0.96
CA CYS A 72 -0.60 -2.06 -0.79
C CYS A 72 -0.43 -1.58 0.64
N LYS A 73 0.81 -1.31 1.03
CA LYS A 73 1.10 -0.86 2.38
C LYS A 73 0.48 0.51 2.63
N CYS A 74 -0.06 0.71 3.82
CA CYS A 74 -0.70 1.98 4.17
C CYS A 74 -0.31 2.41 5.59
N TYR A 75 0.17 3.64 5.71
CA TYR A 75 0.57 4.16 7.01
C TYR A 75 -0.11 5.49 7.29
N THR A 76 -0.46 5.72 8.55
CA THR A 76 -1.11 6.97 8.93
C THR A 76 -0.72 7.37 10.35
N GLU A 77 0.56 7.68 10.55
CA GLU A 77 1.05 8.07 11.86
C GLU A 77 0.83 6.96 12.88
N GLU A 78 0.29 5.84 12.42
CA GLU A 78 0.04 4.70 13.29
C GLU A 78 1.36 4.11 13.78
N GLU A 79 2.34 4.05 12.90
CA GLU A 79 3.65 3.50 13.25
C GLU A 79 4.28 4.34 14.35
N TRP A 80 3.81 5.57 14.50
CA TRP A 80 4.33 6.46 15.53
C TRP A 80 3.36 6.55 16.70
N SER A 81 2.29 5.77 16.64
CA SER A 81 1.29 5.77 17.70
C SER A 81 1.95 5.59 19.06
N LYS A 82 1.14 5.25 20.06
CA LYS A 82 1.66 5.05 21.41
C LYS A 82 2.72 3.95 21.42
N ILE A 83 2.73 3.13 20.38
CA ILE A 83 3.69 2.03 20.30
C ILE A 83 5.11 2.58 20.22
N VAL A 84 6.00 2.01 21.01
CA VAL A 84 7.39 2.46 21.03
C VAL A 84 8.20 1.75 19.94
N VAL A 85 8.81 2.54 19.06
CA VAL A 85 9.61 1.99 17.98
C VAL A 85 11.08 1.99 18.34
N LEU A 86 11.48 2.94 19.17
CA LEU A 86 12.88 3.05 19.59
C LEU A 86 13.32 1.79 20.32
N GLU A 87 12.47 1.31 21.24
CA GLU A 87 12.79 0.11 21.98
C GLU A 87 14.19 0.21 22.60
N HIS A 88 14.42 1.28 23.36
CA HIS A 88 15.71 1.49 24.00
C HIS A 88 16.77 1.88 22.96
N HIS A 89 18.01 2.03 23.41
CA HIS A 89 19.09 2.41 22.51
C HIS A 89 18.74 3.69 21.75
N HIS A 90 18.74 4.82 22.46
CA HIS A 90 18.42 6.09 21.83
C HIS A 90 19.51 6.50 20.85
N HIS A 91 19.09 7.03 19.71
CA HIS A 91 20.04 7.47 18.69
C HIS A 91 20.17 8.99 18.68
N HIS A 92 19.56 9.63 19.66
CA HIS A 92 19.60 11.09 19.76
C HIS A 92 20.11 11.52 21.13
N HIS A 93 20.91 12.58 21.16
CA HIS A 93 21.45 13.09 22.41
C HIS A 93 22.15 11.97 23.18
N MET A 1 2.95 -6.26 -21.02
CA MET A 1 2.35 -5.33 -20.03
C MET A 1 1.36 -6.10 -19.15
N PRO A 2 1.84 -6.67 -18.09
CA PRO A 2 1.00 -7.46 -17.15
C PRO A 2 -0.01 -6.59 -16.40
N VAL A 3 0.47 -5.83 -15.42
CA VAL A 3 -0.40 -4.95 -14.64
C VAL A 3 -0.09 -3.49 -14.94
N THR A 4 0.95 -3.28 -15.73
CA THR A 4 1.37 -1.93 -16.08
C THR A 4 1.60 -1.10 -14.81
N GLU A 5 2.85 -1.00 -14.39
CA GLU A 5 3.16 -0.24 -13.19
C GLU A 5 2.76 1.22 -13.34
N GLN A 6 3.08 1.81 -14.49
CA GLN A 6 2.71 3.20 -14.75
C GLN A 6 1.18 3.34 -14.84
N GLY A 7 0.58 2.39 -15.55
CA GLY A 7 -0.87 2.35 -15.74
C GLY A 7 -1.59 2.04 -14.43
N LEU A 8 -0.92 1.26 -13.58
CA LEU A 8 -1.48 0.86 -12.31
C LEU A 8 -1.83 2.06 -11.45
N ARG A 9 -1.00 3.08 -11.48
CA ARG A 9 -1.26 4.28 -10.70
C ARG A 9 -2.59 4.88 -11.12
N GLU A 10 -2.83 4.95 -12.43
CA GLU A 10 -4.08 5.50 -12.95
C GLU A 10 -5.26 4.63 -12.55
N ARG A 11 -5.05 3.32 -12.60
CA ARG A 11 -6.10 2.37 -12.26
C ARG A 11 -6.45 2.50 -10.78
N ILE A 12 -5.42 2.62 -9.96
CA ILE A 12 -5.62 2.76 -8.53
C ILE A 12 -6.37 4.04 -8.23
N GLU A 13 -5.98 5.11 -8.91
CA GLU A 13 -6.63 6.40 -8.71
C GLU A 13 -8.10 6.28 -9.06
N SER A 14 -8.39 5.57 -10.14
CA SER A 14 -9.76 5.38 -10.56
C SER A 14 -10.43 4.30 -9.71
N ALA A 15 -9.62 3.48 -9.04
CA ALA A 15 -10.18 2.41 -8.21
C ALA A 15 -10.29 2.87 -6.76
N ILE A 16 -9.78 4.06 -6.48
CA ILE A 16 -9.83 4.61 -5.13
C ILE A 16 -9.82 6.12 -5.18
N PRO A 17 -10.64 6.75 -4.38
CA PRO A 17 -10.73 8.24 -4.32
C PRO A 17 -9.41 8.86 -3.88
N GLN A 18 -9.09 10.02 -4.44
CA GLN A 18 -7.86 10.71 -4.11
C GLN A 18 -7.56 10.57 -2.62
N VAL A 19 -6.84 9.51 -2.28
CA VAL A 19 -6.47 9.25 -0.90
C VAL A 19 -5.37 10.20 -0.46
N TYR A 20 -4.84 9.96 0.74
CA TYR A 20 -3.79 10.81 1.27
C TYR A 20 -2.58 10.81 0.34
N HIS A 21 -2.13 9.62 -0.06
CA HIS A 21 -0.98 9.51 -0.95
C HIS A 21 -0.67 8.04 -1.25
N ILE A 22 -0.40 7.74 -2.52
CA ILE A 22 -0.07 6.38 -2.90
C ILE A 22 1.16 6.37 -3.81
N ILE A 23 2.02 5.36 -3.64
CA ILE A 23 3.22 5.26 -4.46
C ILE A 23 3.36 3.86 -5.03
N VAL A 24 3.92 3.75 -6.23
CA VAL A 24 4.12 2.45 -6.85
C VAL A 24 5.61 2.20 -7.06
N THR A 25 6.10 1.10 -6.51
CA THR A 25 7.50 0.74 -6.64
C THR A 25 7.66 -0.69 -7.15
N ASP A 26 8.49 -0.87 -8.16
CA ASP A 26 8.71 -2.19 -8.73
C ASP A 26 9.91 -2.86 -8.06
N LEU A 27 9.64 -3.88 -7.26
CA LEU A 27 10.70 -4.61 -6.57
C LEU A 27 11.36 -5.63 -7.50
N SER A 28 10.54 -6.27 -8.33
CA SER A 28 11.05 -7.26 -9.26
C SER A 28 11.83 -6.60 -10.39
N TYR A 29 12.66 -7.38 -11.07
CA TYR A 29 13.46 -6.85 -12.17
C TYR A 29 12.56 -6.30 -13.27
N GLY A 30 11.54 -7.07 -13.64
CA GLY A 30 10.62 -6.65 -14.69
C GLY A 30 9.17 -6.73 -14.20
N CYS A 31 8.27 -6.09 -14.93
CA CYS A 31 6.86 -6.10 -14.55
C CYS A 31 6.27 -7.50 -14.76
N GLY A 32 5.16 -7.78 -14.09
CA GLY A 32 4.50 -9.08 -14.20
C GLY A 32 5.07 -10.08 -13.20
N GLN A 33 6.09 -9.64 -12.45
CA GLN A 33 6.71 -10.51 -11.45
C GLN A 33 6.21 -10.16 -10.05
N SER A 34 6.54 -8.95 -9.60
CA SER A 34 6.11 -8.49 -8.29
C SER A 34 5.94 -6.98 -8.28
N PHE A 35 4.86 -6.52 -7.64
CA PHE A 35 4.61 -5.08 -7.56
C PHE A 35 4.60 -4.62 -6.10
N ASP A 36 5.62 -3.85 -5.72
CA ASP A 36 5.72 -3.33 -4.37
C ASP A 36 5.24 -1.89 -4.31
N ILE A 37 4.05 -1.67 -3.75
CA ILE A 37 3.50 -0.32 -3.64
C ILE A 37 3.10 -0.01 -2.21
N VAL A 38 3.06 1.28 -1.90
CA VAL A 38 2.69 1.70 -0.57
C VAL A 38 1.51 2.68 -0.63
N VAL A 39 0.48 2.41 0.16
CA VAL A 39 -0.70 3.25 0.19
C VAL A 39 -0.96 3.76 1.60
N VAL A 40 -1.13 5.08 1.73
CA VAL A 40 -1.39 5.67 3.04
C VAL A 40 -2.72 6.42 3.02
N SER A 41 -3.61 6.08 3.95
CA SER A 41 -4.91 6.74 4.02
C SER A 41 -5.46 6.65 5.44
N ASP A 42 -6.44 7.51 5.73
CA ASP A 42 -7.05 7.50 7.06
C ASP A 42 -7.90 6.26 7.26
N PHE A 43 -8.12 5.53 6.16
CA PHE A 43 -8.93 4.31 6.21
C PHE A 43 -8.30 3.32 7.18
N PHE A 44 -7.00 3.44 7.40
CA PHE A 44 -6.29 2.54 8.31
C PHE A 44 -6.41 3.03 9.74
N GLN A 45 -7.13 4.13 9.94
CA GLN A 45 -7.30 4.68 11.28
C GLN A 45 -8.56 4.09 11.91
N GLY A 46 -8.36 3.27 12.93
CA GLY A 46 -9.49 2.64 13.62
C GLY A 46 -9.98 1.43 12.85
N LYS A 47 -9.28 1.08 11.78
CA LYS A 47 -9.66 -0.07 10.98
C LYS A 47 -8.51 -1.07 10.86
N SER A 48 -8.86 -2.35 10.86
CA SER A 48 -7.86 -3.41 10.75
C SER A 48 -7.25 -3.44 9.36
N LYS A 49 -6.02 -3.96 9.27
CA LYS A 49 -5.32 -4.05 7.98
C LYS A 49 -6.11 -4.91 7.00
N LEU A 50 -6.73 -5.96 7.52
CA LEU A 50 -7.52 -6.87 6.69
C LEU A 50 -8.67 -6.12 6.02
N MET A 51 -9.27 -5.20 6.77
CA MET A 51 -10.39 -4.42 6.24
C MET A 51 -9.92 -3.58 5.06
N ARG A 52 -8.70 -3.05 5.16
CA ARG A 52 -8.15 -2.24 4.08
C ARG A 52 -8.03 -3.04 2.79
N SER A 53 -7.64 -4.30 2.93
CA SER A 53 -7.48 -5.16 1.75
C SER A 53 -8.81 -5.31 1.03
N ARG A 54 -9.89 -5.44 1.79
CA ARG A 54 -11.20 -5.58 1.18
C ARG A 54 -11.58 -4.31 0.43
N ALA A 55 -11.27 -3.17 1.03
CA ALA A 55 -11.60 -1.89 0.40
C ALA A 55 -10.86 -1.73 -0.91
N VAL A 56 -9.58 -2.06 -0.92
CA VAL A 56 -8.78 -1.97 -2.12
C VAL A 56 -9.15 -3.08 -3.10
N ASN A 57 -9.37 -4.28 -2.55
CA ASN A 57 -9.73 -5.43 -3.37
C ASN A 57 -11.07 -5.22 -4.07
N LYS A 58 -12.04 -4.70 -3.33
CA LYS A 58 -13.36 -4.48 -3.92
C LYS A 58 -13.29 -3.40 -4.98
N ALA A 59 -12.50 -2.37 -4.73
CA ALA A 59 -12.34 -1.27 -5.67
C ALA A 59 -11.71 -1.76 -6.97
N VAL A 60 -10.74 -2.65 -6.84
CA VAL A 60 -10.04 -3.19 -8.00
C VAL A 60 -9.80 -4.69 -7.84
N LYS A 61 -10.87 -5.44 -7.63
CA LYS A 61 -10.77 -6.88 -7.46
C LYS A 61 -10.32 -7.55 -8.76
N GLU A 62 -10.63 -6.92 -9.89
CA GLU A 62 -10.27 -7.46 -11.19
C GLU A 62 -8.76 -7.64 -11.32
N GLU A 63 -8.00 -6.65 -10.87
CA GLU A 63 -6.54 -6.72 -10.96
C GLU A 63 -6.02 -7.84 -10.08
N LEU A 64 -6.77 -8.17 -9.04
CA LEU A 64 -6.36 -9.22 -8.11
C LEU A 64 -6.26 -10.56 -8.83
N GLN A 65 -7.22 -10.84 -9.70
CA GLN A 65 -7.21 -12.10 -10.43
C GLN A 65 -6.00 -12.16 -11.35
N GLU A 66 -5.68 -11.04 -11.97
CA GLU A 66 -4.54 -10.96 -12.88
C GLU A 66 -3.23 -10.97 -12.09
N ILE A 67 -3.26 -10.39 -10.89
CA ILE A 67 -2.05 -10.33 -10.06
C ILE A 67 -2.15 -11.31 -8.90
N HIS A 68 -1.21 -12.25 -8.84
CA HIS A 68 -1.20 -13.24 -7.77
C HIS A 68 -0.11 -12.93 -6.76
N ALA A 69 0.83 -12.08 -7.14
CA ALA A 69 1.93 -11.70 -6.25
C ALA A 69 2.10 -10.18 -6.22
N PHE A 70 1.50 -9.55 -5.23
CA PHE A 70 1.58 -8.10 -5.08
C PHE A 70 1.56 -7.69 -3.60
N SER A 71 2.02 -6.47 -3.32
CA SER A 71 2.03 -5.97 -1.95
C SER A 71 1.44 -4.57 -1.90
N CYS A 72 0.83 -4.24 -0.77
CA CYS A 72 0.22 -2.92 -0.59
C CYS A 72 0.35 -2.49 0.85
N LYS A 73 1.54 -2.05 1.23
CA LYS A 73 1.78 -1.63 2.61
C LYS A 73 0.90 -0.44 2.95
N CYS A 74 0.37 -0.41 4.17
CA CYS A 74 -0.50 0.68 4.58
C CYS A 74 0.05 1.37 5.84
N TYR A 75 0.14 2.70 5.79
CA TYR A 75 0.64 3.46 6.91
C TYR A 75 -0.18 4.72 7.13
N THR A 76 -0.20 5.22 8.37
CA THR A 76 -0.95 6.42 8.70
C THR A 76 -0.62 6.91 10.10
N GLU A 77 0.63 6.74 10.50
CA GLU A 77 1.06 7.16 11.83
C GLU A 77 0.52 6.23 12.89
N GLU A 78 -0.47 5.43 12.51
CA GLU A 78 -1.08 4.48 13.45
C GLU A 78 -0.07 3.43 13.88
N GLU A 79 0.75 2.99 12.94
CA GLU A 79 1.75 1.97 13.24
C GLU A 79 2.71 2.51 14.29
N TRP A 80 3.00 3.79 14.19
CA TRP A 80 3.89 4.44 15.14
C TRP A 80 3.33 4.34 16.55
N SER A 81 2.04 4.64 16.69
CA SER A 81 1.39 4.58 17.99
C SER A 81 2.40 4.90 19.10
N LYS A 82 2.14 4.35 20.30
CA LYS A 82 3.02 4.58 21.43
C LYS A 82 3.84 3.33 21.74
N ILE A 83 3.82 2.38 20.82
CA ILE A 83 4.55 1.13 21.00
C ILE A 83 6.04 1.40 21.19
N VAL A 84 6.45 2.64 20.95
CA VAL A 84 7.85 3.03 21.09
C VAL A 84 8.60 2.85 19.78
N VAL A 85 9.30 3.89 19.36
CA VAL A 85 10.05 3.85 18.12
C VAL A 85 11.44 4.41 18.35
N LEU A 86 12.35 4.03 17.46
CA LEU A 86 13.73 4.48 17.55
C LEU A 86 13.87 5.89 16.98
N GLU A 87 12.91 6.75 17.30
CA GLU A 87 12.94 8.12 16.81
C GLU A 87 14.18 8.85 17.33
N HIS A 88 14.47 8.67 18.62
CA HIS A 88 15.64 9.31 19.22
C HIS A 88 16.03 8.60 20.51
N HIS A 89 17.27 8.14 20.56
CA HIS A 89 17.78 7.44 21.74
C HIS A 89 19.24 7.78 21.99
N HIS A 90 19.65 7.72 23.25
CA HIS A 90 21.05 8.03 23.59
C HIS A 90 21.48 7.19 24.79
N HIS A 91 22.74 6.77 24.79
CA HIS A 91 23.27 5.95 25.87
C HIS A 91 23.22 6.71 27.19
N HIS A 92 23.54 8.00 27.14
CA HIS A 92 23.55 8.84 28.33
C HIS A 92 24.58 8.33 29.33
N HIS A 93 25.64 7.74 28.81
CA HIS A 93 26.70 7.22 29.67
C HIS A 93 28.00 7.98 29.41
N MET A 1 -5.90 -12.84 -16.16
CA MET A 1 -5.17 -11.90 -17.06
C MET A 1 -4.21 -11.06 -16.23
N PRO A 2 -2.97 -11.00 -16.64
CA PRO A 2 -1.91 -10.22 -15.93
C PRO A 2 -2.24 -8.73 -15.87
N VAL A 3 -1.79 -8.07 -14.81
CA VAL A 3 -2.06 -6.64 -14.65
C VAL A 3 -0.77 -5.84 -14.81
N THR A 4 -0.80 -4.81 -15.64
CA THR A 4 0.37 -3.99 -15.88
C THR A 4 0.54 -2.97 -14.75
N GLU A 5 1.75 -2.46 -14.60
CA GLU A 5 2.03 -1.48 -13.55
C GLU A 5 1.25 -0.19 -13.80
N GLN A 6 1.26 0.26 -15.05
CA GLN A 6 0.55 1.50 -15.41
C GLN A 6 -0.95 1.33 -15.20
N GLY A 7 -1.46 0.16 -15.59
CA GLY A 7 -2.88 -0.14 -15.43
C GLY A 7 -3.27 -0.17 -13.96
N LEU A 8 -2.35 -0.64 -13.14
CA LEU A 8 -2.60 -0.73 -11.70
C LEU A 8 -2.86 0.65 -11.11
N ARG A 9 -2.09 1.64 -11.54
CA ARG A 9 -2.26 2.99 -11.03
C ARG A 9 -3.67 3.50 -11.32
N GLU A 10 -4.14 3.29 -12.53
CA GLU A 10 -5.48 3.71 -12.92
C GLU A 10 -6.54 2.90 -12.17
N ARG A 11 -6.26 1.61 -11.99
CA ARG A 11 -7.18 0.73 -11.29
C ARG A 11 -7.31 1.14 -9.83
N ILE A 12 -6.18 1.45 -9.22
CA ILE A 12 -6.17 1.87 -7.83
C ILE A 12 -6.92 3.17 -7.67
N GLU A 13 -6.65 4.10 -8.58
CA GLU A 13 -7.30 5.41 -8.54
C GLU A 13 -8.80 5.23 -8.73
N SER A 14 -9.17 4.33 -9.64
CA SER A 14 -10.58 4.07 -9.90
C SER A 14 -11.16 3.21 -8.78
N ALA A 15 -10.29 2.50 -8.06
CA ALA A 15 -10.74 1.65 -6.97
C ALA A 15 -10.69 2.39 -5.64
N ILE A 16 -10.17 3.61 -5.69
CA ILE A 16 -10.06 4.44 -4.49
C ILE A 16 -10.06 5.92 -4.87
N PRO A 17 -10.77 6.72 -4.14
CA PRO A 17 -10.84 8.19 -4.41
C PRO A 17 -9.47 8.83 -4.39
N GLN A 18 -9.24 9.73 -5.36
CA GLN A 18 -7.97 10.42 -5.46
C GLN A 18 -7.32 10.57 -4.09
N VAL A 19 -6.57 9.55 -3.69
CA VAL A 19 -5.90 9.57 -2.40
C VAL A 19 -4.92 10.72 -2.32
N TYR A 20 -4.36 10.93 -1.14
CA TYR A 20 -3.41 12.02 -0.94
C TYR A 20 -2.18 11.83 -1.83
N HIS A 21 -1.70 10.59 -1.90
CA HIS A 21 -0.53 10.29 -2.74
C HIS A 21 -0.47 8.79 -3.04
N ILE A 22 -0.08 8.47 -4.27
CA ILE A 22 0.04 7.07 -4.68
C ILE A 22 1.29 6.85 -5.52
N ILE A 23 2.07 5.84 -5.15
CA ILE A 23 3.31 5.53 -5.87
C ILE A 23 3.31 4.08 -6.34
N VAL A 24 3.60 3.87 -7.62
CA VAL A 24 3.64 2.52 -8.17
C VAL A 24 5.06 2.18 -8.63
N THR A 25 5.64 1.14 -8.03
CA THR A 25 7.00 0.72 -8.38
C THR A 25 7.03 -0.78 -8.66
N ASP A 26 7.68 -1.15 -9.76
CA ASP A 26 7.77 -2.56 -10.13
C ASP A 26 9.00 -3.20 -9.50
N LEU A 27 8.77 -4.06 -8.51
CA LEU A 27 9.86 -4.74 -7.82
C LEU A 27 10.61 -5.65 -8.79
N SER A 28 9.87 -6.38 -9.61
CA SER A 28 10.48 -7.29 -10.58
C SER A 28 11.11 -6.50 -11.73
N TYR A 29 12.22 -7.02 -12.25
CA TYR A 29 12.90 -6.37 -13.36
C TYR A 29 11.98 -6.27 -14.56
N GLY A 30 11.34 -7.37 -14.91
CA GLY A 30 10.43 -7.40 -16.05
C GLY A 30 8.99 -7.14 -15.60
N CYS A 31 8.05 -7.27 -16.53
CA CYS A 31 6.63 -7.04 -16.22
C CYS A 31 6.07 -8.22 -15.42
N GLY A 32 4.89 -8.01 -14.83
CA GLY A 32 4.26 -9.06 -14.03
C GLY A 32 5.13 -9.47 -12.85
N GLN A 33 5.28 -10.78 -12.67
CA GLN A 33 6.09 -11.31 -11.58
C GLN A 33 5.65 -10.73 -10.24
N SER A 34 6.27 -9.63 -9.82
CA SER A 34 5.92 -8.99 -8.56
C SER A 34 6.11 -7.47 -8.64
N PHE A 35 5.23 -6.73 -7.98
CA PHE A 35 5.30 -5.28 -7.98
C PHE A 35 5.20 -4.73 -6.56
N ASP A 36 5.85 -3.60 -6.33
CA ASP A 36 5.83 -2.97 -5.01
C ASP A 36 5.44 -1.50 -5.13
N ILE A 37 4.29 -1.14 -4.56
CA ILE A 37 3.82 0.25 -4.62
C ILE A 37 3.63 0.79 -3.22
N VAL A 38 3.88 2.08 -3.07
CA VAL A 38 3.74 2.74 -1.77
C VAL A 38 2.82 3.95 -1.88
N VAL A 39 1.87 4.05 -0.96
CA VAL A 39 0.92 5.16 -0.97
C VAL A 39 0.83 5.79 0.42
N VAL A 40 0.41 7.05 0.46
CA VAL A 40 0.28 7.75 1.73
C VAL A 40 -1.13 8.30 1.90
N SER A 41 -1.80 7.92 2.98
CA SER A 41 -3.15 8.39 3.23
C SER A 41 -3.45 8.35 4.73
N ASP A 42 -4.34 9.23 5.17
CA ASP A 42 -4.72 9.29 6.58
C ASP A 42 -5.44 8.02 7.01
N PHE A 43 -5.87 7.24 6.02
CA PHE A 43 -6.58 6.00 6.29
C PHE A 43 -5.72 5.08 7.15
N PHE A 44 -4.40 5.18 6.97
CA PHE A 44 -3.47 4.36 7.74
C PHE A 44 -3.16 4.99 9.08
N GLN A 45 -3.76 6.15 9.35
CA GLN A 45 -3.54 6.83 10.61
C GLN A 45 -4.43 6.24 11.70
N GLY A 46 -3.82 5.79 12.78
CA GLY A 46 -4.56 5.20 13.89
C GLY A 46 -4.89 3.74 13.61
N LYS A 47 -4.48 3.26 12.43
CA LYS A 47 -4.72 1.89 12.03
C LYS A 47 -3.46 1.25 11.44
N SER A 48 -3.31 -0.04 11.68
CA SER A 48 -2.15 -0.78 11.18
C SER A 48 -2.34 -1.10 9.70
N LYS A 49 -1.27 -1.55 9.06
CA LYS A 49 -1.33 -1.90 7.64
C LYS A 49 -2.35 -2.99 7.40
N LEU A 50 -2.40 -3.98 8.29
CA LEU A 50 -3.34 -5.07 8.14
C LEU A 50 -4.78 -4.57 8.22
N MET A 51 -5.05 -3.67 9.17
CA MET A 51 -6.39 -3.13 9.32
C MET A 51 -6.80 -2.32 8.09
N ARG A 52 -5.86 -1.49 7.61
CA ARG A 52 -6.12 -0.66 6.44
C ARG A 52 -6.20 -1.53 5.19
N SER A 53 -5.41 -2.59 5.18
CA SER A 53 -5.37 -3.50 4.04
C SER A 53 -6.75 -4.11 3.80
N ARG A 54 -7.44 -4.46 4.89
CA ARG A 54 -8.76 -5.05 4.78
C ARG A 54 -9.71 -4.08 4.08
N ALA A 55 -9.67 -2.81 4.49
CA ALA A 55 -10.55 -1.82 3.88
C ALA A 55 -10.23 -1.64 2.39
N VAL A 56 -8.94 -1.56 2.09
CA VAL A 56 -8.49 -1.40 0.71
C VAL A 56 -8.69 -2.69 -0.07
N ASN A 57 -8.50 -3.82 0.61
CA ASN A 57 -8.65 -5.11 -0.04
C ASN A 57 -10.06 -5.29 -0.58
N LYS A 58 -11.06 -4.85 0.18
CA LYS A 58 -12.45 -4.96 -0.26
C LYS A 58 -12.68 -4.10 -1.51
N ALA A 59 -12.09 -2.90 -1.50
CA ALA A 59 -12.25 -1.99 -2.62
C ALA A 59 -11.60 -2.57 -3.89
N VAL A 60 -10.45 -3.20 -3.72
CA VAL A 60 -9.74 -3.78 -4.84
C VAL A 60 -9.69 -5.31 -4.73
N LYS A 61 -10.60 -5.87 -3.94
CA LYS A 61 -10.62 -7.32 -3.74
C LYS A 61 -10.75 -8.04 -5.09
N GLU A 62 -11.55 -7.48 -5.99
CA GLU A 62 -11.73 -8.08 -7.30
C GLU A 62 -10.41 -8.07 -8.08
N GLU A 63 -9.69 -6.96 -7.98
CA GLU A 63 -8.40 -6.82 -8.67
C GLU A 63 -7.36 -7.74 -8.04
N LEU A 64 -7.54 -8.05 -6.76
CA LEU A 64 -6.60 -8.91 -6.05
C LEU A 64 -6.54 -10.29 -6.70
N GLN A 65 -7.69 -10.81 -7.11
CA GLN A 65 -7.72 -12.12 -7.74
C GLN A 65 -6.86 -12.12 -9.01
N GLU A 66 -6.96 -11.05 -9.79
CA GLU A 66 -6.17 -10.94 -11.02
C GLU A 66 -4.73 -10.60 -10.70
N ILE A 67 -4.54 -9.85 -9.62
CA ILE A 67 -3.20 -9.45 -9.20
C ILE A 67 -2.50 -10.57 -8.44
N HIS A 68 -1.28 -10.89 -8.85
CA HIS A 68 -0.52 -11.94 -8.20
C HIS A 68 0.90 -11.49 -7.90
N ALA A 69 1.21 -11.32 -6.62
CA ALA A 69 2.55 -10.89 -6.21
C ALA A 69 2.64 -9.38 -6.19
N PHE A 70 1.69 -8.75 -5.52
CA PHE A 70 1.66 -7.29 -5.42
C PHE A 70 1.52 -6.84 -3.97
N SER A 71 2.09 -5.68 -3.66
CA SER A 71 2.02 -5.15 -2.30
C SER A 71 1.55 -3.71 -2.33
N CYS A 72 0.86 -3.29 -1.27
CA CYS A 72 0.35 -1.92 -1.19
C CYS A 72 0.69 -1.30 0.17
N LYS A 73 1.97 -0.97 0.36
CA LYS A 73 2.40 -0.37 1.62
C LYS A 73 1.89 1.06 1.74
N CYS A 74 1.40 1.42 2.92
CA CYS A 74 0.89 2.77 3.15
C CYS A 74 1.28 3.27 4.54
N TYR A 75 1.68 4.54 4.63
CA TYR A 75 2.06 5.12 5.90
C TYR A 75 1.65 6.58 5.97
N THR A 76 1.51 7.10 7.19
CA THR A 76 1.13 8.49 7.38
C THR A 76 1.66 9.01 8.71
N GLU A 77 2.90 9.50 8.69
CA GLU A 77 3.53 10.03 9.90
C GLU A 77 3.88 8.89 10.86
N GLU A 78 3.13 7.80 10.79
CA GLU A 78 3.39 6.65 11.65
C GLU A 78 4.73 6.02 11.32
N GLU A 79 5.08 6.01 10.04
CA GLU A 79 6.34 5.43 9.61
C GLU A 79 7.50 6.01 10.41
N TRP A 80 7.26 7.18 10.99
CA TRP A 80 8.30 7.85 11.80
C TRP A 80 8.58 7.05 13.06
N SER A 81 7.88 5.92 13.21
CA SER A 81 8.04 5.08 14.38
C SER A 81 9.48 4.58 14.49
N LYS A 82 10.17 4.54 13.36
CA LYS A 82 11.56 4.09 13.33
C LYS A 82 12.44 4.99 14.19
N ILE A 83 12.17 6.29 14.13
CA ILE A 83 12.95 7.25 14.90
C ILE A 83 12.57 7.18 16.37
N VAL A 84 13.59 7.11 17.24
CA VAL A 84 13.34 7.02 18.67
C VAL A 84 12.87 8.37 19.23
N VAL A 85 11.55 8.53 19.34
CA VAL A 85 10.99 9.76 19.85
C VAL A 85 9.96 9.47 20.95
N LEU A 86 10.13 10.12 22.10
CA LEU A 86 9.21 9.92 23.22
C LEU A 86 8.79 8.46 23.33
N GLU A 87 9.57 7.57 22.72
CA GLU A 87 9.26 6.14 22.75
C GLU A 87 9.37 5.61 24.18
N HIS A 88 10.39 6.08 24.90
CA HIS A 88 10.59 5.65 26.28
C HIS A 88 10.35 4.15 26.41
N HIS A 89 9.51 3.76 27.38
CA HIS A 89 9.20 2.35 27.59
C HIS A 89 10.31 1.47 27.05
N HIS A 90 10.15 1.01 25.81
CA HIS A 90 11.15 0.15 25.19
C HIS A 90 11.21 0.42 23.69
N HIS A 91 12.44 0.48 23.15
CA HIS A 91 12.63 0.73 21.73
C HIS A 91 11.96 -0.35 20.90
N HIS A 92 12.19 -1.61 21.27
CA HIS A 92 11.61 -2.73 20.55
C HIS A 92 10.44 -3.33 21.35
N HIS A 93 9.24 -3.27 20.75
CA HIS A 93 8.06 -3.81 21.43
C HIS A 93 8.18 -3.63 22.94
N MET A 1 -7.47 -8.06 -17.19
CA MET A 1 -7.15 -7.17 -18.35
C MET A 1 -5.82 -6.48 -18.10
N PRO A 2 -5.33 -5.74 -19.07
CA PRO A 2 -4.03 -5.01 -18.97
C PRO A 2 -4.04 -3.98 -17.84
N VAL A 3 -2.88 -3.78 -17.22
CA VAL A 3 -2.76 -2.82 -16.13
C VAL A 3 -1.57 -1.91 -16.35
N THR A 4 -1.75 -0.64 -16.03
CA THR A 4 -0.68 0.34 -16.22
C THR A 4 -0.19 0.84 -14.87
N GLU A 5 1.13 0.86 -14.69
CA GLU A 5 1.71 1.32 -13.43
C GLU A 5 1.28 2.77 -13.15
N GLN A 6 1.35 3.61 -14.17
CA GLN A 6 0.97 5.00 -14.00
C GLN A 6 -0.52 5.12 -13.68
N GLY A 7 -1.32 4.35 -14.40
CA GLY A 7 -2.77 4.34 -14.18
C GLY A 7 -3.11 3.75 -12.82
N LEU A 8 -2.36 2.74 -12.42
CA LEU A 8 -2.57 2.06 -11.16
C LEU A 8 -2.41 3.03 -10.00
N ARG A 9 -1.41 3.90 -10.10
CA ARG A 9 -1.17 4.88 -9.05
C ARG A 9 -2.40 5.76 -8.86
N GLU A 10 -3.01 6.17 -9.97
CA GLU A 10 -4.19 7.01 -9.91
C GLU A 10 -5.35 6.25 -9.27
N ARG A 11 -5.46 4.97 -9.60
CA ARG A 11 -6.53 4.15 -9.05
C ARG A 11 -6.31 3.96 -7.56
N ILE A 12 -5.05 3.75 -7.17
CA ILE A 12 -4.70 3.58 -5.78
C ILE A 12 -5.02 4.84 -5.00
N GLU A 13 -4.65 5.98 -5.58
CA GLU A 13 -4.90 7.26 -4.94
C GLU A 13 -6.39 7.46 -4.71
N SER A 14 -7.19 7.05 -5.69
CA SER A 14 -8.63 7.16 -5.56
C SER A 14 -9.18 6.00 -4.73
N ALA A 15 -8.39 4.95 -4.56
CA ALA A 15 -8.84 3.81 -3.77
C ALA A 15 -8.37 3.93 -2.33
N ILE A 16 -7.54 4.94 -2.08
CA ILE A 16 -7.02 5.16 -0.73
C ILE A 16 -6.76 6.65 -0.51
N PRO A 17 -7.18 7.16 0.62
CA PRO A 17 -7.01 8.61 0.97
C PRO A 17 -5.53 8.98 1.07
N GLN A 18 -5.21 10.19 0.63
CA GLN A 18 -3.83 10.67 0.67
C GLN A 18 -3.20 10.34 2.01
N VAL A 19 -2.60 9.17 2.10
CA VAL A 19 -1.95 8.73 3.32
C VAL A 19 -0.53 9.28 3.40
N TYR A 20 0.31 8.63 4.19
CA TYR A 20 1.69 9.06 4.35
C TYR A 20 2.43 8.99 3.02
N HIS A 21 2.23 7.90 2.28
CA HIS A 21 2.89 7.74 1.00
C HIS A 21 2.48 6.41 0.35
N ILE A 22 2.01 6.47 -0.89
CA ILE A 22 1.62 5.26 -1.60
C ILE A 22 2.28 5.21 -2.97
N ILE A 23 2.95 4.11 -3.27
CA ILE A 23 3.61 3.96 -4.56
C ILE A 23 3.54 2.53 -5.05
N VAL A 24 3.30 2.34 -6.34
CA VAL A 24 3.21 0.99 -6.90
C VAL A 24 4.31 0.77 -7.94
N THR A 25 5.08 -0.30 -7.74
CA THR A 25 6.17 -0.62 -8.65
C THR A 25 6.01 -2.05 -9.18
N ASP A 26 6.12 -2.19 -10.50
CA ASP A 26 6.00 -3.49 -11.14
C ASP A 26 7.39 -4.09 -11.41
N LEU A 27 7.68 -5.23 -10.80
CA LEU A 27 8.96 -5.88 -10.99
C LEU A 27 9.14 -6.28 -12.46
N SER A 28 10.37 -6.16 -12.95
CA SER A 28 10.65 -6.49 -14.33
C SER A 28 9.84 -7.69 -14.78
N TYR A 29 8.85 -7.44 -15.64
CA TYR A 29 7.99 -8.50 -16.14
C TYR A 29 6.83 -7.92 -16.94
N GLY A 30 7.15 -7.14 -17.97
CA GLY A 30 6.13 -6.53 -18.80
C GLY A 30 5.57 -5.26 -18.15
N CYS A 31 4.54 -4.69 -18.75
CA CYS A 31 3.92 -3.48 -18.22
C CYS A 31 3.32 -3.75 -16.84
N GLY A 32 2.68 -4.91 -16.70
CA GLY A 32 2.06 -5.27 -15.43
C GLY A 32 2.41 -6.70 -15.05
N GLN A 33 1.48 -7.37 -14.36
CA GLN A 33 1.70 -8.75 -13.94
C GLN A 33 2.85 -8.82 -12.94
N SER A 34 3.13 -7.70 -12.28
CA SER A 34 4.20 -7.65 -11.29
C SER A 34 3.71 -7.02 -10.00
N PHE A 35 4.34 -7.39 -8.88
CA PHE A 35 3.94 -6.86 -7.59
C PHE A 35 5.13 -6.29 -6.83
N ASP A 36 5.00 -5.04 -6.39
CA ASP A 36 6.06 -4.41 -5.63
C ASP A 36 5.70 -2.95 -5.33
N ILE A 37 4.79 -2.74 -4.36
CA ILE A 37 4.40 -1.39 -4.01
C ILE A 37 4.62 -1.14 -2.52
N VAL A 38 4.86 0.11 -2.17
CA VAL A 38 5.08 0.46 -0.78
C VAL A 38 4.11 1.56 -0.34
N VAL A 39 3.43 1.32 0.78
CA VAL A 39 2.48 2.29 1.30
C VAL A 39 2.52 2.34 2.82
N VAL A 40 2.42 3.53 3.39
CA VAL A 40 2.44 3.68 4.84
C VAL A 40 1.18 4.39 5.31
N SER A 41 0.48 3.77 6.26
CA SER A 41 -0.75 4.35 6.80
C SER A 41 -1.07 3.77 8.18
N ASP A 42 -1.83 4.51 8.96
CA ASP A 42 -2.20 4.07 10.30
C ASP A 42 -3.22 2.94 10.22
N PHE A 43 -3.65 2.63 9.00
CA PHE A 43 -4.62 1.57 8.79
C PHE A 43 -4.11 0.26 9.37
N PHE A 44 -2.79 0.11 9.40
CA PHE A 44 -2.18 -1.09 9.94
C PHE A 44 -2.03 -0.97 11.46
N GLN A 45 -2.67 0.03 12.04
CA GLN A 45 -2.59 0.22 13.47
C GLN A 45 -3.73 -0.55 14.15
N GLY A 46 -3.40 -1.68 14.77
CA GLY A 46 -4.40 -2.49 15.46
C GLY A 46 -5.16 -3.38 14.46
N LYS A 47 -4.67 -3.44 13.23
CA LYS A 47 -5.29 -4.25 12.20
C LYS A 47 -4.30 -5.25 11.61
N SER A 48 -4.78 -6.46 11.34
CA SER A 48 -3.94 -7.49 10.76
C SER A 48 -3.72 -7.25 9.27
N LYS A 49 -2.75 -7.94 8.70
CA LYS A 49 -2.45 -7.79 7.28
C LYS A 49 -3.65 -8.17 6.42
N LEU A 50 -4.46 -9.09 6.94
CA LEU A 50 -5.65 -9.52 6.21
C LEU A 50 -6.62 -8.37 6.02
N MET A 51 -6.78 -7.56 7.07
CA MET A 51 -7.68 -6.42 7.00
C MET A 51 -7.20 -5.40 5.99
N ARG A 52 -5.89 -5.21 5.93
CA ARG A 52 -5.32 -4.23 5.01
C ARG A 52 -5.59 -4.66 3.57
N SER A 53 -5.45 -5.96 3.32
CA SER A 53 -5.70 -6.49 1.98
C SER A 53 -7.15 -6.31 1.58
N ARG A 54 -8.05 -6.52 2.54
CA ARG A 54 -9.48 -6.37 2.26
C ARG A 54 -9.82 -4.93 1.94
N ALA A 55 -9.26 -4.00 2.72
CA ALA A 55 -9.52 -2.58 2.50
C ALA A 55 -8.94 -2.12 1.16
N VAL A 56 -7.70 -2.54 0.89
CA VAL A 56 -7.04 -2.18 -0.36
C VAL A 56 -7.66 -2.92 -1.53
N ASN A 57 -7.98 -4.19 -1.32
CA ASN A 57 -8.56 -5.00 -2.37
C ASN A 57 -9.92 -4.44 -2.79
N LYS A 58 -10.72 -4.03 -1.82
CA LYS A 58 -12.03 -3.46 -2.13
C LYS A 58 -11.91 -2.16 -2.90
N ALA A 59 -10.95 -1.34 -2.51
CA ALA A 59 -10.73 -0.05 -3.16
C ALA A 59 -10.34 -0.26 -4.63
N VAL A 60 -9.48 -1.24 -4.87
CA VAL A 60 -9.02 -1.53 -6.23
C VAL A 60 -9.12 -3.02 -6.52
N LYS A 61 -10.26 -3.60 -6.18
CA LYS A 61 -10.46 -5.04 -6.39
C LYS A 61 -10.34 -5.38 -7.88
N GLU A 62 -10.90 -4.51 -8.71
CA GLU A 62 -10.85 -4.73 -10.16
C GLU A 62 -9.41 -4.77 -10.65
N GLU A 63 -8.57 -3.90 -10.08
CA GLU A 63 -7.17 -3.85 -10.47
C GLU A 63 -6.47 -5.17 -10.17
N LEU A 64 -6.80 -5.77 -9.04
CA LEU A 64 -6.19 -7.04 -8.66
C LEU A 64 -6.54 -8.13 -9.66
N GLN A 65 -7.78 -8.14 -10.11
CA GLN A 65 -8.23 -9.13 -11.08
C GLN A 65 -7.51 -8.95 -12.41
N GLU A 66 -7.29 -7.69 -12.79
CA GLU A 66 -6.62 -7.38 -14.05
C GLU A 66 -5.13 -7.67 -13.93
N ILE A 67 -4.64 -7.73 -12.70
CA ILE A 67 -3.23 -7.97 -12.48
C ILE A 67 -3.01 -9.38 -11.95
N HIS A 68 -2.21 -10.17 -12.67
CA HIS A 68 -1.92 -11.55 -12.27
C HIS A 68 -1.23 -11.58 -10.92
N ALA A 69 -0.23 -10.75 -10.75
CA ALA A 69 0.51 -10.69 -9.49
C ALA A 69 0.65 -9.25 -9.01
N PHE A 70 0.24 -8.99 -7.78
CA PHE A 70 0.32 -7.66 -7.22
C PHE A 70 0.63 -7.72 -5.72
N SER A 71 1.28 -6.67 -5.22
CA SER A 71 1.62 -6.62 -3.80
C SER A 71 1.25 -5.26 -3.21
N CYS A 72 0.92 -5.24 -1.93
CA CYS A 72 0.55 -4.01 -1.25
C CYS A 72 1.07 -4.00 0.18
N LYS A 73 2.39 -3.89 0.33
CA LYS A 73 2.98 -3.89 1.66
C LYS A 73 2.55 -2.63 2.42
N CYS A 74 2.20 -2.81 3.69
CA CYS A 74 1.77 -1.68 4.52
C CYS A 74 2.71 -1.50 5.71
N TYR A 75 3.17 -0.27 5.91
CA TYR A 75 4.05 0.03 7.03
C TYR A 75 3.54 1.24 7.81
N THR A 76 3.63 1.17 9.13
CA THR A 76 3.19 2.27 9.98
C THR A 76 3.96 2.29 11.29
N GLU A 77 4.26 1.11 11.81
CA GLU A 77 5.00 1.00 13.06
C GLU A 77 5.07 -0.46 13.50
N GLU A 78 4.02 -1.22 13.21
CA GLU A 78 3.99 -2.62 13.58
C GLU A 78 5.11 -3.41 12.90
N GLU A 79 5.35 -3.09 11.64
CA GLU A 79 6.39 -3.77 10.89
C GLU A 79 7.74 -3.53 11.55
N TRP A 80 7.92 -2.32 12.06
CA TRP A 80 9.17 -1.96 12.74
C TRP A 80 9.37 -2.84 13.98
N SER A 81 8.29 -3.05 14.73
CA SER A 81 8.36 -3.87 15.93
C SER A 81 9.01 -3.09 17.07
N LYS A 82 8.22 -2.29 17.77
CA LYS A 82 8.75 -1.49 18.87
C LYS A 82 10.18 -1.05 18.59
N ILE A 83 11.14 -1.68 19.28
CA ILE A 83 12.54 -1.33 19.10
C ILE A 83 12.76 0.14 19.42
N VAL A 84 12.34 1.01 18.51
CA VAL A 84 12.49 2.45 18.73
C VAL A 84 11.45 3.21 17.91
N VAL A 85 10.66 4.02 18.60
CA VAL A 85 9.63 4.81 17.93
C VAL A 85 9.49 6.17 18.62
N LEU A 86 9.27 7.21 17.81
CA LEU A 86 9.12 8.55 18.35
C LEU A 86 9.95 8.73 19.62
N GLU A 87 11.22 8.34 19.54
CA GLU A 87 12.11 8.47 20.69
C GLU A 87 12.27 9.92 21.10
N HIS A 88 12.40 10.79 20.11
CA HIS A 88 12.56 12.22 20.37
C HIS A 88 11.28 12.80 20.96
N HIS A 89 11.43 13.67 21.95
CA HIS A 89 10.27 14.29 22.59
C HIS A 89 10.13 15.74 22.14
N HIS A 90 8.94 16.09 21.67
CA HIS A 90 8.68 17.44 21.21
C HIS A 90 7.20 17.77 21.28
N HIS A 91 6.87 19.06 21.23
CA HIS A 91 5.48 19.49 21.29
C HIS A 91 5.04 20.09 19.96
N HIS A 92 4.01 19.48 19.36
CA HIS A 92 3.50 19.97 18.09
C HIS A 92 2.76 21.29 18.26
N HIS A 93 2.40 21.59 19.52
CA HIS A 93 1.69 22.82 19.82
C HIS A 93 0.90 23.30 18.60
N MET A 1 -0.37 -7.79 -21.02
CA MET A 1 -0.56 -8.43 -19.69
C MET A 1 -1.94 -8.04 -19.13
N PRO A 2 -2.46 -8.83 -18.24
CA PRO A 2 -3.78 -8.58 -17.61
C PRO A 2 -3.78 -7.30 -16.77
N VAL A 3 -2.60 -6.88 -16.35
CA VAL A 3 -2.48 -5.67 -15.54
C VAL A 3 -1.32 -4.81 -16.05
N THR A 4 -1.48 -3.50 -16.00
CA THR A 4 -0.43 -2.60 -16.45
C THR A 4 -0.12 -1.58 -15.36
N GLU A 5 1.09 -1.01 -15.41
CA GLU A 5 1.50 -0.03 -14.41
C GLU A 5 0.59 1.19 -14.47
N GLN A 6 0.32 1.67 -15.68
CA GLN A 6 -0.54 2.84 -15.85
C GLN A 6 -1.98 2.49 -15.46
N GLY A 7 -2.45 1.33 -15.90
CA GLY A 7 -3.80 0.88 -15.58
C GLY A 7 -3.93 0.62 -14.08
N LEU A 8 -2.86 0.13 -13.47
CA LEU A 8 -2.89 -0.19 -12.05
C LEU A 8 -3.18 1.06 -11.23
N ARG A 9 -2.59 2.18 -11.61
CA ARG A 9 -2.80 3.43 -10.89
C ARG A 9 -4.29 3.79 -10.87
N GLU A 10 -4.96 3.61 -12.00
CA GLU A 10 -6.39 3.92 -12.10
C GLU A 10 -7.20 2.99 -11.20
N ARG A 11 -6.83 1.70 -11.19
CA ARG A 11 -7.52 0.72 -10.36
C ARG A 11 -7.28 1.02 -8.88
N ILE A 12 -6.04 1.39 -8.55
CA ILE A 12 -5.70 1.72 -7.16
C ILE A 12 -6.43 2.98 -6.73
N GLU A 13 -6.45 3.98 -7.61
CA GLU A 13 -7.12 5.24 -7.32
C GLU A 13 -8.61 4.99 -7.10
N SER A 14 -9.17 4.09 -7.91
CA SER A 14 -10.59 3.76 -7.80
C SER A 14 -10.79 2.75 -6.67
N ALA A 15 -9.68 2.18 -6.18
CA ALA A 15 -9.76 1.21 -5.10
C ALA A 15 -9.57 1.91 -3.76
N ILE A 16 -9.17 3.17 -3.81
CA ILE A 16 -8.95 3.95 -2.60
C ILE A 16 -9.03 5.45 -2.91
N PRO A 17 -9.04 6.26 -1.90
CA PRO A 17 -9.10 7.74 -2.05
C PRO A 17 -7.87 8.30 -2.78
N GLN A 18 -8.11 9.28 -3.64
CA GLN A 18 -7.01 9.89 -4.40
C GLN A 18 -5.73 9.89 -3.59
N VAL A 19 -4.97 8.80 -3.68
CA VAL A 19 -3.71 8.69 -2.95
C VAL A 19 -2.70 9.70 -3.48
N TYR A 20 -2.24 10.59 -2.60
CA TYR A 20 -1.27 11.61 -2.98
C TYR A 20 0.03 10.97 -3.43
N HIS A 21 0.49 9.98 -2.67
CA HIS A 21 1.74 9.30 -2.98
C HIS A 21 1.46 7.91 -3.54
N ILE A 22 1.73 7.72 -4.83
CA ILE A 22 1.53 6.43 -5.47
C ILE A 22 2.65 6.13 -6.45
N ILE A 23 3.31 4.99 -6.28
CA ILE A 23 4.40 4.60 -7.16
C ILE A 23 4.37 3.10 -7.43
N VAL A 24 4.42 2.73 -8.70
CA VAL A 24 4.42 1.32 -9.08
C VAL A 24 5.69 0.97 -9.87
N THR A 25 6.39 -0.06 -9.41
CA THR A 25 7.62 -0.48 -10.08
C THR A 25 7.56 -1.95 -10.43
N ASP A 26 7.93 -2.28 -11.67
CA ASP A 26 7.90 -3.66 -12.13
C ASP A 26 9.31 -4.26 -12.09
N LEU A 27 9.42 -5.46 -11.52
CA LEU A 27 10.72 -6.13 -11.45
C LEU A 27 10.61 -7.56 -11.97
N SER A 28 9.41 -8.12 -11.90
CA SER A 28 9.20 -9.49 -12.37
C SER A 28 9.53 -9.60 -13.85
N TYR A 29 9.04 -8.64 -14.64
CA TYR A 29 9.31 -8.62 -16.07
C TYR A 29 9.20 -7.21 -16.63
N GLY A 30 9.14 -6.22 -15.74
CA GLY A 30 9.04 -4.84 -16.17
C GLY A 30 7.59 -4.48 -16.52
N CYS A 31 6.69 -5.44 -16.32
CA CYS A 31 5.28 -5.21 -16.62
C CYS A 31 4.40 -5.86 -15.56
N GLY A 32 3.39 -5.12 -15.10
CA GLY A 32 2.48 -5.63 -14.08
C GLY A 32 2.91 -5.19 -12.68
N GLN A 33 1.96 -5.15 -11.76
CA GLN A 33 2.26 -4.75 -10.40
C GLN A 33 3.27 -5.70 -9.77
N SER A 34 3.14 -7.00 -10.07
CA SER A 34 4.04 -8.00 -9.51
C SER A 34 5.43 -7.41 -9.28
N PHE A 35 5.65 -6.91 -8.08
CA PHE A 35 6.94 -6.32 -7.73
C PHE A 35 6.85 -5.60 -6.39
N ASP A 36 7.02 -4.28 -6.42
CA ASP A 36 6.97 -3.48 -5.20
C ASP A 36 6.37 -2.11 -5.49
N ILE A 37 5.29 -1.78 -4.78
CA ILE A 37 4.63 -0.49 -4.95
C ILE A 37 4.46 0.20 -3.60
N VAL A 38 4.38 1.54 -3.63
CA VAL A 38 4.21 2.31 -2.41
C VAL A 38 2.98 3.21 -2.51
N VAL A 39 2.05 3.06 -1.58
CA VAL A 39 0.84 3.87 -1.59
C VAL A 39 0.58 4.49 -0.22
N VAL A 40 0.41 5.81 -0.20
CA VAL A 40 0.12 6.51 1.06
C VAL A 40 -1.12 7.38 0.91
N SER A 41 -2.08 7.19 1.81
CA SER A 41 -3.31 7.96 1.77
C SER A 41 -3.99 7.95 3.14
N ASP A 42 -4.99 8.82 3.30
CA ASP A 42 -5.72 8.90 4.57
C ASP A 42 -6.58 7.66 4.78
N PHE A 43 -6.70 6.84 3.73
CA PHE A 43 -7.50 5.62 3.82
C PHE A 43 -6.98 4.73 4.94
N PHE A 44 -5.68 4.78 5.19
CA PHE A 44 -5.07 3.97 6.25
C PHE A 44 -5.17 4.69 7.59
N GLN A 45 -5.76 5.87 7.60
CA GLN A 45 -5.92 6.64 8.82
C GLN A 45 -7.15 6.18 9.59
N GLY A 46 -6.94 5.75 10.84
CA GLY A 46 -8.04 5.29 11.67
C GLY A 46 -8.44 3.85 11.31
N LYS A 47 -7.65 3.24 10.41
CA LYS A 47 -7.94 1.87 9.99
C LYS A 47 -6.69 1.02 10.11
N SER A 48 -6.87 -0.25 10.47
CA SER A 48 -5.76 -1.18 10.62
C SER A 48 -5.22 -1.58 9.26
N LYS A 49 -4.00 -2.13 9.25
CA LYS A 49 -3.38 -2.57 8.00
C LYS A 49 -4.22 -3.66 7.36
N LEU A 50 -4.69 -4.60 8.17
CA LEU A 50 -5.50 -5.71 7.67
C LEU A 50 -6.79 -5.17 7.04
N MET A 51 -7.41 -4.20 7.68
CA MET A 51 -8.64 -3.61 7.16
C MET A 51 -8.39 -2.91 5.82
N ARG A 52 -7.27 -2.19 5.72
CA ARG A 52 -6.93 -1.50 4.48
C ARG A 52 -6.72 -2.48 3.33
N SER A 53 -6.02 -3.58 3.62
CA SER A 53 -5.76 -4.59 2.59
C SER A 53 -7.07 -5.14 2.05
N ARG A 54 -8.02 -5.43 2.95
CA ARG A 54 -9.31 -5.95 2.53
C ARG A 54 -10.04 -4.90 1.70
N ALA A 55 -9.96 -3.64 2.15
CA ALA A 55 -10.62 -2.54 1.44
C ALA A 55 -10.00 -2.36 0.06
N VAL A 56 -8.68 -2.43 -0.03
CA VAL A 56 -7.98 -2.28 -1.30
C VAL A 56 -8.20 -3.51 -2.18
N ASN A 57 -8.12 -4.69 -1.55
CA ASN A 57 -8.31 -5.94 -2.28
C ASN A 57 -9.72 -6.04 -2.85
N LYS A 58 -10.71 -5.74 -2.01
CA LYS A 58 -12.10 -5.79 -2.44
C LYS A 58 -12.38 -4.77 -3.54
N ALA A 59 -11.83 -3.56 -3.37
CA ALA A 59 -12.04 -2.52 -4.36
C ALA A 59 -11.42 -2.89 -5.70
N VAL A 60 -10.23 -3.49 -5.66
CA VAL A 60 -9.56 -3.90 -6.89
C VAL A 60 -9.22 -5.38 -6.85
N LYS A 61 -10.18 -6.19 -6.43
CA LYS A 61 -9.97 -7.64 -6.36
C LYS A 61 -9.90 -8.22 -7.76
N GLU A 62 -10.53 -7.54 -8.72
CA GLU A 62 -10.53 -8.03 -10.09
C GLU A 62 -9.11 -8.14 -10.63
N GLU A 63 -8.32 -7.09 -10.40
CA GLU A 63 -6.94 -7.08 -10.86
C GLU A 63 -6.10 -8.07 -10.05
N LEU A 64 -6.45 -8.23 -8.79
CA LEU A 64 -5.71 -9.15 -7.92
C LEU A 64 -5.84 -10.59 -8.43
N GLN A 65 -7.04 -10.94 -8.90
CA GLN A 65 -7.27 -12.29 -9.41
C GLN A 65 -6.35 -12.60 -10.58
N GLU A 66 -6.15 -11.62 -11.46
CA GLU A 66 -5.27 -11.80 -12.61
C GLU A 66 -3.80 -11.74 -12.19
N ILE A 67 -3.53 -10.98 -11.13
CA ILE A 67 -2.16 -10.83 -10.63
C ILE A 67 -2.10 -11.10 -9.12
N HIS A 68 -1.19 -11.99 -8.73
CA HIS A 68 -1.01 -12.34 -7.32
C HIS A 68 0.47 -12.55 -7.01
N ALA A 69 1.15 -11.48 -6.59
CA ALA A 69 2.56 -11.57 -6.25
C ALA A 69 3.19 -10.18 -6.19
N PHE A 70 2.59 -9.30 -5.40
CA PHE A 70 3.10 -7.94 -5.26
C PHE A 70 2.89 -7.43 -3.84
N SER A 71 3.66 -6.41 -3.44
CA SER A 71 3.52 -5.85 -2.11
C SER A 71 2.92 -4.44 -2.17
N CYS A 72 2.05 -4.14 -1.22
CA CYS A 72 1.40 -2.82 -1.18
C CYS A 72 1.59 -2.16 0.18
N LYS A 73 2.74 -1.53 0.38
CA LYS A 73 3.04 -0.87 1.65
C LYS A 73 2.09 0.32 1.86
N CYS A 74 1.51 0.40 3.06
CA CYS A 74 0.59 1.49 3.37
C CYS A 74 1.15 2.37 4.49
N TYR A 75 1.25 3.66 4.22
CA TYR A 75 1.77 4.58 5.22
C TYR A 75 0.84 5.78 5.37
N THR A 76 0.65 6.23 6.61
CA THR A 76 -0.22 7.37 6.88
C THR A 76 -0.08 7.83 8.32
N GLU A 77 1.15 7.79 8.84
CA GLU A 77 1.41 8.22 10.21
C GLU A 77 1.27 7.04 11.18
N GLU A 78 0.40 6.09 10.82
CA GLU A 78 0.18 4.91 11.66
C GLU A 78 1.46 4.09 11.78
N GLU A 79 2.21 4.00 10.68
CA GLU A 79 3.45 3.25 10.69
C GLU A 79 4.35 3.72 11.82
N TRP A 80 4.24 5.00 12.16
CA TRP A 80 5.04 5.57 13.25
C TRP A 80 4.70 4.89 14.58
N SER A 81 3.41 4.75 14.85
CA SER A 81 2.95 4.13 16.09
C SER A 81 3.96 4.35 17.21
N LYS A 82 3.95 3.46 18.19
CA LYS A 82 4.87 3.55 19.32
C LYS A 82 6.31 3.30 18.88
N ILE A 83 6.47 2.64 17.74
CA ILE A 83 7.80 2.32 17.23
C ILE A 83 8.83 3.31 17.77
N VAL A 84 10.02 2.82 18.09
CA VAL A 84 11.07 3.67 18.62
C VAL A 84 10.90 5.11 18.13
N VAL A 85 10.82 6.05 19.07
CA VAL A 85 10.66 7.45 18.72
C VAL A 85 10.36 8.28 19.97
N LEU A 86 10.72 7.73 21.14
CA LEU A 86 10.48 8.43 22.40
C LEU A 86 10.29 7.42 23.54
N GLU A 87 10.12 6.16 23.17
CA GLU A 87 9.92 5.09 24.14
C GLU A 87 11.22 4.83 24.93
N HIS A 88 12.31 5.47 24.50
CA HIS A 88 13.59 5.29 25.16
C HIS A 88 13.50 5.66 26.64
N HIS A 89 14.08 4.81 27.49
CA HIS A 89 14.05 5.06 28.92
C HIS A 89 15.34 5.75 29.37
N HIS A 90 15.20 6.86 30.07
CA HIS A 90 16.37 7.60 30.54
C HIS A 90 17.07 6.80 31.64
N HIS A 91 18.31 7.17 31.92
CA HIS A 91 19.09 6.48 32.94
C HIS A 91 19.32 7.40 34.14
N HIS A 92 19.17 6.86 35.34
CA HIS A 92 19.35 7.64 36.56
C HIS A 92 19.90 6.76 37.68
N HIS A 93 20.84 7.29 38.44
CA HIS A 93 21.44 6.54 39.55
C HIS A 93 21.60 5.07 39.17
N MET A 1 0.00 -6.99 -21.82
CA MET A 1 -0.05 -6.08 -20.63
C MET A 1 -1.44 -6.13 -20.02
N PRO A 2 -1.74 -7.17 -19.31
CA PRO A 2 -3.06 -7.34 -18.64
C PRO A 2 -3.32 -6.28 -17.57
N VAL A 3 -2.23 -5.71 -17.05
CA VAL A 3 -2.35 -4.68 -16.02
C VAL A 3 -1.32 -3.58 -16.25
N THR A 4 -1.73 -2.54 -16.98
CA THR A 4 -0.84 -1.42 -17.26
C THR A 4 -0.49 -0.67 -15.98
N GLU A 5 0.78 -0.33 -15.82
CA GLU A 5 1.23 0.39 -14.63
C GLU A 5 0.50 1.72 -14.51
N GLN A 6 0.40 2.45 -15.62
CA GLN A 6 -0.30 3.73 -15.62
C GLN A 6 -1.78 3.54 -15.32
N GLY A 7 -2.38 2.52 -15.92
CA GLY A 7 -3.79 2.22 -15.71
C GLY A 7 -4.04 1.78 -14.27
N LEU A 8 -3.05 1.09 -13.69
CA LEU A 8 -3.18 0.60 -12.32
C LEU A 8 -3.38 1.76 -11.35
N ARG A 9 -2.66 2.84 -11.59
CA ARG A 9 -2.76 4.01 -10.72
C ARG A 9 -4.21 4.54 -10.71
N GLU A 10 -4.82 4.58 -11.88
CA GLU A 10 -6.20 5.05 -11.98
C GLU A 10 -7.15 4.11 -11.24
N ARG A 11 -6.91 2.80 -11.39
CA ARG A 11 -7.75 1.81 -10.73
C ARG A 11 -7.58 1.88 -9.23
N ILE A 12 -6.32 1.99 -8.79
CA ILE A 12 -6.02 2.08 -7.36
C ILE A 12 -6.63 3.35 -6.77
N GLU A 13 -6.48 4.45 -7.49
CA GLU A 13 -7.01 5.73 -7.03
C GLU A 13 -8.52 5.64 -6.84
N SER A 14 -9.18 4.94 -7.75
CA SER A 14 -10.62 4.75 -7.66
C SER A 14 -10.97 3.56 -6.78
N ALA A 15 -9.95 2.77 -6.44
CA ALA A 15 -10.16 1.59 -5.61
C ALA A 15 -9.92 1.93 -4.13
N ILE A 16 -9.38 3.12 -3.89
CA ILE A 16 -9.10 3.57 -2.54
C ILE A 16 -8.98 5.08 -2.48
N PRO A 17 -9.08 5.64 -1.31
CA PRO A 17 -8.99 7.12 -1.11
C PRO A 17 -7.68 7.70 -1.65
N GLN A 18 -7.78 8.87 -2.27
CA GLN A 18 -6.60 9.52 -2.84
C GLN A 18 -5.39 9.37 -1.92
N VAL A 19 -4.65 8.28 -2.11
CA VAL A 19 -3.48 8.03 -1.29
C VAL A 19 -2.41 9.09 -1.54
N TYR A 20 -2.45 9.69 -2.72
CA TYR A 20 -1.49 10.74 -3.07
C TYR A 20 -0.17 10.12 -3.52
N HIS A 21 0.34 9.18 -2.73
CA HIS A 21 1.61 8.54 -3.05
C HIS A 21 1.38 7.11 -3.54
N ILE A 22 1.58 6.89 -4.83
CA ILE A 22 1.40 5.56 -5.41
C ILE A 22 2.62 5.17 -6.24
N ILE A 23 3.20 4.01 -5.92
CA ILE A 23 4.36 3.53 -6.65
C ILE A 23 4.12 2.12 -7.18
N VAL A 24 4.23 1.95 -8.50
CA VAL A 24 4.03 0.65 -9.11
C VAL A 24 5.30 0.20 -9.85
N THR A 25 5.79 -0.98 -9.51
CA THR A 25 6.98 -1.51 -10.15
C THR A 25 6.73 -2.90 -10.69
N ASP A 26 7.17 -3.15 -11.93
CA ASP A 26 6.99 -4.46 -12.54
C ASP A 26 8.28 -5.27 -12.47
N LEU A 27 8.29 -6.31 -11.63
CA LEU A 27 9.46 -7.17 -11.49
C LEU A 27 9.13 -8.59 -11.95
N SER A 28 7.87 -8.82 -12.28
CA SER A 28 7.43 -10.14 -12.73
C SER A 28 8.19 -10.56 -13.98
N TYR A 29 8.29 -9.64 -14.93
CA TYR A 29 8.99 -9.92 -16.19
C TYR A 29 9.43 -8.63 -16.86
N GLY A 30 8.45 -7.82 -17.28
CA GLY A 30 8.74 -6.56 -17.93
C GLY A 30 7.84 -5.45 -17.41
N CYS A 31 6.89 -5.02 -18.23
CA CYS A 31 5.97 -3.96 -17.84
C CYS A 31 4.53 -4.47 -17.88
N GLY A 32 3.68 -3.93 -17.00
CA GLY A 32 2.29 -4.33 -16.95
C GLY A 32 2.15 -5.74 -16.37
N GLN A 33 3.10 -6.13 -15.53
CA GLN A 33 3.07 -7.45 -14.93
C GLN A 33 2.98 -7.34 -13.41
N SER A 34 2.84 -8.48 -12.75
CA SER A 34 2.72 -8.50 -11.29
C SER A 34 4.05 -8.13 -10.64
N PHE A 35 4.01 -7.79 -9.36
CA PHE A 35 5.21 -7.42 -8.64
C PHE A 35 4.87 -6.87 -7.25
N ASP A 36 5.12 -5.57 -7.07
CA ASP A 36 4.85 -4.95 -5.78
C ASP A 36 4.41 -3.49 -5.97
N ILE A 37 3.52 -3.04 -5.10
CA ILE A 37 3.04 -1.66 -5.17
C ILE A 37 3.07 -1.01 -3.80
N VAL A 38 3.17 0.33 -3.78
CA VAL A 38 3.20 1.06 -2.52
C VAL A 38 2.10 2.11 -2.49
N VAL A 39 1.27 2.06 -1.45
CA VAL A 39 0.18 3.02 -1.32
C VAL A 39 0.20 3.64 0.08
N VAL A 40 0.12 4.97 0.14
CA VAL A 40 0.12 5.65 1.42
C VAL A 40 -1.14 6.51 1.57
N SER A 41 -1.88 6.29 2.65
CA SER A 41 -3.11 7.04 2.89
C SER A 41 -3.45 7.05 4.37
N ASP A 42 -4.39 7.91 4.76
CA ASP A 42 -4.80 8.00 6.16
C ASP A 42 -5.66 6.82 6.55
N PHE A 43 -6.00 5.99 5.55
CA PHE A 43 -6.82 4.81 5.80
C PHE A 43 -6.14 3.91 6.83
N PHE A 44 -4.83 4.10 6.99
CA PHE A 44 -4.08 3.28 7.95
C PHE A 44 -4.01 3.98 9.31
N GLN A 45 -4.62 5.15 9.40
CA GLN A 45 -4.63 5.90 10.65
C GLN A 45 -5.87 5.55 11.46
N GLY A 46 -5.66 5.07 12.68
CA GLY A 46 -6.77 4.71 13.56
C GLY A 46 -7.35 3.35 13.19
N LYS A 47 -6.68 2.67 12.26
CA LYS A 47 -7.14 1.36 11.83
C LYS A 47 -5.99 0.34 11.89
N SER A 48 -6.34 -0.90 12.22
CA SER A 48 -5.34 -1.96 12.32
C SER A 48 -4.78 -2.28 10.94
N LYS A 49 -3.51 -2.69 10.90
CA LYS A 49 -2.86 -3.02 9.63
C LYS A 49 -3.64 -4.10 8.90
N LEU A 50 -4.19 -5.05 9.65
CA LEU A 50 -4.97 -6.13 9.05
C LEU A 50 -6.21 -5.57 8.36
N MET A 51 -6.86 -4.59 9.00
CA MET A 51 -8.06 -3.99 8.44
C MET A 51 -7.73 -3.24 7.15
N ARG A 52 -6.59 -2.56 7.14
CA ARG A 52 -6.18 -1.80 5.97
C ARG A 52 -5.97 -2.73 4.77
N SER A 53 -5.30 -3.85 5.01
CA SER A 53 -5.05 -4.82 3.95
C SER A 53 -6.36 -5.38 3.42
N ARG A 54 -7.25 -5.75 4.34
CA ARG A 54 -8.53 -6.32 3.96
C ARG A 54 -9.36 -5.30 3.17
N ALA A 55 -9.39 -4.07 3.66
CA ALA A 55 -10.14 -3.01 3.00
C ALA A 55 -9.55 -2.72 1.62
N VAL A 56 -8.22 -2.65 1.55
CA VAL A 56 -7.54 -2.38 0.29
C VAL A 56 -7.65 -3.59 -0.63
N ASN A 57 -7.55 -4.78 -0.06
CA ASN A 57 -7.62 -6.01 -0.85
C ASN A 57 -8.97 -6.13 -1.55
N LYS A 58 -10.03 -5.79 -0.82
CA LYS A 58 -11.38 -5.85 -1.38
C LYS A 58 -11.53 -4.86 -2.53
N ALA A 59 -10.99 -3.66 -2.33
CA ALA A 59 -11.07 -2.62 -3.36
C ALA A 59 -10.32 -3.05 -4.61
N VAL A 60 -9.16 -3.68 -4.42
CA VAL A 60 -8.35 -4.14 -5.54
C VAL A 60 -8.59 -5.62 -5.82
N LYS A 61 -9.81 -6.08 -5.52
CA LYS A 61 -10.16 -7.48 -5.73
C LYS A 61 -10.00 -7.85 -7.20
N GLU A 62 -10.47 -6.96 -8.08
CA GLU A 62 -10.38 -7.19 -9.52
C GLU A 62 -8.91 -7.23 -9.95
N GLU A 63 -8.10 -6.38 -9.34
CA GLU A 63 -6.68 -6.30 -9.67
C GLU A 63 -6.01 -7.66 -9.43
N LEU A 64 -6.43 -8.33 -8.36
CA LEU A 64 -5.86 -9.63 -8.03
C LEU A 64 -6.10 -10.63 -9.15
N GLN A 65 -7.29 -10.59 -9.73
CA GLN A 65 -7.64 -11.50 -10.82
C GLN A 65 -6.74 -11.23 -12.03
N GLU A 66 -6.48 -9.96 -12.31
CA GLU A 66 -5.65 -9.59 -13.45
C GLU A 66 -4.18 -9.66 -13.08
N ILE A 67 -3.91 -9.73 -11.78
CA ILE A 67 -2.52 -9.80 -11.29
C ILE A 67 -2.24 -11.16 -10.69
N HIS A 68 -1.14 -11.78 -11.12
CA HIS A 68 -0.77 -13.10 -10.61
C HIS A 68 -0.51 -13.04 -9.10
N ALA A 69 0.18 -11.98 -8.67
CA ALA A 69 0.48 -11.81 -7.25
C ALA A 69 1.21 -10.49 -7.02
N PHE A 70 0.66 -9.67 -6.14
CA PHE A 70 1.26 -8.37 -5.83
C PHE A 70 1.03 -8.01 -4.37
N SER A 71 1.85 -7.10 -3.85
CA SER A 71 1.71 -6.66 -2.46
C SER A 71 1.51 -5.16 -2.39
N CYS A 72 0.79 -4.71 -1.36
CA CYS A 72 0.54 -3.28 -1.19
C CYS A 72 1.03 -2.82 0.19
N LYS A 73 2.17 -2.13 0.19
CA LYS A 73 2.73 -1.64 1.45
C LYS A 73 1.88 -0.51 2.01
N CYS A 74 1.71 -0.51 3.33
CA CYS A 74 0.90 0.52 3.98
C CYS A 74 1.78 1.44 4.83
N TYR A 75 1.68 2.74 4.59
CA TYR A 75 2.46 3.71 5.35
C TYR A 75 1.57 4.88 5.79
N THR A 76 1.84 5.40 6.98
CA THR A 76 1.08 6.53 7.50
C THR A 76 1.74 7.10 8.75
N GLU A 77 3.06 7.21 8.70
CA GLU A 77 3.82 7.76 9.82
C GLU A 77 3.86 6.76 10.98
N GLU A 78 3.00 5.74 10.90
CA GLU A 78 2.96 4.71 11.94
C GLU A 78 4.26 3.93 11.97
N GLU A 79 4.82 3.67 10.80
CA GLU A 79 6.07 2.92 10.71
C GLU A 79 7.15 3.58 11.54
N TRP A 80 6.95 4.85 11.87
CA TRP A 80 7.93 5.59 12.67
C TRP A 80 7.76 5.24 14.15
N SER A 81 6.97 4.22 14.43
CA SER A 81 6.73 3.82 15.80
C SER A 81 8.04 3.44 16.49
N LYS A 82 8.91 2.76 15.76
CA LYS A 82 10.19 2.35 16.30
C LYS A 82 11.31 3.22 15.71
N ILE A 83 11.67 4.28 16.42
CA ILE A 83 12.71 5.18 15.94
C ILE A 83 13.56 5.68 17.11
N VAL A 84 14.86 5.84 16.86
CA VAL A 84 15.77 6.32 17.90
C VAL A 84 15.72 7.84 18.01
N VAL A 85 14.98 8.46 17.11
CA VAL A 85 14.85 9.92 17.10
C VAL A 85 14.23 10.40 18.40
N LEU A 86 13.17 9.73 18.82
CA LEU A 86 12.49 10.11 20.06
C LEU A 86 12.95 9.24 21.21
N GLU A 87 13.84 9.78 22.04
CA GLU A 87 14.35 9.05 23.20
C GLU A 87 13.23 8.72 24.17
N HIS A 88 12.35 9.70 24.40
CA HIS A 88 11.23 9.50 25.32
C HIS A 88 11.69 8.81 26.60
N HIS A 89 12.13 9.62 27.57
CA HIS A 89 12.59 9.07 28.84
C HIS A 89 11.42 8.52 29.64
N HIS A 90 11.63 7.35 30.26
CA HIS A 90 10.60 6.72 31.05
C HIS A 90 11.20 5.93 32.22
N HIS A 91 12.45 6.28 32.56
CA HIS A 91 13.13 5.59 33.65
C HIS A 91 12.38 5.80 34.97
N HIS A 92 11.87 7.02 35.17
CA HIS A 92 11.13 7.33 36.39
C HIS A 92 9.78 6.62 36.40
N HIS A 93 9.47 5.96 37.51
CA HIS A 93 8.21 5.24 37.63
C HIS A 93 7.63 5.42 39.02
N MET A 1 -6.38 -11.71 -17.71
CA MET A 1 -6.19 -10.47 -18.52
C MET A 1 -4.86 -9.81 -18.11
N PRO A 2 -4.11 -9.34 -19.07
CA PRO A 2 -2.80 -8.67 -18.83
C PRO A 2 -2.95 -7.43 -17.95
N VAL A 3 -1.94 -7.18 -17.10
CA VAL A 3 -2.00 -6.02 -16.21
C VAL A 3 -0.65 -5.29 -16.18
N THR A 4 -0.70 -3.97 -16.14
CA THR A 4 0.51 -3.17 -16.11
C THR A 4 0.59 -2.36 -14.82
N GLU A 5 1.78 -2.32 -14.22
CA GLU A 5 1.98 -1.57 -12.99
C GLU A 5 1.77 -0.08 -13.23
N GLN A 6 2.27 0.41 -14.36
CA GLN A 6 2.11 1.83 -14.69
C GLN A 6 0.63 2.14 -14.89
N GLY A 7 -0.05 1.24 -15.61
CA GLY A 7 -1.48 1.37 -15.86
C GLY A 7 -2.27 1.08 -14.59
N LEU A 8 -1.70 0.20 -13.77
CA LEU A 8 -2.33 -0.21 -12.52
C LEU A 8 -2.54 0.99 -11.61
N ARG A 9 -1.58 1.91 -11.62
CA ARG A 9 -1.69 3.09 -10.79
C ARG A 9 -2.98 3.85 -11.09
N GLU A 10 -3.30 3.99 -12.38
CA GLU A 10 -4.51 4.69 -12.79
C GLU A 10 -5.74 3.93 -12.33
N ARG A 11 -5.69 2.60 -12.43
CA ARG A 11 -6.80 1.75 -12.02
C ARG A 11 -7.00 1.85 -10.51
N ILE A 12 -5.89 1.82 -9.79
CA ILE A 12 -5.93 1.91 -8.34
C ILE A 12 -6.50 3.25 -7.91
N GLU A 13 -6.05 4.30 -8.57
CA GLU A 13 -6.52 5.65 -8.26
C GLU A 13 -8.03 5.73 -8.45
N SER A 14 -8.52 5.12 -9.51
CA SER A 14 -9.94 5.12 -9.77
C SER A 14 -10.63 4.03 -8.96
N ALA A 15 -9.83 3.13 -8.38
CA ALA A 15 -10.39 2.05 -7.58
C ALA A 15 -10.43 2.42 -6.10
N ILE A 16 -9.74 3.51 -5.77
CA ILE A 16 -9.69 3.99 -4.40
C ILE A 16 -9.81 5.50 -4.37
N PRO A 17 -10.68 6.01 -3.53
CA PRO A 17 -10.90 7.46 -3.38
C PRO A 17 -9.62 8.26 -3.61
N GLN A 18 -9.60 9.04 -4.69
CA GLN A 18 -8.44 9.85 -5.02
C GLN A 18 -7.54 10.02 -3.80
N VAL A 19 -6.67 9.04 -3.59
CA VAL A 19 -5.77 9.08 -2.45
C VAL A 19 -4.71 10.15 -2.63
N TYR A 20 -4.16 10.61 -1.52
CA TYR A 20 -3.13 11.65 -1.56
C TYR A 20 -1.92 11.20 -2.37
N HIS A 21 -1.43 9.99 -2.08
CA HIS A 21 -0.27 9.47 -2.79
C HIS A 21 -0.49 8.02 -3.20
N ILE A 22 -0.36 7.75 -4.49
CA ILE A 22 -0.53 6.40 -5.01
C ILE A 22 0.49 6.13 -6.11
N ILE A 23 1.37 5.17 -5.87
CA ILE A 23 2.37 4.80 -6.87
C ILE A 23 2.59 3.29 -6.88
N VAL A 24 2.56 2.71 -8.08
CA VAL A 24 2.77 1.27 -8.20
C VAL A 24 4.09 0.99 -8.91
N THR A 25 4.91 0.15 -8.29
CA THR A 25 6.22 -0.19 -8.85
C THR A 25 6.35 -1.71 -8.99
N ASP A 26 6.94 -2.13 -10.11
CA ASP A 26 7.13 -3.56 -10.34
C ASP A 26 8.56 -3.98 -9.97
N LEU A 27 8.71 -4.70 -8.86
CA LEU A 27 10.02 -5.15 -8.44
C LEU A 27 10.62 -6.11 -9.47
N SER A 28 9.78 -6.99 -10.00
CA SER A 28 10.23 -7.95 -11.00
C SER A 28 10.39 -7.27 -12.36
N TYR A 29 11.23 -7.86 -13.21
CA TYR A 29 11.48 -7.30 -14.53
C TYR A 29 10.16 -7.23 -15.33
N GLY A 30 9.41 -8.31 -15.31
CA GLY A 30 8.15 -8.36 -16.03
C GLY A 30 7.06 -7.59 -15.28
N CYS A 31 5.87 -7.52 -15.88
CA CYS A 31 4.75 -6.82 -15.26
C CYS A 31 3.62 -7.80 -14.93
N GLY A 32 2.76 -7.40 -13.99
CA GLY A 32 1.64 -8.25 -13.59
C GLY A 32 2.11 -9.30 -12.59
N GLN A 33 3.39 -9.26 -12.24
CA GLN A 33 3.94 -10.22 -11.29
C GLN A 33 4.86 -9.51 -10.30
N SER A 34 4.62 -8.21 -10.11
CA SER A 34 5.44 -7.43 -9.19
C SER A 34 4.56 -6.68 -8.19
N PHE A 35 5.12 -6.42 -7.01
CA PHE A 35 4.38 -5.73 -5.97
C PHE A 35 5.23 -4.68 -5.27
N ASP A 36 4.93 -3.41 -5.52
CA ASP A 36 5.66 -2.33 -4.87
C ASP A 36 4.86 -1.04 -4.96
N ILE A 37 3.66 -1.03 -4.37
CA ILE A 37 2.82 0.16 -4.42
C ILE A 37 2.75 0.81 -3.04
N VAL A 38 3.06 2.09 -2.96
CA VAL A 38 3.02 2.79 -1.69
C VAL A 38 2.06 3.96 -1.77
N VAL A 39 1.11 4.02 -0.83
CA VAL A 39 0.14 5.10 -0.82
C VAL A 39 -0.04 5.64 0.60
N VAL A 40 -0.32 6.94 0.70
CA VAL A 40 -0.52 7.56 2.00
C VAL A 40 -1.79 8.39 2.00
N SER A 41 -2.70 8.09 2.92
CA SER A 41 -3.95 8.83 3.02
C SER A 41 -4.59 8.62 4.38
N ASP A 42 -5.58 9.45 4.70
CA ASP A 42 -6.27 9.33 5.97
C ASP A 42 -7.03 8.01 6.05
N PHE A 43 -7.26 7.40 4.89
CA PHE A 43 -7.97 6.13 4.83
C PHE A 43 -7.23 5.09 5.66
N PHE A 44 -5.92 5.25 5.76
CA PHE A 44 -5.12 4.31 6.52
C PHE A 44 -4.80 4.89 7.89
N GLN A 45 -5.45 6.00 8.22
CA GLN A 45 -5.24 6.65 9.49
C GLN A 45 -6.12 6.03 10.57
N GLY A 46 -5.49 5.56 11.64
CA GLY A 46 -6.22 4.95 12.74
C GLY A 46 -6.67 3.54 12.38
N LYS A 47 -6.01 2.94 11.39
CA LYS A 47 -6.35 1.59 10.95
C LYS A 47 -5.11 0.71 10.90
N SER A 48 -5.30 -0.59 11.11
CA SER A 48 -4.20 -1.54 11.08
C SER A 48 -3.66 -1.70 9.66
N LYS A 49 -2.39 -2.08 9.56
CA LYS A 49 -1.76 -2.27 8.25
C LYS A 49 -2.48 -3.35 7.45
N LEU A 50 -2.89 -4.40 8.14
CA LEU A 50 -3.58 -5.52 7.48
C LEU A 50 -4.90 -5.03 6.87
N MET A 51 -5.57 -4.14 7.58
CA MET A 51 -6.83 -3.59 7.10
C MET A 51 -6.63 -2.86 5.79
N ARG A 52 -5.49 -2.18 5.66
CA ARG A 52 -5.20 -1.44 4.43
C ARG A 52 -5.17 -2.38 3.24
N SER A 53 -4.57 -3.56 3.42
CA SER A 53 -4.49 -4.53 2.34
C SER A 53 -5.90 -4.98 1.93
N ARG A 54 -6.74 -5.26 2.91
CA ARG A 54 -8.10 -5.69 2.63
C ARG A 54 -8.89 -4.60 1.92
N ALA A 55 -8.75 -3.36 2.41
CA ALA A 55 -9.46 -2.24 1.82
C ALA A 55 -9.02 -2.03 0.37
N VAL A 56 -7.71 -2.10 0.14
CA VAL A 56 -7.17 -1.93 -1.20
C VAL A 56 -7.51 -3.14 -2.07
N ASN A 57 -7.46 -4.32 -1.47
CA ASN A 57 -7.75 -5.54 -2.20
C ASN A 57 -9.18 -5.55 -2.72
N LYS A 58 -10.11 -5.08 -1.88
CA LYS A 58 -11.51 -5.03 -2.26
C LYS A 58 -11.72 -4.10 -3.46
N ALA A 59 -11.00 -2.98 -3.47
CA ALA A 59 -11.13 -2.02 -4.56
C ALA A 59 -10.74 -2.66 -5.89
N VAL A 60 -9.67 -3.45 -5.87
CA VAL A 60 -9.20 -4.11 -7.07
C VAL A 60 -8.89 -5.58 -6.80
N LYS A 61 -9.81 -6.26 -6.14
CA LYS A 61 -9.62 -7.67 -5.81
C LYS A 61 -9.53 -8.52 -7.08
N GLU A 62 -10.33 -8.17 -8.08
CA GLU A 62 -10.34 -8.93 -9.33
C GLU A 62 -8.96 -8.96 -9.98
N GLU A 63 -8.31 -7.80 -10.06
CA GLU A 63 -6.98 -7.72 -10.66
C GLU A 63 -5.96 -8.44 -9.79
N LEU A 64 -6.23 -8.51 -8.50
CA LEU A 64 -5.31 -9.16 -7.57
C LEU A 64 -5.16 -10.64 -7.91
N GLN A 65 -6.28 -11.28 -8.25
CA GLN A 65 -6.25 -12.69 -8.60
C GLN A 65 -5.39 -12.93 -9.83
N GLU A 66 -5.50 -12.03 -10.79
CA GLU A 66 -4.73 -12.14 -12.03
C GLU A 66 -3.27 -11.81 -11.77
N ILE A 67 -3.03 -10.91 -10.82
CA ILE A 67 -1.66 -10.51 -10.50
C ILE A 67 -1.02 -11.50 -9.53
N HIS A 68 0.11 -12.07 -9.93
CA HIS A 68 0.82 -13.03 -9.08
C HIS A 68 1.25 -12.38 -7.77
N ALA A 69 1.88 -11.22 -7.87
CA ALA A 69 2.33 -10.50 -6.69
C ALA A 69 1.98 -9.02 -6.79
N PHE A 70 1.39 -8.50 -5.73
CA PHE A 70 1.01 -7.09 -5.70
C PHE A 70 1.17 -6.51 -4.30
N SER A 71 1.50 -5.22 -4.22
CA SER A 71 1.67 -4.56 -2.93
C SER A 71 0.93 -3.22 -2.91
N CYS A 72 0.51 -2.81 -1.73
CA CYS A 72 -0.21 -1.55 -1.57
C CYS A 72 0.52 -0.63 -0.61
N LYS A 73 1.44 -1.19 0.18
CA LYS A 73 2.19 -0.41 1.15
C LYS A 73 1.43 0.87 1.52
N CYS A 74 0.67 0.80 2.60
CA CYS A 74 -0.11 1.96 3.04
C CYS A 74 0.47 2.55 4.32
N TYR A 75 0.71 3.86 4.31
CA TYR A 75 1.26 4.54 5.47
C TYR A 75 0.48 5.81 5.78
N THR A 76 0.43 6.18 7.04
CA THR A 76 -0.29 7.38 7.45
C THR A 76 0.25 7.91 8.78
N GLU A 77 1.57 7.80 8.96
CA GLU A 77 2.20 8.27 10.19
C GLU A 77 1.78 7.41 11.37
N GLU A 78 0.86 6.48 11.12
CA GLU A 78 0.39 5.61 12.18
C GLU A 78 1.53 4.77 12.74
N GLU A 79 2.43 4.36 11.86
CA GLU A 79 3.57 3.54 12.28
C GLU A 79 4.40 4.29 13.32
N TRP A 80 4.26 5.62 13.33
CA TRP A 80 5.00 6.43 14.28
C TRP A 80 4.36 6.34 15.66
N SER A 81 3.53 5.33 15.87
CA SER A 81 2.84 5.15 17.14
C SER A 81 3.85 5.20 18.29
N LYS A 82 3.39 5.67 19.45
CA LYS A 82 4.28 5.78 20.61
C LYS A 82 5.25 4.60 20.64
N ILE A 83 6.48 4.87 20.21
CA ILE A 83 7.52 3.84 20.20
C ILE A 83 8.76 4.31 20.95
N VAL A 84 8.58 5.30 21.82
CA VAL A 84 9.70 5.82 22.59
C VAL A 84 10.85 6.21 21.68
N VAL A 85 10.52 6.61 20.45
CA VAL A 85 11.53 7.02 19.50
C VAL A 85 12.25 8.27 20.00
N LEU A 86 11.52 9.08 20.77
CA LEU A 86 12.09 10.30 21.33
C LEU A 86 12.74 10.01 22.67
N GLU A 87 12.68 8.75 23.09
CA GLU A 87 13.27 8.35 24.37
C GLU A 87 14.77 8.60 24.37
N HIS A 88 15.42 8.23 23.27
CA HIS A 88 16.87 8.43 23.16
C HIS A 88 17.58 7.83 24.36
N HIS A 89 17.11 6.67 24.80
CA HIS A 89 17.72 5.98 25.95
C HIS A 89 18.03 4.53 25.61
N HIS A 90 19.19 4.07 26.07
CA HIS A 90 19.59 2.69 25.80
C HIS A 90 18.66 1.71 26.49
N HIS A 91 18.26 2.04 27.71
CA HIS A 91 17.36 1.19 28.48
C HIS A 91 16.86 1.91 29.72
N HIS A 92 15.75 2.62 29.58
CA HIS A 92 15.17 3.36 30.71
C HIS A 92 14.80 2.40 31.83
N HIS A 93 14.15 1.30 31.48
CA HIS A 93 13.74 0.31 32.47
C HIS A 93 14.96 -0.41 33.06
N MET A 1 -6.72 -12.36 -14.92
CA MET A 1 -6.14 -12.14 -16.28
C MET A 1 -4.93 -11.22 -16.16
N PRO A 2 -4.36 -10.84 -17.27
CA PRO A 2 -3.18 -9.92 -17.33
C PRO A 2 -3.48 -8.57 -16.70
N VAL A 3 -2.46 -7.95 -16.10
CA VAL A 3 -2.63 -6.66 -15.47
C VAL A 3 -1.60 -5.66 -16.01
N THR A 4 -2.05 -4.45 -16.29
CA THR A 4 -1.18 -3.42 -16.82
C THR A 4 -0.79 -2.43 -15.73
N GLU A 5 0.49 -2.08 -15.66
CA GLU A 5 0.97 -1.16 -14.64
C GLU A 5 0.24 0.17 -14.76
N GLN A 6 0.10 0.67 -15.99
CA GLN A 6 -0.58 1.94 -16.20
C GLN A 6 -2.07 1.82 -15.84
N GLY A 7 -2.67 0.70 -16.24
CA GLY A 7 -4.08 0.44 -15.95
C GLY A 7 -4.31 0.28 -14.46
N LEU A 8 -3.34 -0.30 -13.78
CA LEU A 8 -3.44 -0.53 -12.35
C LEU A 8 -3.60 0.79 -11.60
N ARG A 9 -2.86 1.80 -12.02
CA ARG A 9 -2.94 3.10 -11.39
C ARG A 9 -4.36 3.65 -11.47
N GLU A 10 -4.98 3.49 -12.64
CA GLU A 10 -6.35 3.96 -12.84
C GLU A 10 -7.31 3.18 -11.96
N ARG A 11 -7.09 1.87 -11.86
CA ARG A 11 -7.94 1.01 -11.06
C ARG A 11 -7.83 1.37 -9.59
N ILE A 12 -6.60 1.60 -9.15
CA ILE A 12 -6.36 1.96 -7.77
C ILE A 12 -7.00 3.31 -7.46
N GLU A 13 -6.82 4.25 -8.37
CA GLU A 13 -7.38 5.58 -8.20
C GLU A 13 -8.90 5.50 -8.16
N SER A 14 -9.46 4.65 -9.03
CA SER A 14 -10.90 4.47 -9.08
C SER A 14 -11.35 3.47 -8.04
N ALA A 15 -10.38 2.73 -7.47
CA ALA A 15 -10.72 1.74 -6.46
C ALA A 15 -10.60 2.35 -5.07
N ILE A 16 -10.03 3.56 -5.00
CA ILE A 16 -9.86 4.24 -3.73
C ILE A 16 -9.77 5.75 -3.95
N PRO A 17 -9.81 6.51 -2.89
CA PRO A 17 -9.71 7.99 -2.97
C PRO A 17 -8.36 8.44 -3.54
N GLN A 18 -8.35 9.56 -4.24
CA GLN A 18 -7.13 10.07 -4.83
C GLN A 18 -5.99 10.04 -3.83
N VAL A 19 -6.32 9.79 -2.56
CA VAL A 19 -5.32 9.72 -1.51
C VAL A 19 -4.32 10.86 -1.65
N TYR A 20 -3.37 10.89 -0.74
CA TYR A 20 -2.36 11.95 -0.76
C TYR A 20 -1.49 11.85 -2.01
N HIS A 21 -1.11 10.63 -2.37
CA HIS A 21 -0.29 10.41 -3.55
C HIS A 21 -0.15 8.92 -3.84
N ILE A 22 -0.20 8.56 -5.11
CA ILE A 22 -0.06 7.17 -5.52
C ILE A 22 0.96 7.02 -6.63
N ILE A 23 1.88 6.08 -6.46
CA ILE A 23 2.92 5.85 -7.46
C ILE A 23 3.11 4.37 -7.73
N VAL A 24 3.27 4.01 -8.99
CA VAL A 24 3.46 2.61 -9.37
C VAL A 24 4.82 2.40 -10.02
N THR A 25 5.58 1.44 -9.49
CA THR A 25 6.90 1.15 -10.03
C THR A 25 7.00 -0.32 -10.45
N ASP A 26 7.48 -0.56 -11.66
CA ASP A 26 7.62 -1.91 -12.18
C ASP A 26 8.95 -2.51 -11.74
N LEU A 27 8.88 -3.53 -10.88
CA LEU A 27 10.09 -4.19 -10.39
C LEU A 27 10.17 -5.62 -10.89
N SER A 28 11.33 -6.23 -10.75
CA SER A 28 11.52 -7.61 -11.20
C SER A 28 11.62 -7.68 -12.72
N TYR A 29 10.54 -8.13 -13.35
CA TYR A 29 10.51 -8.26 -14.80
C TYR A 29 9.39 -7.38 -15.38
N GLY A 30 8.88 -7.78 -16.54
CA GLY A 30 7.81 -7.03 -17.19
C GLY A 30 6.48 -7.22 -16.46
N CYS A 31 5.40 -6.78 -17.09
CA CYS A 31 4.08 -6.90 -16.48
C CYS A 31 3.78 -8.36 -16.13
N GLY A 32 2.85 -8.57 -15.21
CA GLY A 32 2.48 -9.91 -14.79
C GLY A 32 3.45 -10.44 -13.74
N GLN A 33 4.38 -9.59 -13.32
CA GLN A 33 5.37 -9.98 -12.32
C GLN A 33 5.21 -9.13 -11.06
N SER A 34 6.22 -9.15 -10.20
CA SER A 34 6.18 -8.37 -8.97
C SER A 34 6.13 -6.88 -9.26
N PHE A 35 5.33 -6.16 -8.49
CA PHE A 35 5.19 -4.72 -8.68
C PHE A 35 5.40 -3.99 -7.36
N ASP A 36 6.09 -2.85 -7.42
CA ASP A 36 6.36 -2.07 -6.22
C ASP A 36 5.70 -0.69 -6.32
N ILE A 37 4.65 -0.48 -5.53
CA ILE A 37 3.95 0.80 -5.56
C ILE A 37 3.85 1.38 -4.16
N VAL A 38 3.81 2.71 -4.08
CA VAL A 38 3.72 3.39 -2.80
C VAL A 38 2.55 4.38 -2.79
N VAL A 39 1.72 4.30 -1.75
CA VAL A 39 0.58 5.19 -1.64
C VAL A 39 0.44 5.73 -0.22
N VAL A 40 0.07 7.00 -0.09
CA VAL A 40 -0.10 7.61 1.22
C VAL A 40 -1.52 8.14 1.38
N SER A 41 -2.19 7.73 2.45
CA SER A 41 -3.56 8.18 2.70
C SER A 41 -3.89 8.04 4.18
N ASP A 42 -5.04 8.58 4.56
CA ASP A 42 -5.47 8.51 5.95
C ASP A 42 -5.63 7.07 6.40
N PHE A 43 -5.42 6.14 5.47
CA PHE A 43 -5.52 4.72 5.77
C PHE A 43 -4.57 4.34 6.90
N PHE A 44 -3.41 5.00 6.93
CA PHE A 44 -2.42 4.72 7.96
C PHE A 44 -2.68 5.58 9.20
N GLN A 45 -3.89 6.10 9.32
CA GLN A 45 -4.25 6.92 10.47
C GLN A 45 -4.98 6.08 11.51
N GLY A 46 -4.24 5.62 12.51
CA GLY A 46 -4.83 4.81 13.58
C GLY A 46 -5.04 3.37 13.11
N LYS A 47 -4.41 3.01 12.00
CA LYS A 47 -4.53 1.67 11.45
C LYS A 47 -3.16 1.01 11.32
N SER A 48 -3.10 -0.28 11.61
CA SER A 48 -1.85 -1.03 11.52
C SER A 48 -1.60 -1.49 10.09
N LYS A 49 -0.41 -2.01 9.83
CA LYS A 49 -0.07 -2.47 8.48
C LYS A 49 -1.07 -3.50 8.00
N LEU A 50 -1.57 -4.30 8.93
CA LEU A 50 -2.54 -5.33 8.60
C LEU A 50 -3.88 -4.69 8.21
N MET A 51 -4.27 -3.66 8.96
CA MET A 51 -5.52 -2.96 8.68
C MET A 51 -5.45 -2.25 7.34
N ARG A 52 -4.29 -1.68 7.04
CA ARG A 52 -4.12 -0.96 5.77
C ARG A 52 -4.29 -1.91 4.59
N SER A 53 -3.66 -3.08 4.69
CA SER A 53 -3.76 -4.07 3.63
C SER A 53 -5.19 -4.59 3.50
N ARG A 54 -5.83 -4.82 4.64
CA ARG A 54 -7.19 -5.32 4.65
C ARG A 54 -8.14 -4.32 3.99
N ALA A 55 -7.99 -3.05 4.34
CA ALA A 55 -8.83 -2.01 3.77
C ALA A 55 -8.60 -1.89 2.27
N VAL A 56 -7.33 -1.95 1.87
CA VAL A 56 -6.97 -1.86 0.46
C VAL A 56 -7.49 -3.08 -0.30
N ASN A 57 -7.31 -4.25 0.29
CA ASN A 57 -7.75 -5.47 -0.35
C ASN A 57 -9.26 -5.44 -0.58
N LYS A 58 -10.00 -4.97 0.42
CA LYS A 58 -11.45 -4.88 0.30
C LYS A 58 -11.83 -3.90 -0.80
N ALA A 59 -11.14 -2.75 -0.82
CA ALA A 59 -11.41 -1.73 -1.83
C ALA A 59 -11.04 -2.25 -3.21
N VAL A 60 -9.91 -2.94 -3.29
CA VAL A 60 -9.44 -3.49 -4.57
C VAL A 60 -9.25 -4.99 -4.46
N LYS A 61 -10.26 -5.67 -3.92
CA LYS A 61 -10.20 -7.12 -3.75
C LYS A 61 -10.10 -7.81 -5.11
N GLU A 62 -10.81 -7.28 -6.09
CA GLU A 62 -10.80 -7.85 -7.43
C GLU A 62 -9.39 -7.86 -8.02
N GLU A 63 -8.65 -6.79 -7.76
CA GLU A 63 -7.28 -6.69 -8.25
C GLU A 63 -6.41 -7.78 -7.65
N LEU A 64 -6.73 -8.17 -6.42
CA LEU A 64 -5.97 -9.20 -5.74
C LEU A 64 -6.05 -10.53 -6.49
N GLN A 65 -7.23 -10.84 -7.01
CA GLN A 65 -7.41 -12.08 -7.75
C GLN A 65 -6.55 -12.06 -9.01
N GLU A 66 -6.51 -10.91 -9.67
CA GLU A 66 -5.71 -10.77 -10.89
C GLU A 66 -4.23 -10.71 -10.56
N ILE A 67 -3.91 -10.13 -9.41
CA ILE A 67 -2.52 -10.01 -9.00
C ILE A 67 -2.31 -10.59 -7.60
N HIS A 68 -1.34 -11.49 -7.47
CA HIS A 68 -1.05 -12.11 -6.19
C HIS A 68 0.37 -11.78 -5.73
N ALA A 69 1.19 -11.30 -6.67
CA ALA A 69 2.57 -10.95 -6.35
C ALA A 69 2.80 -9.46 -6.48
N PHE A 70 2.27 -8.69 -5.54
CA PHE A 70 2.43 -7.24 -5.57
C PHE A 70 2.53 -6.69 -4.14
N SER A 71 3.07 -5.49 -4.02
CA SER A 71 3.20 -4.85 -2.71
C SER A 71 2.56 -3.47 -2.72
N CYS A 72 2.06 -3.06 -1.56
CA CYS A 72 1.41 -1.76 -1.44
C CYS A 72 1.82 -1.08 -0.14
N LYS A 73 3.01 -0.48 -0.15
CA LYS A 73 3.51 0.20 1.04
C LYS A 73 2.63 1.40 1.38
N CYS A 74 2.33 1.56 2.66
CA CYS A 74 1.49 2.67 3.11
C CYS A 74 2.27 3.61 4.03
N TYR A 75 2.26 4.89 3.70
CA TYR A 75 2.96 5.88 4.51
C TYR A 75 2.10 7.11 4.72
N THR A 76 2.35 7.83 5.81
CA THR A 76 1.58 9.04 6.12
C THR A 76 2.16 9.74 7.35
N GLU A 77 2.92 9.00 8.16
CA GLU A 77 3.51 9.55 9.37
C GLU A 77 3.75 8.45 10.39
N GLU A 78 2.74 7.60 10.57
CA GLU A 78 2.84 6.51 11.53
C GLU A 78 4.00 5.59 11.17
N GLU A 79 4.24 5.44 9.88
CA GLU A 79 5.32 4.58 9.41
C GLU A 79 6.63 4.95 10.10
N TRP A 80 6.63 6.09 10.77
CA TRP A 80 7.83 6.54 11.47
C TRP A 80 8.34 5.46 12.42
N SER A 81 7.41 4.72 13.01
CA SER A 81 7.75 3.66 13.95
C SER A 81 9.16 3.86 14.51
N LYS A 82 10.16 3.37 13.78
CA LYS A 82 11.54 3.52 14.20
C LYS A 82 11.82 4.94 14.68
N ILE A 83 12.07 5.84 13.74
CA ILE A 83 12.35 7.23 14.07
C ILE A 83 13.14 7.32 15.37
N VAL A 84 13.85 6.24 15.71
CA VAL A 84 14.64 6.21 16.93
C VAL A 84 13.73 6.19 18.15
N VAL A 85 12.43 6.34 17.92
CA VAL A 85 11.48 6.34 19.02
C VAL A 85 10.47 5.20 18.85
N LEU A 86 10.35 4.37 19.87
CA LEU A 86 9.43 3.24 19.83
C LEU A 86 9.62 2.34 21.04
N GLU A 87 10.87 2.06 21.37
CA GLU A 87 11.17 1.20 22.50
C GLU A 87 10.70 1.85 23.80
N HIS A 88 11.64 2.40 24.57
CA HIS A 88 11.31 3.04 25.83
C HIS A 88 10.74 2.02 26.81
N HIS A 89 10.82 0.75 26.47
CA HIS A 89 10.31 -0.31 27.33
C HIS A 89 8.82 -0.11 27.58
N HIS A 90 8.19 0.72 26.77
CA HIS A 90 6.76 0.99 26.91
C HIS A 90 6.47 1.57 28.29
N HIS A 91 7.46 2.25 28.86
CA HIS A 91 7.30 2.85 30.18
C HIS A 91 7.88 4.27 30.20
N HIS A 92 7.31 5.13 31.02
CA HIS A 92 7.77 6.51 31.13
C HIS A 92 9.21 6.54 31.64
N HIS A 93 9.52 5.67 32.60
CA HIS A 93 10.86 5.61 33.16
C HIS A 93 11.50 4.26 32.86
#